data_2CIG
# 
_entry.id   2CIG 
# 
_audit_conform.dict_name       mmcif_pdbx.dic 
_audit_conform.dict_version    5.382 
_audit_conform.dict_location   http://mmcif.pdb.org/dictionaries/ascii/mmcif_pdbx.dic 
# 
loop_
_database_2.database_id 
_database_2.database_code 
_database_2.pdbx_database_accession 
_database_2.pdbx_DOI 
PDB   2CIG         pdb_00002cig 10.2210/pdb2cig/pdb 
PDBE  EBI-28234    ?            ?                   
WWPDB D_1290028234 ?            ?                   
# 
loop_
_pdbx_database_related.db_name 
_pdbx_database_related.db_id 
_pdbx_database_related.content_type 
_pdbx_database_related.details 
PDB 1DF7 unspecified 'DIHYDROFOLATE REDUCTASE OF MYCOBACTERIUM TUBERCULOSIS COMPLEXED WITH NADPH AND METHOTREXATE'     
PDB 1DG5 unspecified 'DIHYDROFOLATE REDUCTASE OF MYCOBACTERIUM TUBERCULOSIS COMPLEXED WITH NADPH AND TRIMETHOPRIM'     
PDB 1DG7 unspecified 'DIHYDROFOLATE REDUCTASE OF MYCOBACTERIUM TUBERCULOSIS COMPLEXED WITH NADPH AND 4- BROMO WR99210' 
PDB 1DG8 unspecified 'DIHYDROFOLATE REDUCTASE OF MYCOBACTERIUM TUBERCULOSIS COMPLEXED WITH NADPH'                      
# 
_pdbx_database_status.status_code                     REL 
_pdbx_database_status.entry_id                        2CIG 
_pdbx_database_status.deposit_site                    PDBE 
_pdbx_database_status.process_site                    PDBE 
_pdbx_database_status.SG_entry                        . 
_pdbx_database_status.recvd_initial_deposition_date   2006-03-20 
_pdbx_database_status.pdb_format_compatible           Y 
_pdbx_database_status.status_code_sf                  REL 
_pdbx_database_status.status_code_mr                  ? 
_pdbx_database_status.status_code_cs                  ? 
_pdbx_database_status.methods_development_category    ? 
_pdbx_database_status.status_code_nmr_data            ? 
# 
loop_
_audit_author.name 
_audit_author.pdbx_ordinal 
_audit_author.identifier_ORCID 
'Argyrou, A.'     1 ? 
'Vetting, M.W.'   2 ? 
'Aladegbami, B.'  3 ? 
'Blanchard, J.S.' 4 ? 
# 
_citation.id                        primary 
_citation.title                     'Mycobacterium Tuberculosis Dihydrofolate Reductase is a Target for Isoniazid' 
_citation.journal_abbrev            Nat.Struct.Mol.Biol. 
_citation.journal_volume            13 
_citation.page_first                408 
_citation.page_last                 413 
_citation.year                      2006 
_citation.journal_id_ASTM           ? 
_citation.country                   US 
_citation.journal_id_ISSN           1545-9993 
_citation.journal_id_CSD            ? 
_citation.book_publisher            ? 
_citation.pdbx_database_id_PubMed   16648861 
_citation.pdbx_database_id_DOI      10.1038/NSMB1089 
# 
loop_
_citation_author.citation_id 
_citation_author.name 
_citation_author.ordinal 
_citation_author.identifier_ORCID 
primary 'Argyrou, A.'     1 ? 
primary 'Vetting, M.W.'   2 ? 
primary 'Aladegbami, B.'  3 ? 
primary 'Blanchard, J.S.' 4 ? 
# 
_cell.entry_id           2CIG 
_cell.length_a           60.670 
_cell.length_b           60.670 
_cell.length_c           59.147 
_cell.angle_alpha        90.00 
_cell.angle_beta         90.00 
_cell.angle_gamma        90.00 
_cell.Z_PDB              4 
_cell.pdbx_unique_axis   ? 
# 
_symmetry.entry_id                         2CIG 
_symmetry.space_group_name_H-M             'P 41' 
_symmetry.pdbx_full_space_group_name_H-M   ? 
_symmetry.cell_setting                     ? 
_symmetry.Int_Tables_number                76 
# 
loop_
_entity.id 
_entity.type 
_entity.src_method 
_entity.pdbx_description 
_entity.formula_weight 
_entity.pdbx_number_of_molecules 
_entity.pdbx_ec 
_entity.pdbx_mutation 
_entity.pdbx_fragment 
_entity.details 
1 polymer     man 'DIHYDROFOLATE REDUCTASE'                                    17659.018 1   1.5.1.3 ? ? ? 
2 non-polymer syn '(4R)-ISONICOTINIC-ACETYL-NICOTINAMIDE-ADENINE DINUCLEOTIDE' 850.515   1   ?       ? ? ? 
3 non-polymer syn GLYCEROL                                                     92.094    4   ?       ? ? ? 
4 non-polymer syn 'SULFATE ION'                                                96.063    2   ?       ? ? ? 
5 water       nat water                                                        18.015    137 ?       ? ? ? 
# 
_entity_poly.entity_id                      1 
_entity_poly.type                           'polypeptide(L)' 
_entity_poly.nstd_linkage                   no 
_entity_poly.nstd_monomer                   no 
_entity_poly.pdbx_seq_one_letter_code       
;MVGLIWAQATSGVIGRGGDIPWRLPEDQAHFREITMGHTIVMGRRVWDSLPAKVRPLPGRRNVVLSRQADFMASGAEVVG
SLEEALTSPETWVIGGGQVYALALPYATRCEVTEVDIGLPREAGDALAPVLDETWRGETGEWRFSRSGLRYRLYSYHRS
;
_entity_poly.pdbx_seq_one_letter_code_can   
;MVGLIWAQATSGVIGRGGDIPWRLPEDQAHFREITMGHTIVMGRRVWDSLPAKVRPLPGRRNVVLSRQADFMASGAEVVG
SLEEALTSPETWVIGGGQVYALALPYATRCEVTEVDIGLPREAGDALAPVLDETWRGETGEWRFSRSGLRYRLYSYHRS
;
_entity_poly.pdbx_strand_id                 A 
_entity_poly.pdbx_target_identifier         ? 
# 
loop_
_entity_poly_seq.entity_id 
_entity_poly_seq.num 
_entity_poly_seq.mon_id 
_entity_poly_seq.hetero 
1 1   MET n 
1 2   VAL n 
1 3   GLY n 
1 4   LEU n 
1 5   ILE n 
1 6   TRP n 
1 7   ALA n 
1 8   GLN n 
1 9   ALA n 
1 10  THR n 
1 11  SER n 
1 12  GLY n 
1 13  VAL n 
1 14  ILE n 
1 15  GLY n 
1 16  ARG n 
1 17  GLY n 
1 18  GLY n 
1 19  ASP n 
1 20  ILE n 
1 21  PRO n 
1 22  TRP n 
1 23  ARG n 
1 24  LEU n 
1 25  PRO n 
1 26  GLU n 
1 27  ASP n 
1 28  GLN n 
1 29  ALA n 
1 30  HIS n 
1 31  PHE n 
1 32  ARG n 
1 33  GLU n 
1 34  ILE n 
1 35  THR n 
1 36  MET n 
1 37  GLY n 
1 38  HIS n 
1 39  THR n 
1 40  ILE n 
1 41  VAL n 
1 42  MET n 
1 43  GLY n 
1 44  ARG n 
1 45  ARG n 
1 46  VAL n 
1 47  TRP n 
1 48  ASP n 
1 49  SER n 
1 50  LEU n 
1 51  PRO n 
1 52  ALA n 
1 53  LYS n 
1 54  VAL n 
1 55  ARG n 
1 56  PRO n 
1 57  LEU n 
1 58  PRO n 
1 59  GLY n 
1 60  ARG n 
1 61  ARG n 
1 62  ASN n 
1 63  VAL n 
1 64  VAL n 
1 65  LEU n 
1 66  SER n 
1 67  ARG n 
1 68  GLN n 
1 69  ALA n 
1 70  ASP n 
1 71  PHE n 
1 72  MET n 
1 73  ALA n 
1 74  SER n 
1 75  GLY n 
1 76  ALA n 
1 77  GLU n 
1 78  VAL n 
1 79  VAL n 
1 80  GLY n 
1 81  SER n 
1 82  LEU n 
1 83  GLU n 
1 84  GLU n 
1 85  ALA n 
1 86  LEU n 
1 87  THR n 
1 88  SER n 
1 89  PRO n 
1 90  GLU n 
1 91  THR n 
1 92  TRP n 
1 93  VAL n 
1 94  ILE n 
1 95  GLY n 
1 96  GLY n 
1 97  GLY n 
1 98  GLN n 
1 99  VAL n 
1 100 TYR n 
1 101 ALA n 
1 102 LEU n 
1 103 ALA n 
1 104 LEU n 
1 105 PRO n 
1 106 TYR n 
1 107 ALA n 
1 108 THR n 
1 109 ARG n 
1 110 CYS n 
1 111 GLU n 
1 112 VAL n 
1 113 THR n 
1 114 GLU n 
1 115 VAL n 
1 116 ASP n 
1 117 ILE n 
1 118 GLY n 
1 119 LEU n 
1 120 PRO n 
1 121 ARG n 
1 122 GLU n 
1 123 ALA n 
1 124 GLY n 
1 125 ASP n 
1 126 ALA n 
1 127 LEU n 
1 128 ALA n 
1 129 PRO n 
1 130 VAL n 
1 131 LEU n 
1 132 ASP n 
1 133 GLU n 
1 134 THR n 
1 135 TRP n 
1 136 ARG n 
1 137 GLY n 
1 138 GLU n 
1 139 THR n 
1 140 GLY n 
1 141 GLU n 
1 142 TRP n 
1 143 ARG n 
1 144 PHE n 
1 145 SER n 
1 146 ARG n 
1 147 SER n 
1 148 GLY n 
1 149 LEU n 
1 150 ARG n 
1 151 TYR n 
1 152 ARG n 
1 153 LEU n 
1 154 TYR n 
1 155 SER n 
1 156 TYR n 
1 157 HIS n 
1 158 ARG n 
1 159 SER n 
# 
_entity_src_gen.entity_id                          1 
_entity_src_gen.pdbx_src_id                        1 
_entity_src_gen.pdbx_alt_source_flag               sample 
_entity_src_gen.pdbx_seq_type                      ? 
_entity_src_gen.pdbx_beg_seq_num                   ? 
_entity_src_gen.pdbx_end_seq_num                   ? 
_entity_src_gen.gene_src_common_name               ? 
_entity_src_gen.gene_src_genus                     ? 
_entity_src_gen.pdbx_gene_src_gene                 ? 
_entity_src_gen.gene_src_species                   ? 
_entity_src_gen.gene_src_strain                    H37RV 
_entity_src_gen.gene_src_tissue                    ? 
_entity_src_gen.gene_src_tissue_fraction           ? 
_entity_src_gen.gene_src_details                   ? 
_entity_src_gen.pdbx_gene_src_fragment             ? 
_entity_src_gen.pdbx_gene_src_scientific_name      'MYCOBACTERIUM TUBERCULOSIS' 
_entity_src_gen.pdbx_gene_src_ncbi_taxonomy_id     83332 
_entity_src_gen.pdbx_gene_src_variant              ? 
_entity_src_gen.pdbx_gene_src_cell_line            ? 
_entity_src_gen.pdbx_gene_src_atcc                 ? 
_entity_src_gen.pdbx_gene_src_organ                ? 
_entity_src_gen.pdbx_gene_src_organelle            ? 
_entity_src_gen.pdbx_gene_src_cell                 ? 
_entity_src_gen.pdbx_gene_src_cellular_location    ? 
_entity_src_gen.host_org_common_name               ? 
_entity_src_gen.pdbx_host_org_scientific_name      'ESCHERICHIA COLI' 
_entity_src_gen.pdbx_host_org_ncbi_taxonomy_id     469008 
_entity_src_gen.host_org_genus                     ? 
_entity_src_gen.pdbx_host_org_gene                 ? 
_entity_src_gen.pdbx_host_org_organ                ? 
_entity_src_gen.host_org_species                   ? 
_entity_src_gen.pdbx_host_org_tissue               ? 
_entity_src_gen.pdbx_host_org_tissue_fraction      ? 
_entity_src_gen.pdbx_host_org_strain               'BL21(DE3)' 
_entity_src_gen.pdbx_host_org_variant              ? 
_entity_src_gen.pdbx_host_org_cell_line            ? 
_entity_src_gen.pdbx_host_org_atcc                 ? 
_entity_src_gen.pdbx_host_org_culture_collection   ? 
_entity_src_gen.pdbx_host_org_cell                 ? 
_entity_src_gen.pdbx_host_org_organelle            ? 
_entity_src_gen.pdbx_host_org_cellular_location    ? 
_entity_src_gen.pdbx_host_org_vector_type          ? 
_entity_src_gen.pdbx_host_org_vector               ? 
_entity_src_gen.host_org_details                   ? 
_entity_src_gen.expression_system_id               ? 
_entity_src_gen.plasmid_name                       PET28A 
_entity_src_gen.plasmid_details                    ? 
_entity_src_gen.pdbx_description                   ? 
# 
_struct_ref.id                         1 
_struct_ref.db_name                    UNP 
_struct_ref.db_code                    DYR_MYCTU 
_struct_ref.entity_id                  1 
_struct_ref.pdbx_seq_one_letter_code   ? 
_struct_ref.pdbx_align_begin           ? 
_struct_ref.pdbx_db_accession          P0A546 
_struct_ref.pdbx_db_isoform            ? 
# 
_struct_ref_seq.align_id                      1 
_struct_ref_seq.ref_id                        1 
_struct_ref_seq.pdbx_PDB_id_code              2CIG 
_struct_ref_seq.pdbx_strand_id                A 
_struct_ref_seq.seq_align_beg                 1 
_struct_ref_seq.pdbx_seq_align_beg_ins_code   ? 
_struct_ref_seq.seq_align_end                 159 
_struct_ref_seq.pdbx_seq_align_end_ins_code   ? 
_struct_ref_seq.pdbx_db_accession             P0A546 
_struct_ref_seq.db_align_beg                  1 
_struct_ref_seq.pdbx_db_align_beg_ins_code    ? 
_struct_ref_seq.db_align_end                  159 
_struct_ref_seq.pdbx_db_align_end_ins_code    ? 
_struct_ref_seq.pdbx_auth_seq_align_beg       1 
_struct_ref_seq.pdbx_auth_seq_align_end       159 
# 
_struct_ref_seq_dif.align_id                     1 
_struct_ref_seq_dif.pdbx_pdb_id_code             2CIG 
_struct_ref_seq_dif.mon_id                       VAL 
_struct_ref_seq_dif.pdbx_pdb_strand_id           A 
_struct_ref_seq_dif.seq_num                      46 
_struct_ref_seq_dif.pdbx_pdb_ins_code            ? 
_struct_ref_seq_dif.pdbx_seq_db_name             UNP 
_struct_ref_seq_dif.pdbx_seq_db_accession_code   P0A546 
_struct_ref_seq_dif.db_mon_id                    THR 
_struct_ref_seq_dif.pdbx_seq_db_seq_num          46 
_struct_ref_seq_dif.details                      conflict 
_struct_ref_seq_dif.pdbx_auth_seq_num            46 
_struct_ref_seq_dif.pdbx_ordinal                 1 
# 
loop_
_chem_comp.id 
_chem_comp.type 
_chem_comp.mon_nstd_flag 
_chem_comp.name 
_chem_comp.pdbx_synonyms 
_chem_comp.formula 
_chem_comp.formula_weight 
1DG non-polymer         . '(4R)-ISONICOTINIC-ACETYL-NICOTINAMIDE-ADENINE DINUCLEOTIDE' ?                               
'C27 H33 N8 O18 P3' 850.515 
ALA 'L-peptide linking' y ALANINE                                                      ?                               
'C3 H7 N O2'        89.093  
ARG 'L-peptide linking' y ARGININE                                                     ?                               
'C6 H15 N4 O2 1'    175.209 
ASN 'L-peptide linking' y ASPARAGINE                                                   ?                               
'C4 H8 N2 O3'       132.118 
ASP 'L-peptide linking' y 'ASPARTIC ACID'                                              ?                               
'C4 H7 N O4'        133.103 
CYS 'L-peptide linking' y CYSTEINE                                                     ?                               
'C3 H7 N O2 S'      121.158 
GLN 'L-peptide linking' y GLUTAMINE                                                    ?                               
'C5 H10 N2 O3'      146.144 
GLU 'L-peptide linking' y 'GLUTAMIC ACID'                                              ?                               
'C5 H9 N O4'        147.129 
GLY 'peptide linking'   y GLYCINE                                                      ?                               
'C2 H5 N O2'        75.067  
GOL non-polymer         . GLYCEROL                                                     'GLYCERIN; PROPANE-1,2,3-TRIOL' 'C3 H8 O3' 
92.094  
HIS 'L-peptide linking' y HISTIDINE                                                    ?                               
'C6 H10 N3 O2 1'    156.162 
HOH non-polymer         . WATER                                                        ?                               'H2 O' 
18.015  
ILE 'L-peptide linking' y ISOLEUCINE                                                   ?                               
'C6 H13 N O2'       131.173 
LEU 'L-peptide linking' y LEUCINE                                                      ?                               
'C6 H13 N O2'       131.173 
LYS 'L-peptide linking' y LYSINE                                                       ?                               
'C6 H15 N2 O2 1'    147.195 
MET 'L-peptide linking' y METHIONINE                                                   ?                               
'C5 H11 N O2 S'     149.211 
PHE 'L-peptide linking' y PHENYLALANINE                                                ?                               
'C9 H11 N O2'       165.189 
PRO 'L-peptide linking' y PROLINE                                                      ?                               
'C5 H9 N O2'        115.130 
SER 'L-peptide linking' y SERINE                                                       ?                               
'C3 H7 N O3'        105.093 
SO4 non-polymer         . 'SULFATE ION'                                                ?                               'O4 S -2' 
96.063  
THR 'L-peptide linking' y THREONINE                                                    ?                               
'C4 H9 N O3'        119.119 
TRP 'L-peptide linking' y TRYPTOPHAN                                                   ?                               
'C11 H12 N2 O2'     204.225 
TYR 'L-peptide linking' y TYROSINE                                                     ?                               
'C9 H11 N O3'       181.189 
VAL 'L-peptide linking' y VALINE                                                       ?                               
'C5 H11 N O2'       117.146 
# 
_exptl.entry_id          2CIG 
_exptl.method            'X-RAY DIFFRACTION' 
_exptl.crystals_number   1 
# 
_exptl_crystal.id                    1 
_exptl_crystal.density_meas          ? 
_exptl_crystal.density_Matthews      2.64 
_exptl_crystal.density_percent_sol   53.10 
_exptl_crystal.description           ? 
# 
_exptl_crystal_grow.crystal_id      1 
_exptl_crystal_grow.method          ? 
_exptl_crystal_grow.temp            ? 
_exptl_crystal_grow.temp_details    ? 
_exptl_crystal_grow.pH              4.50 
_exptl_crystal_grow.pdbx_pH_range   ? 
_exptl_crystal_grow.pdbx_details    '1.6 M AMMONIUM SULFATE, 100 MM SODIUM ACETATE, PH 4.6, 10 % GLYCEROL' 
# 
_diffrn.id                     1 
_diffrn.ambient_temp           194.0 
_diffrn.ambient_temp_details   ? 
_diffrn.crystal_id             1 
# 
_diffrn_detector.diffrn_id              1 
_diffrn_detector.detector               'IMAGE PLATE' 
_diffrn_detector.type                   'MSC R-AXIS IV' 
_diffrn_detector.pdbx_collection_date   2005-07-07 
_diffrn_detector.details                'OSMIC CONFOCAL MAXFLUX OPTICS' 
# 
_diffrn_radiation.diffrn_id                        1 
_diffrn_radiation.wavelength_id                    1 
_diffrn_radiation.pdbx_monochromatic_or_laue_m_l   M 
_diffrn_radiation.monochromator                    ? 
_diffrn_radiation.pdbx_diffrn_protocol             'SINGLE WAVELENGTH' 
_diffrn_radiation.pdbx_scattering_type             x-ray 
# 
_diffrn_radiation_wavelength.id           1 
_diffrn_radiation_wavelength.wavelength   1.5418 
_diffrn_radiation_wavelength.wt           1.0 
# 
_diffrn_source.diffrn_id                   1 
_diffrn_source.source                      'ROTATING ANODE' 
_diffrn_source.type                        'RIGAKU RU200B' 
_diffrn_source.pdbx_synchrotron_site       ? 
_diffrn_source.pdbx_synchrotron_beamline   ? 
_diffrn_source.pdbx_wavelength             1.5418 
_diffrn_source.pdbx_wavelength_list        ? 
# 
_reflns.pdbx_diffrn_id               1 
_reflns.pdbx_ordinal                 1 
_reflns.entry_id                     2CIG 
_reflns.observed_criterion_sigma_I   0.000 
_reflns.observed_criterion_sigma_F   ? 
_reflns.d_resolution_low             30.000 
_reflns.d_resolution_high            1.900 
_reflns.number_obs                   84102 
_reflns.number_all                   ? 
_reflns.percent_possible_obs         100.0 
_reflns.pdbx_Rmerge_I_obs            0.05000 
_reflns.pdbx_Rsym_value              ? 
_reflns.pdbx_netI_over_sigmaI        20.7000 
_reflns.B_iso_Wilson_estimate        ? 
_reflns.pdbx_redundancy              4.900 
_reflns.pdbx_CC_half                 ? 
_reflns.pdbx_Rpim_I_all              ? 
_reflns.pdbx_Rrim_I_all              ? 
# 
_reflns_shell.pdbx_diffrn_id         1 
_reflns_shell.pdbx_ordinal           1 
_reflns_shell.d_res_high             1.90 
_reflns_shell.d_res_low              2.00 
_reflns_shell.percent_possible_all   100.0 
_reflns_shell.Rmerge_I_obs           0.26000 
_reflns_shell.pdbx_Rsym_value        ? 
_reflns_shell.meanI_over_sigI_obs    4.600 
_reflns_shell.pdbx_redundancy        4.40 
_reflns_shell.number_measured_obs    ? 
_reflns_shell.number_unique_all      ? 
_reflns_shell.number_unique_obs      ? 
_reflns_shell.pdbx_CC_half           ? 
_reflns_shell.pdbx_Rpim_I_all        ? 
_reflns_shell.pdbx_Rrim_I_all        ? 
# 
_refine.pdbx_refine_id                           'X-RAY DIFFRACTION' 
_refine.entry_id                                 2CIG 
_refine.pdbx_diffrn_id                           1 
_refine.pdbx_TLS_residual_ADP_flag               ? 
_refine.ls_number_reflns_obs                     16144 
_refine.ls_number_reflns_all                     ? 
_refine.pdbx_ls_sigma_I                          ? 
_refine.pdbx_ls_sigma_F                          ? 
_refine.pdbx_data_cutoff_high_absF               ? 
_refine.pdbx_data_cutoff_low_absF                ? 
_refine.pdbx_data_cutoff_high_rms_absF           ? 
_refine.ls_d_res_low                             60.63 
_refine.ls_d_res_high                            1.90 
_refine.ls_percent_reflns_obs                    100.0 
_refine.ls_R_factor_obs                          0.180 
_refine.ls_R_factor_all                          ? 
_refine.ls_R_factor_R_work                       0.178 
_refine.ls_R_factor_R_free                       0.212 
_refine.ls_R_factor_R_free_error                 ? 
_refine.ls_R_factor_R_free_error_details         ? 
_refine.ls_percent_reflns_R_free                 5.100 
_refine.ls_number_reflns_R_free                  862 
_refine.ls_number_parameters                     ? 
_refine.ls_number_restraints                     ? 
_refine.occupancy_min                            ? 
_refine.occupancy_max                            ? 
_refine.correlation_coeff_Fo_to_Fc               0.955 
_refine.correlation_coeff_Fo_to_Fc_free          0.946 
_refine.B_iso_mean                               24.04 
_refine.aniso_B[1][1]                            -0.79000 
_refine.aniso_B[2][2]                            -0.79000 
_refine.aniso_B[3][3]                            1.59000 
_refine.aniso_B[1][2]                            0.00000 
_refine.aniso_B[1][3]                            0.00000 
_refine.aniso_B[2][3]                            0.00000 
_refine.solvent_model_details                    MASK 
_refine.solvent_model_param_ksol                 ? 
_refine.solvent_model_param_bsol                 ? 
_refine.pdbx_solvent_vdw_probe_radii             1.20 
_refine.pdbx_solvent_ion_probe_radii             0.80 
_refine.pdbx_solvent_shrinkage_radii             0.80 
_refine.pdbx_ls_cross_valid_method               THROUGHOUT 
_refine.details                                  'HYDROGENS HAVE BEEN ADDED IN THE RIDING POSITIONS.' 
_refine.pdbx_starting_model                      'PDB ENTRY 1DF7' 
_refine.pdbx_method_to_determine_struct          'MOLECULAR REPLACEMENT' 
_refine.pdbx_isotropic_thermal_model             ? 
_refine.pdbx_stereochemistry_target_values       'MAXIMUM LIKELIHOOD' 
_refine.pdbx_stereochem_target_val_spec_case     ? 
_refine.pdbx_R_Free_selection_details            RANDOM 
_refine.pdbx_overall_ESU_R                       0.130 
_refine.pdbx_overall_ESU_R_Free                  0.124 
_refine.overall_SU_ML                            0.084 
_refine.pdbx_overall_phase_error                 ? 
_refine.overall_SU_B                             2.772 
_refine.overall_SU_R_Cruickshank_DPI             ? 
_refine.pdbx_overall_SU_R_free_Cruickshank_DPI   ? 
_refine.pdbx_overall_SU_R_Blow_DPI               ? 
_refine.pdbx_overall_SU_R_free_Blow_DPI          ? 
# 
_refine_hist.pdbx_refine_id                   'X-RAY DIFFRACTION' 
_refine_hist.cycle_id                         LAST 
_refine_hist.pdbx_number_atoms_protein        1244 
_refine_hist.pdbx_number_atoms_nucleic_acid   0 
_refine_hist.pdbx_number_atoms_ligand         90 
_refine_hist.number_atoms_solvent             137 
_refine_hist.number_atoms_total               1471 
_refine_hist.d_res_high                       1.90 
_refine_hist.d_res_low                        60.63 
# 
loop_
_refine_ls_restr.type 
_refine_ls_restr.dev_ideal 
_refine_ls_restr.dev_ideal_target 
_refine_ls_restr.weight 
_refine_ls_restr.number 
_refine_ls_restr.pdbx_refine_id 
_refine_ls_restr.pdbx_restraint_function 
r_bond_refined_d             0.021  0.021  ? 1364 'X-RAY DIFFRACTION' ? 
r_bond_other_d               ?      ?      ? ?    'X-RAY DIFFRACTION' ? 
r_angle_refined_deg          1.999  2.001  ? 1859 'X-RAY DIFFRACTION' ? 
r_angle_other_deg            ?      ?      ? ?    'X-RAY DIFFRACTION' ? 
r_dihedral_angle_1_deg       6.557  5.000  ? 158  'X-RAY DIFFRACTION' ? 
r_dihedral_angle_2_deg       32.738 21.207 ? 58   'X-RAY DIFFRACTION' ? 
r_dihedral_angle_3_deg       15.635 15.000 ? 200  'X-RAY DIFFRACTION' ? 
r_dihedral_angle_4_deg       17.394 15.000 ? 17   'X-RAY DIFFRACTION' ? 
r_chiral_restr               0.144  0.200  ? 185  'X-RAY DIFFRACTION' ? 
r_gen_planes_refined         0.011  0.020  ? 1025 'X-RAY DIFFRACTION' ? 
r_gen_planes_other           ?      ?      ? ?    'X-RAY DIFFRACTION' ? 
r_nbd_refined                0.209  0.200  ? 590  'X-RAY DIFFRACTION' ? 
r_nbd_other                  ?      ?      ? ?    'X-RAY DIFFRACTION' ? 
r_nbtor_refined              0.307  0.200  ? 884  'X-RAY DIFFRACTION' ? 
r_nbtor_other                ?      ?      ? ?    'X-RAY DIFFRACTION' ? 
r_xyhbond_nbd_refined        0.131  0.200  ? 126  'X-RAY DIFFRACTION' ? 
r_xyhbond_nbd_other          ?      ?      ? ?    'X-RAY DIFFRACTION' ? 
r_metal_ion_refined          ?      ?      ? ?    'X-RAY DIFFRACTION' ? 
r_metal_ion_other            ?      ?      ? ?    'X-RAY DIFFRACTION' ? 
r_symmetry_vdw_refined       0.244  0.200  ? 32   'X-RAY DIFFRACTION' ? 
r_symmetry_vdw_other         ?      ?      ? ?    'X-RAY DIFFRACTION' ? 
r_symmetry_hbond_refined     0.155  0.200  ? 11   'X-RAY DIFFRACTION' ? 
r_symmetry_hbond_other       ?      ?      ? ?    'X-RAY DIFFRACTION' ? 
r_symmetry_metal_ion_refined ?      ?      ? ?    'X-RAY DIFFRACTION' ? 
r_symmetry_metal_ion_other   ?      ?      ? ?    'X-RAY DIFFRACTION' ? 
r_mcbond_it                  1.305  1.500  ? 814  'X-RAY DIFFRACTION' ? 
r_mcbond_other               ?      ?      ? ?    'X-RAY DIFFRACTION' ? 
r_mcangle_it                 2.064  2.000  ? 1260 'X-RAY DIFFRACTION' ? 
r_mcangle_other              ?      ?      ? ?    'X-RAY DIFFRACTION' ? 
r_scbond_it                  2.944  3.000  ? 655  'X-RAY DIFFRACTION' ? 
r_scbond_other               ?      ?      ? ?    'X-RAY DIFFRACTION' ? 
r_scangle_it                 4.489  4.500  ? 599  'X-RAY DIFFRACTION' ? 
r_scangle_other              ?      ?      ? ?    'X-RAY DIFFRACTION' ? 
r_long_range_B_refined       ?      ?      ? ?    'X-RAY DIFFRACTION' ? 
r_long_range_B_other         ?      ?      ? ?    'X-RAY DIFFRACTION' ? 
r_rigid_bond_restr           ?      ?      ? ?    'X-RAY DIFFRACTION' ? 
r_sphericity_free            ?      ?      ? ?    'X-RAY DIFFRACTION' ? 
r_sphericity_bonded          ?      ?      ? ?    'X-RAY DIFFRACTION' ? 
# 
_refine_ls_shell.pdbx_refine_id                   'X-RAY DIFFRACTION' 
_refine_ls_shell.pdbx_total_number_of_bins_used   20 
_refine_ls_shell.d_res_high                       1.90 
_refine_ls_shell.d_res_low                        1.95 
_refine_ls_shell.number_reflns_R_work             1182 
_refine_ls_shell.R_factor_R_work                  0.2290 
_refine_ls_shell.percent_reflns_obs               ? 
_refine_ls_shell.R_factor_R_free                  0.2720 
_refine_ls_shell.R_factor_R_free_error            ? 
_refine_ls_shell.percent_reflns_R_free            ? 
_refine_ls_shell.number_reflns_R_free             67 
_refine_ls_shell.number_reflns_all                ? 
_refine_ls_shell.R_factor_all                     ? 
_refine_ls_shell.R_factor_obs                     ? 
_refine_ls_shell.number_reflns_obs                ? 
# 
_struct.entry_id                  2CIG 
_struct.title                     
;Dihydrofolate reductase from Mycobacterium tuberculosis inhibited by the acyclic 4R isomer of INH-NADP a derivative of the prodrug isoniazid.
;
_struct.pdbx_model_details        ? 
_struct.pdbx_CASP_flag            ? 
_struct.pdbx_model_type_details   ? 
# 
_struct_keywords.entry_id        2CIG 
_struct_keywords.pdbx_keywords   OXIDOREDUCTASE 
_struct_keywords.text            
'NADP, ISONIAZID, REDUCTASE, INHIBITOR, BISUBSTRATE, TUBERCULOSIS, OXIDOREDUCTASE, ONE-CARBON METABOLISM' 
# 
loop_
_struct_asym.id 
_struct_asym.pdbx_blank_PDB_chainid_flag 
_struct_asym.pdbx_modified 
_struct_asym.entity_id 
_struct_asym.details 
A N N 1 ? 
B N N 2 ? 
C N N 3 ? 
D N N 3 ? 
E N N 3 ? 
F N N 3 ? 
G N N 4 ? 
H N N 4 ? 
I N N 5 ? 
# 
loop_
_struct_conf.conf_type_id 
_struct_conf.id 
_struct_conf.pdbx_PDB_helix_id 
_struct_conf.beg_label_comp_id 
_struct_conf.beg_label_asym_id 
_struct_conf.beg_label_seq_id 
_struct_conf.pdbx_beg_PDB_ins_code 
_struct_conf.end_label_comp_id 
_struct_conf.end_label_asym_id 
_struct_conf.end_label_seq_id 
_struct_conf.pdbx_end_PDB_ins_code 
_struct_conf.beg_auth_comp_id 
_struct_conf.beg_auth_asym_id 
_struct_conf.beg_auth_seq_id 
_struct_conf.end_auth_comp_id 
_struct_conf.end_auth_asym_id 
_struct_conf.end_auth_seq_id 
_struct_conf.pdbx_PDB_helix_class 
_struct_conf.details 
_struct_conf.pdbx_PDB_helix_length 
HELX_P HELX_P1 1 LEU A 24  ? GLU A 26  ? LEU A 24  GLU A 26  5 ? 3  
HELX_P HELX_P2 2 ASP A 27  ? MET A 36  ? ASP A 27  MET A 36  1 ? 10 
HELX_P HELX_P3 3 ARG A 44  ? LEU A 50  ? ARG A 44  LEU A 50  1 ? 7  
HELX_P HELX_P4 4 PRO A 51  ? ARG A 55  ? PRO A 51  ARG A 55  5 ? 5  
HELX_P HELX_P5 5 SER A 81  ? LEU A 86  ? SER A 81  LEU A 86  1 ? 6  
HELX_P HELX_P6 6 GLY A 96  ? LEU A 104 ? GLY A 96  LEU A 104 1 ? 9  
HELX_P HELX_P7 7 PRO A 105 ? ALA A 107 ? PRO A 105 ALA A 107 5 ? 3  
# 
_struct_conf_type.id          HELX_P 
_struct_conf_type.criteria    ? 
_struct_conf_type.reference   ? 
# 
loop_
_struct_mon_prot_cis.pdbx_id 
_struct_mon_prot_cis.label_comp_id 
_struct_mon_prot_cis.label_seq_id 
_struct_mon_prot_cis.label_asym_id 
_struct_mon_prot_cis.label_alt_id 
_struct_mon_prot_cis.pdbx_PDB_ins_code 
_struct_mon_prot_cis.auth_comp_id 
_struct_mon_prot_cis.auth_seq_id 
_struct_mon_prot_cis.auth_asym_id 
_struct_mon_prot_cis.pdbx_label_comp_id_2 
_struct_mon_prot_cis.pdbx_label_seq_id_2 
_struct_mon_prot_cis.pdbx_label_asym_id_2 
_struct_mon_prot_cis.pdbx_PDB_ins_code_2 
_struct_mon_prot_cis.pdbx_auth_comp_id_2 
_struct_mon_prot_cis.pdbx_auth_seq_id_2 
_struct_mon_prot_cis.pdbx_auth_asym_id_2 
_struct_mon_prot_cis.pdbx_PDB_model_num 
_struct_mon_prot_cis.pdbx_omega_angle 
1 ARG 55 A . ? ARG 55 A PRO 56 A ? PRO 56 A 1 -2.73 
2 GLY 95 A . ? GLY 95 A GLY 96 A ? GLY 96 A 1 8.39  
# 
loop_
_struct_sheet.id 
_struct_sheet.type 
_struct_sheet.number_strands 
_struct_sheet.details 
AA ? 8 ? 
AB ? 8 ? 
AC ? 2 ? 
# 
loop_
_struct_sheet_order.sheet_id 
_struct_sheet_order.range_id_1 
_struct_sheet_order.range_id_2 
_struct_sheet_order.offset 
_struct_sheet_order.sense 
AA 1 2 ? parallel      
AA 2 3 ? parallel      
AA 3 4 ? parallel      
AA 4 5 ? parallel      
AA 5 6 ? parallel      
AA 6 7 ? anti-parallel 
AA 7 8 ? anti-parallel 
AB 1 2 ? parallel      
AB 2 3 ? parallel      
AB 3 4 ? parallel      
AB 4 5 ? parallel      
AB 5 6 ? parallel      
AB 6 7 ? anti-parallel 
AB 7 8 ? anti-parallel 
AC 1 2 ? anti-parallel 
# 
loop_
_struct_sheet_range.sheet_id 
_struct_sheet_range.id 
_struct_sheet_range.beg_label_comp_id 
_struct_sheet_range.beg_label_asym_id 
_struct_sheet_range.beg_label_seq_id 
_struct_sheet_range.pdbx_beg_PDB_ins_code 
_struct_sheet_range.end_label_comp_id 
_struct_sheet_range.end_label_asym_id 
_struct_sheet_range.end_label_seq_id 
_struct_sheet_range.pdbx_end_PDB_ins_code 
_struct_sheet_range.beg_auth_comp_id 
_struct_sheet_range.beg_auth_asym_id 
_struct_sheet_range.beg_auth_seq_id 
_struct_sheet_range.end_auth_comp_id 
_struct_sheet_range.end_auth_asym_id 
_struct_sheet_range.end_auth_seq_id 
AA 1 ALA A 76  ? VAL A 79  ? ALA A 76  VAL A 79  
AA 2 ARG A 61  ? LEU A 65  ? ARG A 61  LEU A 65  
AA 3 THR A 39  ? GLY A 43  ? THR A 39  GLY A 43  
AA 4 THR A 91  ? VAL A 93  ? THR A 91  VAL A 93  
AA 5 VAL A 2   ? ALA A 9   ? VAL A 2   ALA A 9   
AA 6 ARG A 109 ? VAL A 115 ? ARG A 109 VAL A 115 
AA 7 ARG A 150 ? HIS A 157 ? ARG A 150 HIS A 157 
AA 8 ARG A 136 ? THR A 139 ? ARG A 136 THR A 139 
AB 1 ALA A 76  ? VAL A 79  ? ALA A 76  VAL A 79  
AB 2 ARG A 61  ? LEU A 65  ? ARG A 61  LEU A 65  
AB 3 THR A 39  ? GLY A 43  ? THR A 39  GLY A 43  
AB 4 THR A 91  ? VAL A 93  ? THR A 91  VAL A 93  
AB 5 VAL A 2   ? ALA A 9   ? VAL A 2   ALA A 9   
AB 6 ARG A 109 ? VAL A 115 ? ARG A 109 VAL A 115 
AB 7 ARG A 150 ? HIS A 157 ? ARG A 150 HIS A 157 
AB 8 ARG A 143 ? PHE A 144 ? ARG A 143 PHE A 144 
AC 1 VAL A 13  ? GLY A 15  ? VAL A 13  GLY A 15  
AC 2 ALA A 126 ? LEU A 127 ? ALA A 126 LEU A 127 
# 
loop_
_pdbx_struct_sheet_hbond.sheet_id 
_pdbx_struct_sheet_hbond.range_id_1 
_pdbx_struct_sheet_hbond.range_id_2 
_pdbx_struct_sheet_hbond.range_1_label_atom_id 
_pdbx_struct_sheet_hbond.range_1_label_comp_id 
_pdbx_struct_sheet_hbond.range_1_label_asym_id 
_pdbx_struct_sheet_hbond.range_1_label_seq_id 
_pdbx_struct_sheet_hbond.range_1_PDB_ins_code 
_pdbx_struct_sheet_hbond.range_1_auth_atom_id 
_pdbx_struct_sheet_hbond.range_1_auth_comp_id 
_pdbx_struct_sheet_hbond.range_1_auth_asym_id 
_pdbx_struct_sheet_hbond.range_1_auth_seq_id 
_pdbx_struct_sheet_hbond.range_2_label_atom_id 
_pdbx_struct_sheet_hbond.range_2_label_comp_id 
_pdbx_struct_sheet_hbond.range_2_label_asym_id 
_pdbx_struct_sheet_hbond.range_2_label_seq_id 
_pdbx_struct_sheet_hbond.range_2_PDB_ins_code 
_pdbx_struct_sheet_hbond.range_2_auth_atom_id 
_pdbx_struct_sheet_hbond.range_2_auth_comp_id 
_pdbx_struct_sheet_hbond.range_2_auth_asym_id 
_pdbx_struct_sheet_hbond.range_2_auth_seq_id 
AA 1 2 N GLU A 77  ? N GLU A 77  O ASN A 62  ? O ASN A 62  
AA 2 3 N VAL A 63  ? N VAL A 63  O ILE A 40  ? O ILE A 40  
AA 3 4 N VAL A 41  ? N VAL A 41  O TRP A 92  ? O TRP A 92  
AA 4 5 N VAL A 93  ? N VAL A 93  O GLY A 3   ? O GLY A 3   
AA 5 6 N LEU A 4   ? N LEU A 4   O ARG A 109 ? O ARG A 109 
AA 6 7 N GLU A 114 ? N GLU A 114 O ARG A 152 ? O ARG A 152 
AA 7 8 N HIS A 157 ? N HIS A 157 O ARG A 136 ? O ARG A 136 
AB 1 2 N GLU A 77  ? N GLU A 77  O ASN A 62  ? O ASN A 62  
AB 2 3 N VAL A 63  ? N VAL A 63  O ILE A 40  ? O ILE A 40  
AB 3 4 N VAL A 41  ? N VAL A 41  O TRP A 92  ? O TRP A 92  
AB 4 5 N VAL A 93  ? N VAL A 93  O GLY A 3   ? O GLY A 3   
AB 5 6 N LEU A 4   ? N LEU A 4   O ARG A 109 ? O ARG A 109 
AB 6 7 N GLU A 114 ? N GLU A 114 O ARG A 152 ? O ARG A 152 
AB 7 8 N TYR A 151 ? N TYR A 151 O ARG A 143 ? O ARG A 143 
AC 1 2 N ILE A 14  ? N ILE A 14  O ALA A 126 ? O ALA A 126 
# 
loop_
_struct_site.id 
_struct_site.pdbx_evidence_code 
_struct_site.pdbx_auth_asym_id 
_struct_site.pdbx_auth_comp_id 
_struct_site.pdbx_auth_seq_id 
_struct_site.pdbx_auth_ins_code 
_struct_site.pdbx_num_residues 
_struct_site.details 
AC1 Software A SO4 300 ? 2  'BINDING SITE FOR RESIDUE SO4 A 300' 
AC2 Software A SO4 301 ? 3  'BINDING SITE FOR RESIDUE SO4 A 301' 
AC3 Software A 1DG 200 ? 37 'BINDING SITE FOR RESIDUE 1DG A 200' 
AC4 Software A GOL 201 ? 5  'BINDING SITE FOR RESIDUE GOL A 201' 
AC5 Software A GOL 202 ? 10 'BINDING SITE FOR RESIDUE GOL A 202' 
AC6 Software A GOL 203 ? 4  'BINDING SITE FOR RESIDUE GOL A 203' 
AC7 Software A GOL 204 ? 2  'BINDING SITE FOR RESIDUE GOL A 204' 
# 
loop_
_struct_site_gen.id 
_struct_site_gen.site_id 
_struct_site_gen.pdbx_num_res 
_struct_site_gen.label_comp_id 
_struct_site_gen.label_asym_id 
_struct_site_gen.label_seq_id 
_struct_site_gen.pdbx_auth_ins_code 
_struct_site_gen.auth_comp_id 
_struct_site_gen.auth_asym_id 
_struct_site_gen.auth_seq_id 
_struct_site_gen.label_atom_id 
_struct_site_gen.label_alt_id 
_struct_site_gen.symmetry 
_struct_site_gen.details 
1  AC1 2  ARG A 44  ? ARG A 44   . ? 1_555 ? 
2  AC1 2  ARG A 45  ? ARG A 45   . ? 1_555 ? 
3  AC2 3  ARG A 121 ? ARG A 121  . ? 1_555 ? 
4  AC2 3  ARG A 152 ? ARG A 152  . ? 1_555 ? 
5  AC2 3  HOH I .   ? HOH A 2137 . ? 1_555 ? 
6  AC3 37 ILE A 5   ? ILE A 5    . ? 1_555 ? 
7  AC3 37 TRP A 6   ? TRP A 6    . ? 1_555 ? 
8  AC3 37 ALA A 7   ? ALA A 7    . ? 1_555 ? 
9  AC3 37 ILE A 14  ? ILE A 14   . ? 1_555 ? 
10 AC3 37 GLY A 15  ? GLY A 15   . ? 1_555 ? 
11 AC3 37 ARG A 16  ? ARG A 16   . ? 1_555 ? 
12 AC3 37 GLY A 18  ? GLY A 18   . ? 1_555 ? 
13 AC3 37 ASP A 19  ? ASP A 19   . ? 1_555 ? 
14 AC3 37 ILE A 20  ? ILE A 20   . ? 1_555 ? 
15 AC3 37 PHE A 31  ? PHE A 31   . ? 1_555 ? 
16 AC3 37 GLY A 43  ? GLY A 43   . ? 1_555 ? 
17 AC3 37 ARG A 44  ? ARG A 44   . ? 1_555 ? 
18 AC3 37 ARG A 45  ? ARG A 45   . ? 1_555 ? 
19 AC3 37 VAL A 46  ? VAL A 46   . ? 1_555 ? 
20 AC3 37 LEU A 65  ? LEU A 65   . ? 1_555 ? 
21 AC3 37 SER A 66  ? SER A 66   . ? 1_555 ? 
22 AC3 37 ARG A 67  ? ARG A 67   . ? 1_555 ? 
23 AC3 37 GLN A 68  ? GLN A 68   . ? 1_555 ? 
24 AC3 37 GLY A 80  ? GLY A 80   . ? 1_555 ? 
25 AC3 37 ILE A 94  ? ILE A 94   . ? 1_555 ? 
26 AC3 37 GLY A 96  ? GLY A 96   . ? 1_555 ? 
27 AC3 37 GLY A 97  ? GLY A 97   . ? 1_555 ? 
28 AC3 37 GLN A 98  ? GLN A 98   . ? 1_555 ? 
29 AC3 37 VAL A 99  ? VAL A 99   . ? 1_555 ? 
30 AC3 37 TYR A 100 ? TYR A 100  . ? 1_555 ? 
31 AC3 37 LEU A 102 ? LEU A 102  . ? 1_555 ? 
32 AC3 37 ALA A 126 ? ALA A 126  . ? 1_555 ? 
33 AC3 37 GOL C .   ? GOL A 201  . ? 1_555 ? 
34 AC3 37 GOL D .   ? GOL A 202  . ? 1_555 ? 
35 AC3 37 GOL F .   ? GOL A 204  . ? 1_555 ? 
36 AC3 37 HOH I .   ? HOH A 2039 . ? 1_555 ? 
37 AC3 37 HOH I .   ? HOH A 2130 . ? 1_555 ? 
38 AC3 37 HOH I .   ? HOH A 2131 . ? 1_555 ? 
39 AC3 37 HOH I .   ? HOH A 2132 . ? 1_555 ? 
40 AC3 37 HOH I .   ? HOH A 2133 . ? 1_555 ? 
41 AC3 37 HOH I .   ? HOH A 2134 . ? 1_555 ? 
42 AC3 37 HOH I .   ? HOH A 2135 . ? 1_555 ? 
43 AC4 5  GLY A 15  ? GLY A 15   . ? 1_555 ? 
44 AC4 5  ARG A 16  ? ARG A 16   . ? 1_555 ? 
45 AC4 5  GLY A 17  ? GLY A 17   . ? 1_555 ? 
46 AC4 5  GLY A 18  ? GLY A 18   . ? 1_555 ? 
47 AC4 5  1DG B .   ? 1DG A 200  . ? 1_555 ? 
48 AC5 10 ARG A 45  ? ARG A 45   . ? 1_555 ? 
49 AC5 10 GLN A 98  ? GLN A 98   . ? 1_555 ? 
50 AC5 10 GLY A 124 ? GLY A 124  . ? 1_555 ? 
51 AC5 10 ASP A 125 ? ASP A 125  . ? 1_555 ? 
52 AC5 10 ALA A 126 ? ALA A 126  . ? 1_555 ? 
53 AC5 10 GLY A 148 ? GLY A 148  . ? 1_555 ? 
54 AC5 10 1DG B .   ? 1DG A 200  . ? 1_555 ? 
55 AC5 10 HOH I .   ? HOH A 2030 . ? 1_555 ? 
56 AC5 10 HOH I .   ? HOH A 2079 . ? 1_555 ? 
57 AC5 10 HOH I .   ? HOH A 2136 . ? 1_555 ? 
58 AC6 4  GLN A 8   ? GLN A 8    . ? 1_555 ? 
59 AC6 4  THR A 10  ? THR A 10   . ? 1_555 ? 
60 AC6 4  GLU A 114 ? GLU A 114  . ? 1_555 ? 
61 AC6 4  TYR A 156 ? TYR A 156  . ? 1_555 ? 
62 AC7 2  LEU A 50  ? LEU A 50   . ? 1_555 ? 
63 AC7 2  1DG B .   ? 1DG A 200  . ? 1_555 ? 
# 
_atom_sites.entry_id                    2CIG 
_atom_sites.fract_transf_matrix[1][1]   0.00550419 
_atom_sites.fract_transf_matrix[1][2]   0.01488169 
_atom_sites.fract_transf_matrix[1][3]   -0.00446414 
_atom_sites.fract_transf_matrix[2][1]   -0.00092825 
_atom_sites.fract_transf_matrix[2][2]   0.00504252 
_atom_sites.fract_transf_matrix[2][3]   0.01566527 
_atom_sites.fract_transf_matrix[3][1]   0.01590803 
_atom_sites.fract_transf_matrix[3][2]   -0.00510782 
_atom_sites.fract_transf_matrix[3][3]   0.00258680 
_atom_sites.fract_transf_vector[1]      0.130450 
_atom_sites.fract_transf_vector[2]      -0.343288 
_atom_sites.fract_transf_vector[3]      -0.009665 
# 
loop_
_atom_type.symbol 
C 
N 
O 
P 
S 
# 
loop_
_atom_site.group_PDB 
_atom_site.id 
_atom_site.type_symbol 
_atom_site.label_atom_id 
_atom_site.label_alt_id 
_atom_site.label_comp_id 
_atom_site.label_asym_id 
_atom_site.label_entity_id 
_atom_site.label_seq_id 
_atom_site.pdbx_PDB_ins_code 
_atom_site.Cartn_x 
_atom_site.Cartn_y 
_atom_site.Cartn_z 
_atom_site.occupancy 
_atom_site.B_iso_or_equiv 
_atom_site.pdbx_formal_charge 
_atom_site.auth_seq_id 
_atom_site.auth_comp_id 
_atom_site.auth_asym_id 
_atom_site.auth_atom_id 
_atom_site.pdbx_PDB_model_num 
ATOM   1    N N     . MET A 1 1   ? 4.638   -5.175  14.953  1.00 27.97 ? 1    MET A N     1 
ATOM   2    C CA    . MET A 1 1   ? 5.265   -4.932  13.642  1.00 26.45 ? 1    MET A CA    1 
ATOM   3    C C     . MET A 1 1   ? 4.210   -4.337  12.731  1.00 24.72 ? 1    MET A C     1 
ATOM   4    O O     . MET A 1 1   ? 3.124   -4.919  12.505  1.00 25.78 ? 1    MET A O     1 
ATOM   5    C CB    . MET A 1 1   ? 5.785   -6.239  13.060  1.00 28.30 ? 1    MET A CB    1 
ATOM   6    C CG    . MET A 1 1   ? 6.748   -6.116  11.872  1.00 33.22 ? 1    MET A CG    1 
ATOM   7    S SD    . MET A 1 1   ? 6.243   -5.510  10.224  1.00 36.35 ? 1    MET A SD    1 
ATOM   8    C CE    . MET A 1 1   ? 5.107   -6.781  9.702   1.00 34.60 ? 1    MET A CE    1 
ATOM   9    N N     . VAL A 1 2   ? 4.509   -3.142  12.248  1.00 21.21 ? 2    VAL A N     1 
ATOM   10   C CA    . VAL A 1 2   ? 3.693   -2.509  11.223  1.00 18.64 ? 2    VAL A CA    1 
ATOM   11   C C     . VAL A 1 2   ? 4.598   -2.408  9.992   1.00 17.07 ? 2    VAL A C     1 
ATOM   12   O O     . VAL A 1 2   ? 5.757   -1.897  10.084  1.00 16.77 ? 2    VAL A O     1 
ATOM   13   C CB    . VAL A 1 2   ? 3.169   -1.137  11.622  1.00 18.82 ? 2    VAL A CB    1 
ATOM   14   C CG1   . VAL A 1 2   ? 2.434   -0.496  10.435  1.00 20.31 ? 2    VAL A CG1   1 
ATOM   15   C CG2   . VAL A 1 2   ? 2.250   -1.203  12.885  1.00 20.06 ? 2    VAL A CG2   1 
ATOM   16   N N     . GLY A 1 3   ? 4.108   -2.946  8.872   1.00 15.87 ? 3    GLY A N     1 
ATOM   17   C CA    . GLY A 1 3   ? 4.819   -2.811  7.596   1.00 15.88 ? 3    GLY A CA    1 
ATOM   18   C C     . GLY A 1 3   ? 3.965   -2.004  6.623   1.00 15.05 ? 3    GLY A C     1 
ATOM   19   O O     . GLY A 1 3   ? 2.724   -1.987  6.732   1.00 14.92 ? 3    GLY A O     1 
ATOM   20   N N     . LEU A 1 4   ? 4.602   -1.300  5.693   1.00 13.63 ? 4    LEU A N     1 
ATOM   21   C CA    . LEU A 1 4   ? 3.852   -0.607  4.643   1.00 14.34 ? 4    LEU A CA    1 
ATOM   22   C C     . LEU A 1 4   ? 4.205   -1.302  3.321   1.00 14.02 ? 4    LEU A C     1 
ATOM   23   O O     . LEU A 1 4   ? 5.337   -1.672  3.138   1.00 14.48 ? 4    LEU A O     1 
ATOM   24   C CB    . LEU A 1 4   ? 4.397   0.807   4.506   1.00 13.92 ? 4    LEU A CB    1 
ATOM   25   C CG    . LEU A 1 4   ? 3.813   1.932   5.377   1.00 18.51 ? 4    LEU A CG    1 
ATOM   26   C CD1   . LEU A 1 4   ? 3.412   1.611   6.754   1.00 18.02 ? 4    LEU A CD1   1 
ATOM   27   C CD2   . LEU A 1 4   ? 4.687   3.183   5.208   1.00 15.29 ? 4    LEU A CD2   1 
ATOM   28   N N     . ILE A 1 5   ? 3.254   -1.426  2.414   1.00 13.34 ? 5    ILE A N     1 
ATOM   29   C CA    . ILE A 1 5   ? 3.579   -2.062  1.098   1.00 13.34 ? 5    ILE A CA    1 
ATOM   30   C C     . ILE A 1 5   ? 2.879   -1.234  0.018   1.00 11.23 ? 5    ILE A C     1 
ATOM   31   O O     . ILE A 1 5   ? 1.674   -0.912  0.099   1.00 11.99 ? 5    ILE A O     1 
ATOM   32   C CB    . ILE A 1 5   ? 3.217   -3.586  1.053   1.00 11.91 ? 5    ILE A CB    1 
ATOM   33   C CG1   . ILE A 1 5   ? 3.445   -4.186  -0.380  1.00 13.55 ? 5    ILE A CG1   1 
ATOM   34   C CG2   . ILE A 1 5   ? 1.757   -3.768  1.441   1.00 12.57 ? 5    ILE A CG2   1 
ATOM   35   C CD1   . ILE A 1 5   ? 3.629   -5.708  -0.370  1.00 14.87 ? 5    ILE A CD1   1 
ATOM   36   N N     . TRP A 1 6   ? 3.678   -0.771  -0.958  1.00 11.97 ? 6    TRP A N     1 
ATOM   37   C CA    . TRP A 1 6   ? 3.113   -0.020  -2.048  1.00 11.81 ? 6    TRP A CA    1 
ATOM   38   C C     . TRP A 1 6   ? 3.933   -0.202  -3.347  1.00 11.30 ? 6    TRP A C     1 
ATOM   39   O O     . TRP A 1 6   ? 5.078   -0.647  -3.305  1.00 12.43 ? 6    TRP A O     1 
ATOM   40   C CB    . TRP A 1 6   ? 3.075   1.488   -1.671  1.00 11.78 ? 6    TRP A CB    1 
ATOM   41   C CG    . TRP A 1 6   ? 4.449   2.259   -1.654  1.00 14.19 ? 6    TRP A CG    1 
ATOM   42   C CD1   . TRP A 1 6   ? 5.072   2.872   -2.736  1.00 13.99 ? 6    TRP A CD1   1 
ATOM   43   C CD2   . TRP A 1 6   ? 5.299   2.507   -0.508  1.00 15.26 ? 6    TRP A CD2   1 
ATOM   44   N NE1   . TRP A 1 6   ? 6.262   3.479   -2.316  1.00 11.44 ? 6    TRP A NE1   1 
ATOM   45   C CE2   . TRP A 1 6   ? 6.399   3.309   -0.963  1.00 16.26 ? 6    TRP A CE2   1 
ATOM   46   C CE3   . TRP A 1 6   ? 5.190   2.199   0.874   1.00 15.30 ? 6    TRP A CE3   1 
ATOM   47   C CZ2   . TRP A 1 6   ? 7.426   3.770   -0.109  1.00 15.36 ? 6    TRP A CZ2   1 
ATOM   48   C CZ3   . TRP A 1 6   ? 6.237   2.678   1.755   1.00 16.00 ? 6    TRP A CZ3   1 
ATOM   49   C CH2   . TRP A 1 6   ? 7.334   3.442   1.240   1.00 17.34 ? 6    TRP A CH2   1 
ATOM   50   N N     . ALA A 1 7   ? 3.361   0.288   -4.436  1.00 12.19 ? 7    ALA A N     1 
ATOM   51   C CA    . ALA A 1 7   ? 4.066   0.407   -5.722  1.00 13.73 ? 7    ALA A CA    1 
ATOM   52   C C     . ALA A 1 7   ? 4.024   1.872   -6.126  1.00 13.71 ? 7    ALA A C     1 
ATOM   53   O O     . ALA A 1 7   ? 2.977   2.503   -6.068  1.00 14.39 ? 7    ALA A O     1 
ATOM   54   C CB    . ALA A 1 7   ? 3.384   -0.460  -6.828  1.00 14.14 ? 7    ALA A CB    1 
ATOM   55   N N     . GLN A 1 8   ? 5.171   2.380   -6.574  1.00 12.33 ? 8    GLN A N     1 
ATOM   56   C CA    . GLN A 1 8   ? 5.229   3.756   -7.009  1.00 12.49 ? 8    GLN A CA    1 
ATOM   57   C C     . GLN A 1 8   ? 5.975   3.920   -8.315  1.00 11.41 ? 8    GLN A C     1 
ATOM   58   O O     . GLN A 1 8   ? 6.923   3.173   -8.596  1.00 12.56 ? 8    GLN A O     1 
ATOM   59   C CB    . GLN A 1 8   ? 5.933   4.613   -5.951  1.00 10.63 ? 8    GLN A CB    1 
ATOM   60   C CG    . GLN A 1 8   ? 7.418   4.284   -5.784  1.00 11.90 ? 8    GLN A CG    1 
ATOM   61   C CD    . GLN A 1 8   ? 8.136   5.253   -4.863  1.00 12.96 ? 8    GLN A CD    1 
ATOM   62   O OE1   . GLN A 1 8   ? 8.065   5.126   -3.647  1.00 14.85 ? 8    GLN A OE1   1 
ATOM   63   N NE2   . GLN A 1 8   ? 8.824   6.230   -5.447  1.00 11.57 ? 8    GLN A NE2   1 
ATOM   64   N N     . ALA A 1 9   ? 5.524   4.903   -9.098  1.00 13.90 ? 9    ALA A N     1 
ATOM   65   C CA    . ALA A 1 9   ? 6.367   5.429   -10.200 1.00 14.19 ? 9    ALA A CA    1 
ATOM   66   C C     . ALA A 1 9   ? 7.641   5.991   -9.561  1.00 15.54 ? 9    ALA A C     1 
ATOM   67   O O     . ALA A 1 9   ? 7.649   6.347   -8.379  1.00 13.82 ? 9    ALA A O     1 
ATOM   68   C CB    . ALA A 1 9   ? 5.585   6.532   -11.027 1.00 13.58 ? 9    ALA A CB    1 
ATOM   69   N N     . THR A 1 10  ? 8.725   6.087   -10.330 1.00 16.02 ? 10   THR A N     1 
ATOM   70   C CA    . THR A 1 10  ? 9.976   6.693   -9.837  1.00 16.70 ? 10   THR A CA    1 
ATOM   71   C C     . THR A 1 10  ? 9.698   8.046   -9.195  1.00 16.39 ? 10   THR A C     1 
ATOM   72   O O     . THR A 1 10  ? 10.300  8.375   -8.166  1.00 15.87 ? 10   THR A O     1 
ATOM   73   C CB    . THR A 1 10  ? 11.021  6.801   -10.993 1.00 16.95 ? 10   THR A CB    1 
ATOM   74   O OG1   . THR A 1 10  ? 11.258  5.472   -11.480 1.00 17.96 ? 10   THR A OG1   1 
ATOM   75   C CG2   . THR A 1 10  ? 12.381  7.413   -10.536 1.00 18.32 ? 10   THR A CG2   1 
ATOM   76   N N     . SER A 1 11  ? 8.768   8.794   -9.778  1.00 16.04 ? 11   SER A N     1 
ATOM   77   C CA    . SER A 1 11  ? 8.424   10.138  -9.299  1.00 17.30 ? 11   SER A CA    1 
ATOM   78   C C     . SER A 1 11  ? 7.788   10.149  -7.908  1.00 18.28 ? 11   SER A C     1 
ATOM   79   O O     . SER A 1 11  ? 7.634   11.236  -7.296  1.00 17.48 ? 11   SER A O     1 
ATOM   80   C CB    . SER A 1 11  ? 7.384   10.767  -10.230 1.00 16.44 ? 11   SER A CB    1 
ATOM   81   O OG    . SER A 1 11  ? 6.190   9.975   -10.248 1.00 15.65 ? 11   SER A OG    1 
ATOM   82   N N     . GLY A 1 12  ? 7.348   8.979   -7.427  1.00 18.09 ? 12   GLY A N     1 
ATOM   83   C CA    . GLY A 1 12  ? 6.608   9.022   -6.158  1.00 16.87 ? 12   GLY A CA    1 
ATOM   84   C C     . GLY A 1 12  ? 5.107   8.864   -6.257  1.00 16.81 ? 12   GLY A C     1 
ATOM   85   O O     . GLY A 1 12  ? 4.477   8.620   -5.246  1.00 15.96 ? 12   GLY A O     1 
ATOM   86   N N     . VAL A 1 13  ? 4.520   9.045   -7.464  1.00 15.09 ? 13   VAL A N     1 
ATOM   87   C CA    . VAL A 1 13  ? 3.077   8.945   -7.651  1.00 13.77 ? 13   VAL A CA    1 
ATOM   88   C C     . VAL A 1 13  ? 2.628   7.474   -7.406  1.00 12.62 ? 13   VAL A C     1 
ATOM   89   O O     . VAL A 1 13  ? 3.246   6.563   -7.943  1.00 11.04 ? 13   VAL A O     1 
ATOM   90   C CB    . VAL A 1 13  ? 2.709   9.365   -9.106  1.00 13.54 ? 13   VAL A CB    1 
ATOM   91   C CG1   . VAL A 1 13  ? 1.192   9.115   -9.444  1.00 15.36 ? 13   VAL A CG1   1 
ATOM   92   C CG2   . VAL A 1 13  ? 3.125   10.860  -9.331  1.00 12.55 ? 13   VAL A CG2   1 
ATOM   93   N N     . ILE A 1 14  ? 1.524   7.281   -6.676  1.00 11.61 ? 14   ILE A N     1 
ATOM   94   C CA    . ILE A 1 14  ? 1.037   5.950   -6.398  1.00 13.51 ? 14   ILE A CA    1 
ATOM   95   C C     . ILE A 1 14  ? -0.410  5.899   -6.826  1.00 14.08 ? 14   ILE A C     1 
ATOM   96   O O     . ILE A 1 14  ? -1.022  4.827   -6.988  1.00 15.88 ? 14   ILE A O     1 
ATOM   97   C CB    . ILE A 1 14  ? 1.165   5.555   -4.871  1.00 13.67 ? 14   ILE A CB    1 
ATOM   98   C CG1   . ILE A 1 14  ? 0.212   6.461   -3.971  1.00 15.93 ? 14   ILE A CG1   1 
ATOM   99   C CG2   . ILE A 1 14  ? 2.619   5.481   -4.477  1.00 13.86 ? 14   ILE A CG2   1 
ATOM   100  C CD1   . ILE A 1 14  ? 0.079   5.991   -2.438  1.00 12.31 ? 14   ILE A CD1   1 
ATOM   101  N N     . GLY A 1 15  ? -0.998  7.083   -6.991  1.00 14.87 ? 15   GLY A N     1 
ATOM   102  C CA    . GLY A 1 15  ? -2.450  7.180   -7.247  1.00 14.09 ? 15   GLY A CA    1 
ATOM   103  C C     . GLY A 1 15  ? -2.854  8.437   -7.999  1.00 15.94 ? 15   GLY A C     1 
ATOM   104  O O     . GLY A 1 15  ? -2.290  9.518   -7.777  1.00 15.61 ? 15   GLY A O     1 
ATOM   105  N N     . ARG A 1 16  ? -3.809  8.300   -8.924  1.00 16.29 ? 16   ARG A N     1 
ATOM   106  C CA    . ARG A 1 16  ? -4.358  9.468   -9.659  1.00 18.36 ? 16   ARG A CA    1 
ATOM   107  C C     . ARG A 1 16  ? -5.791  9.180   -10.118 1.00 20.05 ? 16   ARG A C     1 
ATOM   108  O O     . ARG A 1 16  ? -6.067  8.083   -10.601 1.00 19.96 ? 16   ARG A O     1 
ATOM   109  C CB    . ARG A 1 16  ? -3.493  9.808   -10.869 1.00 18.70 ? 16   ARG A CB    1 
ATOM   110  C CG    . ARG A 1 16  ? -3.984  11.023  -11.672 1.00 18.50 ? 16   ARG A CG    1 
ATOM   111  C CD    . ARG A 1 16  ? -2.889  11.347  -12.772 1.00 19.59 ? 16   ARG A CD    1 
ATOM   112  N NE    . ARG A 1 16  ? -1.610  11.781  -12.184 1.00 18.35 ? 16   ARG A NE    1 
ATOM   113  C CZ    . ARG A 1 16  ? -0.469  11.915  -12.854 1.00 19.65 ? 16   ARG A CZ    1 
ATOM   114  N NH1   . ARG A 1 16  ? -0.417  11.579  -14.142 1.00 19.18 ? 16   ARG A NH1   1 
ATOM   115  N NH2   . ARG A 1 16  ? 0.639   12.332  -12.243 1.00 18.25 ? 16   ARG A NH2   1 
ATOM   116  N N     . GLY A 1 17  ? -6.694  10.150  -9.927  1.00 21.08 ? 17   GLY A N     1 
ATOM   117  C CA    . GLY A 1 17  ? -8.082  10.002  -10.382 1.00 23.33 ? 17   GLY A CA    1 
ATOM   118  C C     . GLY A 1 17  ? -8.824  8.856   -9.716  1.00 23.87 ? 17   GLY A C     1 
ATOM   119  O O     . GLY A 1 17  ? -9.720  8.266   -10.310 1.00 24.41 ? 17   GLY A O     1 
ATOM   120  N N     . GLY A 1 18  ? -8.411  8.485   -8.506  1.00 24.06 ? 18   GLY A N     1 
ATOM   121  C CA    . GLY A 1 18  ? -9.001  7.359   -7.798  1.00 23.94 ? 18   GLY A CA    1 
ATOM   122  C C     . GLY A 1 18  ? -8.499  5.955   -8.115  1.00 24.67 ? 18   GLY A C     1 
ATOM   123  O O     . GLY A 1 18  ? -9.020  4.987   -7.559  1.00 25.97 ? 18   GLY A O     1 
ATOM   124  N N     . ASP A 1 19  ? -7.549  5.812   -9.029  1.00 23.94 ? 19   ASP A N     1 
ATOM   125  C CA    . ASP A 1 19  ? -6.968  4.486   -9.331  1.00 25.76 ? 19   ASP A CA    1 
ATOM   126  C C     . ASP A 1 19  ? -5.456  4.574   -9.382  1.00 23.63 ? 19   ASP A C     1 
ATOM   127  O O     . ASP A 1 19  ? -4.870  5.581   -8.981  1.00 22.89 ? 19   ASP A O     1 
ATOM   128  C CB    . ASP A 1 19  ? -7.390  3.930   -10.695 1.00 28.06 ? 19   ASP A CB    1 
ATOM   129  C CG    . ASP A 1 19  ? -8.366  4.780   -11.388 1.00 34.67 ? 19   ASP A CG    1 
ATOM   130  O OD1   . ASP A 1 19  ? -9.528  4.828   -10.933 1.00 41.34 ? 19   ASP A OD1   1 
ATOM   131  O OD2   . ASP A 1 19  ? -7.970  5.402   -12.403 1.00 46.64 ? 19   ASP A OD2   1 
ATOM   132  N N     . ILE A 1 20  ? -4.843  3.502   -9.865  1.00 21.30 ? 20   ILE A N     1 
ATOM   133  C CA    . ILE A 1 20  ? -3.379  3.425   -10.008 1.00 20.62 ? 20   ILE A CA    1 
ATOM   134  C C     . ILE A 1 20  ? -3.072  3.672   -11.488 1.00 20.94 ? 20   ILE A C     1 
ATOM   135  O O     . ILE A 1 20  ? -3.655  3.002   -12.347 1.00 19.92 ? 20   ILE A O     1 
ATOM   136  C CB    . ILE A 1 20  ? -2.837  2.071   -9.517  1.00 21.20 ? 20   ILE A CB    1 
ATOM   137  C CG1   . ILE A 1 20  ? -3.127  1.914   -7.998  1.00 21.73 ? 20   ILE A CG1   1 
ATOM   138  C CG2   . ILE A 1 20  ? -1.355  1.882   -9.887  1.00 16.12 ? 20   ILE A CG2   1 
ATOM   139  C CD1   . ILE A 1 20  ? -2.910  0.524   -7.496  1.00 23.96 ? 20   ILE A CD1   1 
ATOM   140  N N     . PRO A 1 21  ? -2.222  4.685   -11.789 1.00 21.34 ? 21   PRO A N     1 
ATOM   141  C CA    . PRO A 1 21  ? -1.942  5.073   -13.194 1.00 21.25 ? 21   PRO A CA    1 
ATOM   142  C C     . PRO A 1 21  ? -1.002  4.169   -14.027 1.00 21.05 ? 21   PRO A C     1 
ATOM   143  O O     . PRO A 1 21  ? -0.193  4.658   -14.830 1.00 21.84 ? 21   PRO A O     1 
ATOM   144  C CB    . PRO A 1 21  ? -1.445  6.541   -13.091 1.00 20.13 ? 21   PRO A CB    1 
ATOM   145  C CG    . PRO A 1 21  ? -0.903  6.696   -11.634 1.00 21.06 ? 21   PRO A CG    1 
ATOM   146  C CD    . PRO A 1 21  ? -1.615  5.603   -10.785 1.00 20.77 ? 21   PRO A CD    1 
ATOM   147  N N     . TRP A 1 22  ? -1.086  2.863   -13.840 1.00 21.20 ? 22   TRP A N     1 
ATOM   148  C CA    . TRP A 1 22  ? -0.299  1.910   -14.663 1.00 21.06 ? 22   TRP A CA    1 
ATOM   149  C C     . TRP A 1 22  ? -0.859  0.530   -14.416 1.00 22.51 ? 22   TRP A C     1 
ATOM   150  O O     . TRP A 1 22  ? -1.616  0.319   -13.475 1.00 21.55 ? 22   TRP A O     1 
ATOM   151  C CB    . TRP A 1 22  ? 1.211   1.924   -14.324 1.00 19.23 ? 22   TRP A CB    1 
ATOM   152  C CG    . TRP A 1 22  ? 1.492   1.547   -12.896 1.00 17.26 ? 22   TRP A CG    1 
ATOM   153  C CD1   . TRP A 1 22  ? 1.557   0.301   -12.373 1.00 16.09 ? 22   TRP A CD1   1 
ATOM   154  C CD2   . TRP A 1 22  ? 1.776   2.451   -11.829 1.00 17.28 ? 22   TRP A CD2   1 
ATOM   155  N NE1   . TRP A 1 22  ? 1.841   0.356   -11.018 1.00 17.41 ? 22   TRP A NE1   1 
ATOM   156  C CE2   . TRP A 1 22  ? 1.983   1.675   -10.667 1.00 13.01 ? 22   TRP A CE2   1 
ATOM   157  C CE3   . TRP A 1 22  ? 1.801   3.865   -11.727 1.00 16.87 ? 22   TRP A CE3   1 
ATOM   158  C CZ2   . TRP A 1 22  ? 2.221   2.257   -9.383  1.00 16.07 ? 22   TRP A CZ2   1 
ATOM   159  C CZ3   . TRP A 1 22  ? 2.065   4.437   -10.435 1.00 14.59 ? 22   TRP A CZ3   1 
ATOM   160  C CH2   . TRP A 1 22  ? 2.275   3.629   -9.309  1.00 13.74 ? 22   TRP A CH2   1 
ATOM   161  N N     . ARG A 1 23  ? -0.462  -0.422  -15.247 1.00 25.66 ? 23   ARG A N     1 
ATOM   162  C CA    . ARG A 1 23  ? -0.827  -1.811  -14.978 1.00 28.82 ? 23   ARG A CA    1 
ATOM   163  C C     . ARG A 1 23  ? 0.420   -2.610  -14.739 1.00 27.36 ? 23   ARG A C     1 
ATOM   164  O O     . ARG A 1 23  ? 1.401   -2.448  -15.465 1.00 28.92 ? 23   ARG A O     1 
ATOM   165  C CB    . ARG A 1 23  ? -1.719  -2.406  -16.108 1.00 29.97 ? 23   ARG A CB    1 
ATOM   166  C CG    . ARG A 1 23  ? -3.199  -1.955  -15.962 1.00 35.84 ? 23   ARG A CG    1 
ATOM   167  C CD    . ARG A 1 23  ? -3.830  -2.518  -14.680 1.00 45.61 ? 23   ARG A CD    1 
ATOM   168  N NE    . ARG A 1 23  ? -5.152  -1.950  -14.397 1.00 54.88 ? 23   ARG A NE    1 
ATOM   169  C CZ    . ARG A 1 23  ? -6.324  -2.578  -14.585 1.00 58.73 ? 23   ARG A CZ    1 
ATOM   170  N NH1   . ARG A 1 23  ? -6.372  -3.823  -15.063 1.00 60.12 ? 23   ARG A NH1   1 
ATOM   171  N NH2   . ARG A 1 23  ? -7.466  -1.952  -14.289 1.00 60.43 ? 23   ARG A NH2   1 
ATOM   172  N N     . LEU A 1 24  ? 0.384   -3.432  -13.688 1.00 26.84 ? 24   LEU A N     1 
ATOM   173  C CA    . LEU A 1 24  ? 1.549   -4.245  -13.297 1.00 27.86 ? 24   LEU A CA    1 
ATOM   174  C C     . LEU A 1 24  ? 1.076   -5.511  -12.583 1.00 28.30 ? 24   LEU A C     1 
ATOM   175  O O     . LEU A 1 24  ? 1.273   -5.672  -11.373 1.00 28.47 ? 24   LEU A O     1 
ATOM   176  C CB    . LEU A 1 24  ? 2.580   -3.453  -12.428 1.00 26.66 ? 24   LEU A CB    1 
ATOM   177  C CG    . LEU A 1 24  ? 3.947   -4.105  -12.132 1.00 28.17 ? 24   LEU A CG    1 
ATOM   178  C CD1   . LEU A 1 24  ? 4.860   -4.095  -13.335 1.00 34.20 ? 24   LEU A CD1   1 
ATOM   179  C CD2   . LEU A 1 24  ? 4.667   -3.450  -10.941 1.00 26.47 ? 24   LEU A CD2   1 
ATOM   180  N N     . PRO A 1 25  ? 0.432   -6.430  -13.332 1.00 29.77 ? 25   PRO A N     1 
ATOM   181  C CA    . PRO A 1 25  ? -0.131  -7.632  -12.691 1.00 29.60 ? 25   PRO A CA    1 
ATOM   182  C C     . PRO A 1 25  ? 0.936   -8.542  -12.076 1.00 28.97 ? 25   PRO A C     1 
ATOM   183  O O     . PRO A 1 25  ? 0.640   -9.336  -11.166 1.00 29.05 ? 25   PRO A O     1 
ATOM   184  C CB    . PRO A 1 25  ? -0.896  -8.327  -13.846 1.00 30.35 ? 25   PRO A CB    1 
ATOM   185  C CG    . PRO A 1 25  ? -0.250  -7.813  -15.091 1.00 29.77 ? 25   PRO A CG    1 
ATOM   186  C CD    . PRO A 1 25  ? 0.120   -6.380  -14.775 1.00 29.70 ? 25   PRO A CD    1 
ATOM   187  N N     . GLU A 1 26  ? 2.175   -8.391  -12.521 1.00 27.40 ? 26   GLU A N     1 
ATOM   188  C CA    . GLU A 1 26  ? 3.269   -9.119  -11.948 1.00 28.47 ? 26   GLU A CA    1 
ATOM   189  C C     . GLU A 1 26  ? 3.451   -8.781  -10.470 1.00 28.93 ? 26   GLU A C     1 
ATOM   190  O O     . GLU A 1 26  ? 4.049   -9.561  -9.749  1.00 29.93 ? 26   GLU A O     1 
ATOM   191  C CB    . GLU A 1 26  ? 4.587   -8.821  -12.674 1.00 29.05 ? 26   GLU A CB    1 
ATOM   192  C CG    . GLU A 1 26  ? 4.712   -9.405  -14.117 1.00 29.48 ? 26   GLU A CG    1 
ATOM   193  C CD    . GLU A 1 26  ? 3.991   -8.600  -15.147 1.00 29.45 ? 26   GLU A CD    1 
ATOM   194  O OE1   . GLU A 1 26  ? 3.277   -7.645  -14.792 1.00 28.24 ? 26   GLU A OE1   1 
ATOM   195  O OE2   . GLU A 1 26  ? 4.086   -8.934  -16.358 1.00 32.73 ? 26   GLU A OE2   1 
ATOM   196  N N     . ASP A 1 27  ? 2.922   -7.631  -10.046 1.00 28.36 ? 27   ASP A N     1 
ATOM   197  C CA    . ASP A 1 27  ? 3.056   -7.144  -8.671  1.00 30.48 ? 27   ASP A CA    1 
ATOM   198  C C     . ASP A 1 27  ? 2.180   -7.984  -7.698  1.00 30.41 ? 27   ASP A C     1 
ATOM   199  O O     . ASP A 1 27  ? 2.485   -8.100  -6.486  1.00 28.50 ? 27   ASP A O     1 
ATOM   200  C CB    . ASP A 1 27  ? 2.574   -5.688  -8.630  1.00 31.07 ? 27   ASP A CB    1 
ATOM   201  C CG    . ASP A 1 27  ? 3.158   -4.888  -7.485  1.00 35.98 ? 27   ASP A CG    1 
ATOM   202  O OD1   . ASP A 1 27  ? 4.172   -5.308  -6.859  1.00 39.20 ? 27   ASP A OD1   1 
ATOM   203  O OD2   . ASP A 1 27  ? 2.578   -3.804  -7.238  1.00 39.02 ? 27   ASP A OD2   1 
ATOM   204  N N     . GLN A 1 28  ? 1.117   -8.569  -8.246  1.00 30.85 ? 28   GLN A N     1 
ATOM   205  C CA    . GLN A 1 28  ? 0.084   -9.230  -7.436  1.00 31.34 ? 28   GLN A CA    1 
ATOM   206  C C     . GLN A 1 28  ? 0.576   -10.395 -6.577  1.00 31.08 ? 28   GLN A C     1 
ATOM   207  O O     . GLN A 1 28  ? 0.151   -10.533 -5.432  1.00 30.75 ? 28   GLN A O     1 
ATOM   208  C CB    . GLN A 1 28  ? -1.122  -9.606  -8.298  1.00 33.15 ? 28   GLN A CB    1 
ATOM   209  C CG    . GLN A 1 28  ? -2.172  -8.486  -8.355  1.00 38.52 ? 28   GLN A CG    1 
ATOM   210  C CD    . GLN A 1 28  ? -2.098  -7.612  -9.607  1.00 46.28 ? 28   GLN A CD    1 
ATOM   211  O OE1   . GLN A 1 28  ? -1.280  -6.675  -9.692  1.00 50.87 ? 28   GLN A OE1   1 
ATOM   212  N NE2   . GLN A 1 28  ? -2.987  -7.889  -10.585 1.00 47.24 ? 28   GLN A NE2   1 
ATOM   213  N N     . ALA A 1 29  ? 1.464   -11.238 -7.113  1.00 30.15 ? 29   ALA A N     1 
ATOM   214  C CA    . ALA A 1 29  ? 1.949   -12.394 -6.356  1.00 28.92 ? 29   ALA A CA    1 
ATOM   215  C C     . ALA A 1 29  ? 2.831   -11.995 -5.172  1.00 27.78 ? 29   ALA A C     1 
ATOM   216  O O     . ALA A 1 29  ? 2.856   -12.675 -4.153  1.00 26.14 ? 29   ALA A O     1 
ATOM   217  C CB    . ALA A 1 29  ? 2.718   -13.374 -7.266  1.00 29.91 ? 29   ALA A CB    1 
ATOM   218  N N     . HIS A 1 30  ? 3.621   -10.931 -5.360  1.00 26.23 ? 30   HIS A N     1 
ATOM   219  C CA    . HIS A 1 30  ? 4.480   -10.449 -4.303  1.00 24.59 ? 30   HIS A CA    1 
ATOM   220  C C     . HIS A 1 30  ? 3.598   -9.808  -3.210  1.00 22.08 ? 30   HIS A C     1 
ATOM   221  O O     . HIS A 1 30  ? 3.826   -10.052 -2.031  1.00 21.31 ? 30   HIS A O     1 
ATOM   222  C CB    . HIS A 1 30  ? 5.508   -9.443  -4.857  1.00 25.76 ? 30   HIS A CB    1 
ATOM   223  C CG    . HIS A 1 30  ? 6.234   -8.683  -3.795  1.00 25.74 ? 30   HIS A CG    1 
ATOM   224  N ND1   . HIS A 1 30  ? 6.136   -7.311  -3.673  1.00 28.89 ? 30   HIS A ND1   1 
ATOM   225  C CD2   . HIS A 1 30  ? 7.026   -9.102  -2.781  1.00 30.16 ? 30   HIS A CD2   1 
ATOM   226  C CE1   . HIS A 1 30  ? 6.866   -6.915  -2.645  1.00 30.94 ? 30   HIS A CE1   1 
ATOM   227  N NE2   . HIS A 1 30  ? 7.408   -7.983  -2.080  1.00 31.75 ? 30   HIS A NE2   1 
ATOM   228  N N     . PHE A 1 31  ? 2.622   -9.008  -3.615  1.00 22.11 ? 31   PHE A N     1 
ATOM   229  C CA    . PHE A 1 31  ? 1.689   -8.395  -2.648  1.00 22.64 ? 31   PHE A CA    1 
ATOM   230  C C     . PHE A 1 31  ? 0.988   -9.492  -1.817  1.00 22.83 ? 31   PHE A C     1 
ATOM   231  O O     . PHE A 1 31  ? 0.887   -9.377  -0.599  1.00 20.88 ? 31   PHE A O     1 
ATOM   232  C CB    . PHE A 1 31  ? 0.665   -7.554  -3.411  1.00 22.89 ? 31   PHE A CB    1 
ATOM   233  C CG    . PHE A 1 31  ? -0.382  -6.918  -2.541  1.00 21.83 ? 31   PHE A CG    1 
ATOM   234  C CD1   . PHE A 1 31  ? -0.121  -5.682  -1.905  1.00 22.90 ? 31   PHE A CD1   1 
ATOM   235  C CD2   . PHE A 1 31  ? -1.647  -7.540  -2.355  1.00 21.49 ? 31   PHE A CD2   1 
ATOM   236  C CE1   . PHE A 1 31  ? -1.086  -5.072  -1.050  1.00 23.23 ? 31   PHE A CE1   1 
ATOM   237  C CE2   . PHE A 1 31  ? -2.618  -6.930  -1.524  1.00 21.54 ? 31   PHE A CE2   1 
ATOM   238  C CZ    . PHE A 1 31  ? -2.322  -5.670  -0.877  1.00 19.73 ? 31   PHE A CZ    1 
ATOM   239  N N     . ARG A 1 32  ? 0.475   -10.546 -2.478  1.00 23.79 ? 32   ARG A N     1 
ATOM   240  C CA    . ARG A 1 32  ? -0.148  -11.687 -1.749  1.00 25.35 ? 32   ARG A CA    1 
ATOM   241  C C     . ARG A 1 32  ? 0.821   -12.361 -0.814  1.00 25.51 ? 32   ARG A C     1 
ATOM   242  O O     . ARG A 1 32  ? 0.458   -12.654 0.326   1.00 25.31 ? 32   ARG A O     1 
ATOM   243  C CB    . ARG A 1 32  ? -0.787  -12.746 -2.710  1.00 25.86 ? 32   ARG A CB    1 
ATOM   244  C CG    . ARG A 1 32  ? -2.078  -12.303 -3.340  1.00 28.03 ? 32   ARG A CG    1 
ATOM   245  C CD    . ARG A 1 32  ? -2.892  -13.483 -4.051  1.00 29.85 ? 32   ARG A CD    1 
ATOM   246  N NE    . ARG A 1 32  ? -2.004  -14.286 -4.899  1.00 36.14 ? 32   ARG A NE    1 
ATOM   247  C CZ    . ARG A 1 32  ? -1.669  -13.968 -6.151  1.00 38.62 ? 32   ARG A CZ    1 
ATOM   248  N NH1   . ARG A 1 32  ? -2.171  -12.881 -6.728  1.00 38.67 ? 32   ARG A NH1   1 
ATOM   249  N NH2   . ARG A 1 32  ? -0.822  -14.754 -6.827  1.00 42.80 ? 32   ARG A NH2   1 
ATOM   250  N N     . GLU A 1 33  ? 2.058   -12.628 -1.260  1.00 25.09 ? 33   GLU A N     1 
ATOM   251  C CA    . GLU A 1 33  ? 3.052   -13.293 -0.396  1.00 25.95 ? 33   GLU A CA    1 
ATOM   252  C C     . GLU A 1 33  ? 3.314   -12.513 0.900   1.00 24.57 ? 33   GLU A C     1 
ATOM   253  O O     . GLU A 1 33  ? 3.367   -13.074 1.998   1.00 23.49 ? 33   GLU A O     1 
ATOM   254  C CB    . GLU A 1 33  ? 4.359   -13.589 -1.179  1.00 27.43 ? 33   GLU A CB    1 
ATOM   255  C CG    . GLU A 1 33  ? 5.719   -13.276 -0.507  1.00 35.47 ? 33   GLU A CG    1 
ATOM   256  C CD    . GLU A 1 33  ? 6.040   -14.034 0.814   1.00 44.15 ? 33   GLU A CD    1 
ATOM   257  O OE1   . GLU A 1 33  ? 5.663   -15.224 0.980   1.00 49.24 ? 33   GLU A OE1   1 
ATOM   258  O OE2   . GLU A 1 33  ? 6.683   -13.420 1.707   1.00 48.68 ? 33   GLU A OE2   1 
ATOM   259  N N     . ILE A 1 34  ? 3.452   -11.201 0.762   1.00 22.93 ? 34   ILE A N     1 
ATOM   260  C CA    . ILE A 1 34  ? 3.729   -10.387 1.925   1.00 21.98 ? 34   ILE A CA    1 
ATOM   261  C C     . ILE A 1 34  ? 2.510   -10.394 2.861   1.00 20.04 ? 34   ILE A C     1 
ATOM   262  O O     . ILE A 1 34  ? 2.645   -10.567 4.082   1.00 21.99 ? 34   ILE A O     1 
ATOM   263  C CB    . ILE A 1 34  ? 4.174   -8.931  1.475   1.00 21.49 ? 34   ILE A CB    1 
ATOM   264  C CG1   . ILE A 1 34  ? 5.529   -8.949  0.722   1.00 20.85 ? 34   ILE A CG1   1 
ATOM   265  C CG2   . ILE A 1 34  ? 4.177   -7.940  2.675   1.00 21.86 ? 34   ILE A CG2   1 
ATOM   266  C CD1   . ILE A 1 34  ? 6.699   -9.413  1.520   1.00 24.28 ? 34   ILE A CD1   1 
ATOM   267  N N     . THR A 1 35  ? 1.333   -10.240 2.290   1.00 19.23 ? 35   THR A N     1 
ATOM   268  C CA    . THR A 1 35  ? 0.138   -9.884  3.075   1.00 18.47 ? 35   THR A CA    1 
ATOM   269  C C     . THR A 1 35  ? -0.717  -11.074 3.545   1.00 19.40 ? 35   THR A C     1 
ATOM   270  O O     . THR A 1 35  ? -1.413  -10.970 4.545   1.00 18.47 ? 35   THR A O     1 
ATOM   271  C CB    . THR A 1 35  ? -0.740  -8.840  2.363   1.00 19.59 ? 35   THR A CB    1 
ATOM   272  O OG1   . THR A 1 35  ? -1.299  -9.371  1.148   1.00 17.40 ? 35   THR A OG1   1 
ATOM   273  C CG2   . THR A 1 35  ? 0.068   -7.546  2.031   1.00 18.53 ? 35   THR A CG2   1 
ATOM   274  N N     . MET A 1 36  ? -0.635  -12.206 2.843   1.00 19.21 ? 36   MET A N     1 
ATOM   275  C CA    . MET A 1 36  ? -1.550  -13.312 3.111   1.00 19.78 ? 36   MET A CA    1 
ATOM   276  C C     . MET A 1 36  ? -1.490  -13.765 4.560   1.00 18.29 ? 36   MET A C     1 
ATOM   277  O O     . MET A 1 36  ? -0.423  -13.912 5.104   1.00 18.24 ? 36   MET A O     1 
ATOM   278  C CB    . MET A 1 36  ? -1.184  -14.505 2.202   1.00 21.27 ? 36   MET A CB    1 
ATOM   279  C CG    . MET A 1 36  ? -2.208  -15.608 2.259   1.00 23.65 ? 36   MET A CG    1 
ATOM   280  S SD    . MET A 1 36  ? -3.862  -15.025 1.834   1.00 27.49 ? 36   MET A SD    1 
ATOM   281  C CE    . MET A 1 36  ? -3.775  -14.194 0.265   1.00 24.77 ? 36   MET A CE    1 
ATOM   282  N N     . GLY A 1 37  ? -2.655  -14.025 5.149   1.00 20.09 ? 37   GLY A N     1 
ATOM   283  C CA    . GLY A 1 37  ? -2.762  -14.521 6.518   1.00 19.56 ? 37   GLY A CA    1 
ATOM   284  C C     . GLY A 1 37  ? -2.690  -13.430 7.587   1.00 20.17 ? 37   GLY A C     1 
ATOM   285  O O     . GLY A 1 37  ? -2.798  -13.737 8.761   1.00 18.91 ? 37   GLY A O     1 
ATOM   286  N N     . HIS A 1 38  ? -2.519  -12.154 7.175   1.00 20.45 ? 38   HIS A N     1 
ATOM   287  C CA    . HIS A 1 38  ? -2.234  -11.067 8.138   1.00 18.85 ? 38   HIS A CA    1 
ATOM   288  C C     . HIS A 1 38  ? -3.364  -10.094 8.158   1.00 18.23 ? 38   HIS A C     1 
ATOM   289  O O     . HIS A 1 38  ? -4.251  -10.123 7.300   1.00 18.48 ? 38   HIS A O     1 
ATOM   290  C CB    . HIS A 1 38  ? -0.927  -10.304 7.809   1.00 19.46 ? 38   HIS A CB    1 
ATOM   291  C CG    . HIS A 1 38  ? 0.288   -11.162 7.884   1.00 23.81 ? 38   HIS A CG    1 
ATOM   292  N ND1   . HIS A 1 38  ? 0.604   -11.884 9.015   1.00 27.52 ? 38   HIS A ND1   1 
ATOM   293  C CD2   . HIS A 1 38  ? 1.217   -11.486 6.954   1.00 26.60 ? 38   HIS A CD2   1 
ATOM   294  C CE1   . HIS A 1 38  ? 1.683   -12.613 8.786   1.00 29.57 ? 38   HIS A CE1   1 
ATOM   295  N NE2   . HIS A 1 38  ? 2.074   -12.393 7.545   1.00 30.78 ? 38   HIS A NE2   1 
ATOM   296  N N     . THR A 1 39  ? -3.326  -9.205  9.131   1.00 15.29 ? 39   THR A N     1 
ATOM   297  C CA    . THR A 1 39  ? -4.250  -8.089  9.114   1.00 15.11 ? 39   THR A CA    1 
ATOM   298  C C     . THR A 1 39  ? -3.710  -7.057  8.122   1.00 14.05 ? 39   THR A C     1 
ATOM   299  O O     . THR A 1 39  ? -2.513  -6.730  8.124   1.00 15.49 ? 39   THR A O     1 
ATOM   300  C CB    . THR A 1 39  ? -4.431  -7.478  10.524  1.00 16.26 ? 39   THR A CB    1 
ATOM   301  O OG1   . THR A 1 39  ? -5.042  -8.492  11.350  1.00 17.04 ? 39   THR A OG1   1 
ATOM   302  C CG2   . THR A 1 39  ? -5.405  -6.220  10.463  1.00 13.18 ? 39   THR A CG2   1 
ATOM   303  N N     . ILE A 1 40  ? -4.609  -6.531  7.310   1.00 14.06 ? 40   ILE A N     1 
ATOM   304  C CA    . ILE A 1 40  ? -4.242  -5.412  6.418   1.00 14.10 ? 40   ILE A CA    1 
ATOM   305  C C     . ILE A 1 40  ? -5.101  -4.198  6.741   1.00 13.67 ? 40   ILE A C     1 
ATOM   306  O O     . ILE A 1 40  ? -6.287  -4.316  7.116   1.00 14.43 ? 40   ILE A O     1 
ATOM   307  C CB    . ILE A 1 40  ? -4.382  -5.799  4.887   1.00 14.01 ? 40   ILE A CB    1 
ATOM   308  C CG1   . ILE A 1 40  ? -5.866  -6.135  4.544   1.00 13.78 ? 40   ILE A CG1   1 
ATOM   309  C CG2   . ILE A 1 40  ? -3.375  -6.895  4.484   1.00 14.87 ? 40   ILE A CG2   1 
ATOM   310  C CD1   . ILE A 1 40  ? -6.152  -6.552  3.028   1.00 12.83 ? 40   ILE A CD1   1 
ATOM   311  N N     . VAL A 1 41  ? -4.482  -3.023  6.641   1.00 14.16 ? 41   VAL A N     1 
ATOM   312  C CA    . VAL A 1 41  ? -5.130  -1.757  6.997   1.00 13.04 ? 41   VAL A CA    1 
ATOM   313  C C     . VAL A 1 41  ? -5.066  -0.849  5.793   1.00 13.42 ? 41   VAL A C     1 
ATOM   314  O O     . VAL A 1 41  ? -4.010  -0.716  5.206   1.00 13.90 ? 41   VAL A O     1 
ATOM   315  C CB    . VAL A 1 41  ? -4.387  -1.091  8.187   1.00 13.73 ? 41   VAL A CB    1 
ATOM   316  C CG1   . VAL A 1 41  ? -4.907  0.335   8.380   1.00 15.91 ? 41   VAL A CG1   1 
ATOM   317  C CG2   . VAL A 1 41  ? -4.585  -1.967  9.440   1.00 14.85 ? 41   VAL A CG2   1 
ATOM   318  N N     . MET A 1 42  ? -6.188  -0.213  5.454   1.00 14.96 ? 42   MET A N     1 
ATOM   319  C CA    . MET A 1 42  ? -6.226  0.706   4.306   1.00 14.30 ? 42   MET A CA    1 
ATOM   320  C C     . MET A 1 42  ? -7.153  1.892   4.633   1.00 14.10 ? 42   MET A C     1 
ATOM   321  O O     . MET A 1 42  ? -8.089  1.767   5.447   1.00 13.72 ? 42   MET A O     1 
ATOM   322  C CB    . MET A 1 42  ? -6.761  -0.018  3.040   1.00 13.33 ? 42   MET A CB    1 
ATOM   323  C CG    . MET A 1 42  ? -8.313  -0.350  3.114   1.00 13.96 ? 42   MET A CG    1 
ATOM   324  S SD    . MET A 1 42  ? -8.793  -1.677  1.972   1.00 16.45 ? 42   MET A SD    1 
ATOM   325  C CE    . MET A 1 42  ? -8.340  -3.113  2.945   1.00 14.74 ? 42   MET A CE    1 
ATOM   326  N N     . GLY A 1 43  ? -6.903  3.036   4.000   1.00 15.21 ? 43   GLY A N     1 
ATOM   327  C CA    . GLY A 1 43  ? -7.876  4.176   4.030   1.00 15.05 ? 43   GLY A CA    1 
ATOM   328  C C     . GLY A 1 43  ? -9.159  3.844   3.280   1.00 15.71 ? 43   GLY A C     1 
ATOM   329  O O     . GLY A 1 43  ? -9.182  2.930   2.419   1.00 14.14 ? 43   GLY A O     1 
ATOM   330  N N     . ARG A 1 44  ? -10.238 4.550   3.628   1.00 14.24 ? 44   ARG A N     1 
ATOM   331  C CA    . ARG A 1 44  ? -11.515 4.354   2.972   1.00 15.85 ? 44   ARG A CA    1 
ATOM   332  C C     . ARG A 1 44  ? -11.416 4.482   1.429   1.00 15.62 ? 44   ARG A C     1 
ATOM   333  O O     . ARG A 1 44  ? -12.081 3.749   0.670   1.00 16.11 ? 44   ARG A O     1 
ATOM   334  C CB    . ARG A 1 44  ? -12.600 5.276   3.594   1.00 15.63 ? 44   ARG A CB    1 
ATOM   335  C CG    . ARG A 1 44  ? -14.026 4.894   3.196   1.00 18.87 ? 44   ARG A CG    1 
ATOM   336  C CD    . ARG A 1 44  ? -14.477 5.664   1.935   1.00 21.05 ? 44   ARG A CD    1 
ATOM   337  N NE    . ARG A 1 44  ? -14.315 7.112   2.153   1.00 20.92 ? 44   ARG A NE    1 
ATOM   338  C CZ    . ARG A 1 44  ? -14.395 8.003   1.166   1.00 24.82 ? 44   ARG A CZ    1 
ATOM   339  N NH1   . ARG A 1 44  ? -14.630 7.602   -0.078  1.00 25.71 ? 44   ARG A NH1   1 
ATOM   340  N NH2   . ARG A 1 44  ? -14.246 9.291   1.415   1.00 27.51 ? 44   ARG A NH2   1 
ATOM   341  N N     . ARG A 1 45  ? -10.615 5.441   0.934   1.00 14.51 ? 45   ARG A N     1 
ATOM   342  C CA    . ARG A 1 45  ? -10.579 5.560   -0.514  1.00 14.85 ? 45   ARG A CA    1 
ATOM   343  C C     . ARG A 1 45  ? -9.983  4.326   -1.189  1.00 14.89 ? 45   ARG A C     1 
ATOM   344  O O     . ARG A 1 45  ? -10.414 3.937   -2.280  1.00 16.16 ? 45   ARG A O     1 
ATOM   345  C CB    . ARG A 1 45  ? -9.860  6.840   -0.946  1.00 15.32 ? 45   ARG A CB    1 
ATOM   346  C CG    . ARG A 1 45  ? -10.634 8.115   -0.529  1.00 15.96 ? 45   ARG A CG    1 
ATOM   347  C CD    . ARG A 1 45  ? -9.786  9.290   -1.122  1.00 21.36 ? 45   ARG A CD    1 
ATOM   348  N NE    . ARG A 1 45  ? -10.359 10.606  -1.017  1.00 23.55 ? 45   ARG A NE    1 
ATOM   349  C CZ    . ARG A 1 45  ? -9.621  11.723  -1.090  1.00 26.76 ? 45   ARG A CZ    1 
ATOM   350  N NH1   . ARG A 1 45  ? -8.280  11.671  -1.205  1.00 18.32 ? 45   ARG A NH1   1 
ATOM   351  N NH2   . ARG A 1 45  ? -10.226 12.895  -1.005  1.00 27.06 ? 45   ARG A NH2   1 
ATOM   352  N N     . VAL A 1 46  ? -8.961  3.743   -0.564  1.00 13.87 ? 46   VAL A N     1 
ATOM   353  C CA    . VAL A 1 46  ? -8.308  2.535   -1.090  1.00 14.62 ? 46   VAL A CA    1 
ATOM   354  C C     . VAL A 1 46  ? -9.315  1.359   -1.132  1.00 15.95 ? 46   VAL A C     1 
ATOM   355  O O     . VAL A 1 46  ? -9.388  0.647   -2.135  1.00 14.25 ? 46   VAL A O     1 
ATOM   356  C CB    . VAL A 1 46  ? -7.001  2.213   -0.309  1.00 14.85 ? 46   VAL A CB    1 
ATOM   357  C CG1   . VAL A 1 46  ? -6.360  0.768   -0.665  1.00 14.57 ? 46   VAL A CG1   1 
ATOM   358  C CG2   . VAL A 1 46  ? -5.977  3.284   -0.574  1.00 6.45  ? 46   VAL A CG2   1 
ATOM   359  N N     . TRP A 1 47  ? -10.083 1.155   -0.055  1.00 15.94 ? 47   TRP A N     1 
ATOM   360  C CA    . TRP A 1 47  ? -11.205 0.189   -0.078  1.00 18.31 ? 47   TRP A CA    1 
ATOM   361  C C     . TRP A 1 47  ? -12.130 0.446   -1.291  1.00 19.04 ? 47   TRP A C     1 
ATOM   362  O O     . TRP A 1 47  ? -12.423 -0.469  -2.057  1.00 20.81 ? 47   TRP A O     1 
ATOM   363  C CB    . TRP A 1 47  ? -11.989 0.299   1.245   1.00 18.47 ? 47   TRP A CB    1 
ATOM   364  C CG    . TRP A 1 47  ? -13.265 -0.546  1.259   1.00 20.75 ? 47   TRP A CG    1 
ATOM   365  C CD1   . TRP A 1 47  ? -14.541 -0.123  0.957   1.00 21.74 ? 47   TRP A CD1   1 
ATOM   366  C CD2   . TRP A 1 47  ? -13.370 -1.952  1.591   1.00 19.71 ? 47   TRP A CD2   1 
ATOM   367  N NE1   . TRP A 1 47  ? -15.421 -1.191  1.081   1.00 21.99 ? 47   TRP A NE1   1 
ATOM   368  C CE2   . TRP A 1 47  ? -14.737 -2.306  1.484   1.00 20.25 ? 47   TRP A CE2   1 
ATOM   369  C CE3   . TRP A 1 47  ? -12.439 -2.935  1.982   1.00 21.91 ? 47   TRP A CE3   1 
ATOM   370  C CZ2   . TRP A 1 47  ? -15.208 -3.633  1.713   1.00 22.04 ? 47   TRP A CZ2   1 
ATOM   371  C CZ3   . TRP A 1 47  ? -12.907 -4.257  2.246   1.00 20.04 ? 47   TRP A CZ3   1 
ATOM   372  C CH2   . TRP A 1 47  ? -14.290 -4.579  2.103   1.00 21.19 ? 47   TRP A CH2   1 
ATOM   373  N N     . ASP A 1 48  ? -12.541 1.699   -1.483  1.00 20.71 ? 48   ASP A N     1 
ATOM   374  C CA    . ASP A 1 48  ? -13.391 2.081   -2.632  1.00 22.03 ? 48   ASP A CA    1 
ATOM   375  C C     . ASP A 1 48  ? -12.714 1.710   -3.956  1.00 23.45 ? 48   ASP A C     1 
ATOM   376  O O     . ASP A 1 48  ? -13.391 1.320   -4.899  1.00 23.47 ? 48   ASP A O     1 
ATOM   377  C CB    . ASP A 1 48  ? -13.691 3.573   -2.644  1.00 21.58 ? 48   ASP A CB    1 
ATOM   378  C CG    . ASP A 1 48  ? -14.676 4.014   -1.545  1.00 23.00 ? 48   ASP A CG    1 
ATOM   379  O OD1   . ASP A 1 48  ? -15.361 3.197   -0.866  1.00 21.64 ? 48   ASP A OD1   1 
ATOM   380  O OD2   . ASP A 1 48  ? -14.734 5.224   -1.362  1.00 22.42 ? 48   ASP A OD2   1 
ATOM   381  N N     . SER A 1 49  ? -11.382 1.808   -4.008  1.00 23.08 ? 49   SER A N     1 
ATOM   382  C CA    . SER A 1 49  ? -10.634 1.501   -5.236  1.00 24.85 ? 49   SER A CA    1 
ATOM   383  C C     . SER A 1 49  ? -10.580 -0.015  -5.547  1.00 25.32 ? 49   SER A C     1 
ATOM   384  O O     . SER A 1 49  ? -10.247 -0.414  -6.676  1.00 24.62 ? 49   SER A O     1 
ATOM   385  C CB    . SER A 1 49  ? -9.202  2.080   -5.211  1.00 23.09 ? 49   SER A CB    1 
ATOM   386  O OG    . SER A 1 49  ? -8.321  1.291   -4.404  1.00 26.37 ? 49   SER A OG    1 
ATOM   387  N N     . LEU A 1 50  ? -10.881 -0.855  -4.566  1.00 24.18 ? 50   LEU A N     1 
ATOM   388  C CA    . LEU A 1 50  ? -10.909 -2.314  -4.840  1.00 24.91 ? 50   LEU A CA    1 
ATOM   389  C C     . LEU A 1 50  ? -12.213 -2.692  -5.581  1.00 26.39 ? 50   LEU A C     1 
ATOM   390  O O     . LEU A 1 50  ? -13.307 -2.252  -5.227  1.00 25.98 ? 50   LEU A O     1 
ATOM   391  C CB    . LEU A 1 50  ? -10.762 -3.148  -3.563  1.00 23.38 ? 50   LEU A CB    1 
ATOM   392  C CG    . LEU A 1 50  ? -9.554  -2.869  -2.672  1.00 22.48 ? 50   LEU A CG    1 
ATOM   393  C CD1   . LEU A 1 50  ? -9.764  -3.594  -1.356  1.00 23.98 ? 50   LEU A CD1   1 
ATOM   394  C CD2   . LEU A 1 50  ? -8.242  -3.309  -3.256  1.00 25.35 ? 50   LEU A CD2   1 
ATOM   395  N N     . PRO A 1 51  ? -12.085 -3.466  -6.656  1.00 29.72 ? 51   PRO A N     1 
ATOM   396  C CA    . PRO A 1 51  ? -13.295 -3.979  -7.341  1.00 30.19 ? 51   PRO A CA    1 
ATOM   397  C C     . PRO A 1 51  ? -14.100 -4.885  -6.389  1.00 30.93 ? 51   PRO A C     1 
ATOM   398  O O     . PRO A 1 51  ? -13.495 -5.580  -5.545  1.00 29.13 ? 51   PRO A O     1 
ATOM   399  C CB    . PRO A 1 51  ? -12.709 -4.778  -8.518  1.00 30.44 ? 51   PRO A CB    1 
ATOM   400  C CG    . PRO A 1 51  ? -11.332 -4.151  -8.745  1.00 32.33 ? 51   PRO A CG    1 
ATOM   401  C CD    . PRO A 1 51  ? -10.837 -3.891  -7.321  1.00 29.42 ? 51   PRO A CD    1 
ATOM   402  N N     . ALA A 1 52  ? -15.434 -4.851  -6.525  1.00 32.09 ? 52   ALA A N     1 
ATOM   403  C CA    . ALA A 1 52  ? -16.366 -5.647  -5.707  1.00 33.19 ? 52   ALA A CA    1 
ATOM   404  C C     . ALA A 1 52  ? -15.993 -7.129  -5.607  1.00 33.64 ? 52   ALA A C     1 
ATOM   405  O O     . ALA A 1 52  ? -16.131 -7.737  -4.543  1.00 33.26 ? 52   ALA A O     1 
ATOM   406  C CB    . ALA A 1 52  ? -17.828 -5.495  -6.229  1.00 34.08 ? 52   ALA A CB    1 
ATOM   407  N N     . LYS A 1 53  ? -15.489 -7.699  -6.703  1.00 34.20 ? 53   LYS A N     1 
ATOM   408  C CA    . LYS A 1 53  ? -15.192 -9.125  -6.726  1.00 35.06 ? 53   LYS A CA    1 
ATOM   409  C C     . LYS A 1 53  ? -13.977 -9.464  -5.882  1.00 33.84 ? 53   LYS A C     1 
ATOM   410  O O     . LYS A 1 53  ? -13.851 -10.586 -5.399  1.00 34.04 ? 53   LYS A O     1 
ATOM   411  C CB    . LYS A 1 53  ? -15.083 -9.655  -8.171  1.00 35.95 ? 53   LYS A CB    1 
ATOM   412  C CG    . LYS A 1 53  ? -13.705 -9.633  -8.829  1.00 37.78 ? 53   LYS A CG    1 
ATOM   413  C CD    . LYS A 1 53  ? -13.863 -9.660  -10.353 1.00 39.52 ? 53   LYS A CD    1 
ATOM   414  C CE    . LYS A 1 53  ? -12.580 -9.206  -11.089 1.00 46.75 ? 53   LYS A CE    1 
ATOM   415  N NZ    . LYS A 1 53  ? -11.949 -7.903  -10.590 1.00 48.21 ? 53   LYS A NZ    1 
ATOM   416  N N     . VAL A 1 54  ? -13.117 -8.476  -5.643  1.00 31.59 ? 54   VAL A N     1 
ATOM   417  C CA    . VAL A 1 54  ? -11.879 -8.721  -4.900  1.00 31.15 ? 54   VAL A CA    1 
ATOM   418  C C     . VAL A 1 54  ? -11.918 -8.202  -3.469  1.00 29.77 ? 54   VAL A C     1 
ATOM   419  O O     . VAL A 1 54  ? -10.963 -8.393  -2.760  1.00 32.51 ? 54   VAL A O     1 
ATOM   420  C CB    . VAL A 1 54  ? -10.626 -8.158  -5.646  1.00 31.84 ? 54   VAL A CB    1 
ATOM   421  C CG1   . VAL A 1 54  ? -10.819 -8.240  -7.177  1.00 33.95 ? 54   VAL A CG1   1 
ATOM   422  C CG2   . VAL A 1 54  ? -10.301 -6.726  -5.252  1.00 30.06 ? 54   VAL A CG2   1 
ATOM   423  N N     . ARG A 1 55  ? -12.991 -7.535  -3.053  1.00 26.87 ? 55   ARG A N     1 
ATOM   424  C CA    . ARG A 1 55  ? -13.064 -6.999  -1.711  1.00 26.36 ? 55   ARG A CA    1 
ATOM   425  C C     . ARG A 1 55  ? -14.162 -7.628  -0.842  1.00 24.96 ? 55   ARG A C     1 
ATOM   426  O O     . ARG A 1 55  ? -15.217 -7.956  -1.364  1.00 26.99 ? 55   ARG A O     1 
ATOM   427  C CB    . ARG A 1 55  ? -13.176 -5.499  -1.728  1.00 26.76 ? 55   ARG A CB    1 
ATOM   428  C CG    . ARG A 1 55  ? -14.494 -5.004  -2.053  1.00 27.37 ? 55   ARG A CG    1 
ATOM   429  C CD    . ARG A 1 55  ? -14.488 -3.556  -1.877  1.00 27.48 ? 55   ARG A CD    1 
ATOM   430  N NE    . ARG A 1 55  ? -15.844 -3.142  -2.112  1.00 35.16 ? 55   ARG A NE    1 
ATOM   431  C CZ    . ARG A 1 55  ? -16.210 -1.965  -2.577  1.00 40.12 ? 55   ARG A CZ    1 
ATOM   432  N NH1   . ARG A 1 55  ? -15.295 -1.020  -2.858  1.00 41.47 ? 55   ARG A NH1   1 
ATOM   433  N NH2   . ARG A 1 55  ? -17.505 -1.739  -2.749  1.00 40.69 ? 55   ARG A NH2   1 
ATOM   434  N N     . PRO A 1 56  ? -13.848 -7.964  0.433   1.00 23.32 ? 56   PRO A N     1 
ATOM   435  C CA    . PRO A 1 56  ? -12.547 -7.851  1.095   1.00 21.24 ? 56   PRO A CA    1 
ATOM   436  C C     . PRO A 1 56  ? -11.520 -8.751  0.397   1.00 21.47 ? 56   PRO A C     1 
ATOM   437  O O     . PRO A 1 56  ? -11.881 -9.785  -0.218  1.00 19.82 ? 56   PRO A O     1 
ATOM   438  C CB    . PRO A 1 56  ? -12.821 -8.445  2.478   1.00 21.52 ? 56   PRO A CB    1 
ATOM   439  C CG    . PRO A 1 56  ? -13.944 -9.442  2.218   1.00 22.10 ? 56   PRO A CG    1 
ATOM   440  C CD    . PRO A 1 56  ? -14.828 -8.675  1.294   1.00 21.82 ? 56   PRO A CD    1 
ATOM   441  N N     . LEU A 1 57  ? -10.251 -8.389  0.527   1.00 20.09 ? 57   LEU A N     1 
ATOM   442  C CA    . LEU A 1 57  ? -9.174  -9.244  0.056   1.00 20.63 ? 57   LEU A CA    1 
ATOM   443  C C     . LEU A 1 57  ? -9.179  -10.540 0.846   1.00 20.48 ? 57   LEU A C     1 
ATOM   444  O O     . LEU A 1 57  ? -9.055  -10.538 2.072   1.00 18.24 ? 57   LEU A O     1 
ATOM   445  C CB    . LEU A 1 57  ? -7.795  -8.554  0.156   1.00 20.68 ? 57   LEU A CB    1 
ATOM   446  C CG    . LEU A 1 57  ? -7.677  -7.332  -0.769  1.00 22.16 ? 57   LEU A CG    1 
ATOM   447  C CD1   . LEU A 1 57  ? -6.443  -6.565  -0.376  1.00 26.37 ? 57   LEU A CD1   1 
ATOM   448  C CD2   . LEU A 1 57  ? -7.546  -7.770  -2.227  1.00 25.22 ? 57   LEU A CD2   1 
ATOM   449  N N     . PRO A 1 58  ? -9.314  -11.680 0.128   1.00 20.77 ? 58   PRO A N     1 
ATOM   450  C CA    . PRO A 1 58  ? -9.418  -12.951 0.864   1.00 20.47 ? 58   PRO A CA    1 
ATOM   451  C C     . PRO A 1 58  ? -8.139  -13.395 1.571   1.00 19.06 ? 58   PRO A C     1 
ATOM   452  O O     . PRO A 1 58  ? -6.991  -13.073 1.148   1.00 17.96 ? 58   PRO A O     1 
ATOM   453  C CB    . PRO A 1 58  ? -9.877  -13.956 -0.222  1.00 21.42 ? 58   PRO A CB    1 
ATOM   454  C CG    . PRO A 1 58  ? -9.574  -13.306 -1.512  1.00 24.01 ? 58   PRO A CG    1 
ATOM   455  C CD    . PRO A 1 58  ? -9.451  -11.830 -1.328  1.00 21.99 ? 58   PRO A CD    1 
ATOM   456  N N     . GLY A 1 59  ? -8.337  -14.155 2.663   1.00 17.02 ? 59   GLY A N     1 
ATOM   457  C CA    . GLY A 1 59  ? -7.242  -14.738 3.395   1.00 16.03 ? 59   GLY A CA    1 
ATOM   458  C C     . GLY A 1 59  ? -6.561  -13.692 4.300   1.00 16.49 ? 59   GLY A C     1 
ATOM   459  O O     . GLY A 1 59  ? -5.526  -13.976 4.889   1.00 16.32 ? 59   GLY A O     1 
ATOM   460  N N     . ARG A 1 60  ? -7.127  -12.486 4.364   1.00 16.78 ? 60   ARG A N     1 
ATOM   461  C CA    . ARG A 1 60  ? -6.562  -11.388 5.190   1.00 17.59 ? 60   ARG A CA    1 
ATOM   462  C C     . ARG A 1 60  ? -7.659  -10.726 5.972   1.00 16.43 ? 60   ARG A C     1 
ATOM   463  O O     . ARG A 1 60  ? -8.775  -10.621 5.515   1.00 17.23 ? 60   ARG A O     1 
ATOM   464  C CB    . ARG A 1 60  ? -5.828  -10.327 4.300   1.00 18.14 ? 60   ARG A CB    1 
ATOM   465  C CG    . ARG A 1 60  ? -4.475  -10.878 3.807   1.00 18.07 ? 60   ARG A CG    1 
ATOM   466  C CD    . ARG A 1 60  ? -4.093  -10.404 2.414   1.00 15.94 ? 60   ARG A CD    1 
ATOM   467  N NE    . ARG A 1 60  ? -4.952  -10.999 1.363   1.00 20.05 ? 60   ARG A NE    1 
ATOM   468  C CZ    . ARG A 1 60  ? -4.781  -10.846 0.054   1.00 22.20 ? 60   ARG A CZ    1 
ATOM   469  N NH1   . ARG A 1 60  ? -3.763  -10.097 -0.421  1.00 23.10 ? 60   ARG A NH1   1 
ATOM   470  N NH2   . ARG A 1 60  ? -5.654  -11.411 -0.787  1.00 20.84 ? 60   ARG A NH2   1 
ATOM   471  N N     . ARG A 1 61  ? -7.366  -10.268 7.183   1.00 16.46 ? 61   ARG A N     1 
ATOM   472  C CA    . ARG A 1 61  ? -8.391  -9.508  7.894   1.00 15.59 ? 61   ARG A CA    1 
ATOM   473  C C     . ARG A 1 61  ? -8.374  -8.061  7.387   1.00 15.79 ? 61   ARG A C     1 
ATOM   474  O O     . ARG A 1 61  ? -7.371  -7.363  7.592   1.00 16.59 ? 61   ARG A O     1 
ATOM   475  C CB    . ARG A 1 61  ? -8.074  -9.576  9.410   1.00 15.57 ? 61   ARG A CB    1 
ATOM   476  C CG    . ARG A 1 61  ? -9.211  -8.924  10.257  1.00 15.26 ? 61   ARG A CG    1 
ATOM   477  C CD    . ARG A 1 61  ? -8.837  -9.002  11.722  1.00 14.95 ? 61   ARG A CD    1 
ATOM   478  N NE    . ARG A 1 61  ? -9.805  -8.329  12.590  1.00 15.72 ? 61   ARG A NE    1 
ATOM   479  C CZ    . ARG A 1 61  ? -9.594  -7.962  13.871  1.00 16.01 ? 61   ARG A CZ    1 
ATOM   480  N NH1   . ARG A 1 61  ? -8.458  -8.214  14.499  1.00 18.46 ? 61   ARG A NH1   1 
ATOM   481  N NH2   . ARG A 1 61  ? -10.569 -7.357  14.537  1.00 16.20 ? 61   ARG A NH2   1 
ATOM   482  N N     . ASN A 1 62  ? -9.453  -7.600  6.746   1.00 15.22 ? 62   ASN A N     1 
ATOM   483  C CA    . ASN A 1 62  ? -9.440  -6.258  6.126   1.00 15.24 ? 62   ASN A CA    1 
ATOM   484  C C     . ASN A 1 62  ? -9.900  -5.204  7.122   1.00 15.74 ? 62   ASN A C     1 
ATOM   485  O O     . ASN A 1 62  ? -11.019 -5.305  7.639   1.00 16.40 ? 62   ASN A O     1 
ATOM   486  C CB    . ASN A 1 62  ? -10.372 -6.212  4.940   1.00 13.78 ? 62   ASN A CB    1 
ATOM   487  C CG    . ASN A 1 62  ? -9.798  -6.978  3.710   1.00 15.83 ? 62   ASN A CG    1 
ATOM   488  O OD1   . ASN A 1 62  ? -9.908  -6.503  2.580   1.00 16.21 ? 62   ASN A OD1   1 
ATOM   489  N ND2   . ASN A 1 62  ? -9.266  -8.166  3.944   1.00 15.52 ? 62   ASN A ND2   1 
ATOM   490  N N     . VAL A 1 63  ? -9.073  -4.195  7.375   1.00 14.74 ? 63   VAL A N     1 
ATOM   491  C CA    . VAL A 1 63  ? -9.456  -3.162  8.354   1.00 13.71 ? 63   VAL A CA    1 
ATOM   492  C C     . VAL A 1 63  ? -9.485  -1.839  7.577   1.00 15.21 ? 63   VAL A C     1 
ATOM   493  O O     . VAL A 1 63  ? -8.526  -1.543  6.894   1.00 15.05 ? 63   VAL A O     1 
ATOM   494  C CB    . VAL A 1 63  ? -8.465  -3.106  9.513   1.00 14.69 ? 63   VAL A CB    1 
ATOM   495  C CG1   . VAL A 1 63  ? -8.749  -1.879  10.423  1.00 13.79 ? 63   VAL A CG1   1 
ATOM   496  C CG2   . VAL A 1 63  ? -8.481  -4.487  10.315  1.00 12.73 ? 63   VAL A CG2   1 
ATOM   497  N N     . VAL A 1 64  ? -10.584 -1.079  7.662   1.00 15.17 ? 64   VAL A N     1 
ATOM   498  C CA    . VAL A 1 64  ? -10.737 0.152   6.820   1.00 15.40 ? 64   VAL A CA    1 
ATOM   499  C C     . VAL A 1 64  ? -10.869 1.384   7.728   1.00 16.09 ? 64   VAL A C     1 
ATOM   500  O O     . VAL A 1 64  ? -11.698 1.411   8.638   1.00 15.81 ? 64   VAL A O     1 
ATOM   501  C CB    . VAL A 1 64  ? -11.912 0.043   5.880   1.00 16.10 ? 64   VAL A CB    1 
ATOM   502  C CG1   . VAL A 1 64  ? -12.130 1.386   5.107   1.00 16.42 ? 64   VAL A CG1   1 
ATOM   503  C CG2   . VAL A 1 64  ? -11.699 -1.091  4.918   1.00 17.13 ? 64   VAL A CG2   1 
ATOM   504  N N     . LEU A 1 65  ? -10.004 2.387   7.514   1.00 15.95 ? 65   LEU A N     1 
ATOM   505  C CA    . LEU A 1 65  ? -10.003 3.567   8.385   1.00 17.53 ? 65   LEU A CA    1 
ATOM   506  C C     . LEU A 1 65  ? -10.928 4.565   7.749   1.00 18.77 ? 65   LEU A C     1 
ATOM   507  O O     . LEU A 1 65  ? -10.734 4.938   6.554   1.00 17.26 ? 65   LEU A O     1 
ATOM   508  C CB    . LEU A 1 65  ? -8.611  4.205   8.466   1.00 18.45 ? 65   LEU A CB    1 
ATOM   509  C CG    . LEU A 1 65  ? -7.681  4.057   9.660   1.00 25.31 ? 65   LEU A CG    1 
ATOM   510  C CD1   . LEU A 1 65  ? -6.269  4.694   9.432   1.00 28.53 ? 65   LEU A CD1   1 
ATOM   511  C CD2   . LEU A 1 65  ? -8.320  4.780   10.873  1.00 27.24 ? 65   LEU A CD2   1 
ATOM   512  N N     . SER A 1 66  ? -11.855 5.091   8.552   1.00 18.57 ? 66   SER A N     1 
ATOM   513  C CA    . SER A 1 66  ? -12.805 6.109   8.073   1.00 21.00 ? 66   SER A CA    1 
ATOM   514  C C     . SER A 1 66  ? -13.226 6.988   9.253   1.00 23.23 ? 66   SER A C     1 
ATOM   515  O O     . SER A 1 66  ? -13.268 6.531   10.393  1.00 21.52 ? 66   SER A O     1 
ATOM   516  C CB    . SER A 1 66  ? -14.028 5.468   7.402   1.00 21.65 ? 66   SER A CB    1 
ATOM   517  O OG    . SER A 1 66  ? -15.017 6.444   7.053   1.00 23.02 ? 66   SER A OG    1 
ATOM   518  N N     . ARG A 1 67  ? -13.464 8.265   8.966   1.00 24.42 ? 67   ARG A N     1 
ATOM   519  C CA    . ARG A 1 67  ? -14.022 9.192   9.980   1.00 27.16 ? 67   ARG A CA    1 
ATOM   520  C C     . ARG A 1 67  ? -15.535 9.160   9.948   1.00 29.51 ? 67   ARG A C     1 
ATOM   521  O O     . ARG A 1 67  ? -16.182 9.800   10.777  1.00 30.98 ? 67   ARG A O     1 
ATOM   522  C CB    . ARG A 1 67  ? -13.504 10.628  9.736   1.00 25.69 ? 67   ARG A CB    1 
ATOM   523  C CG    . ARG A 1 67  ? -11.995 10.770  9.974   1.00 25.41 ? 67   ARG A CG    1 
ATOM   524  C CD    . ARG A 1 67  ? -11.612 12.241  10.103  1.00 25.94 ? 67   ARG A CD    1 
ATOM   525  N NE    . ARG A 1 67  ? -10.165 12.490  10.170  1.00 26.21 ? 67   ARG A NE    1 
ATOM   526  C CZ    . ARG A 1 67  ? -9.403  12.611  9.094   1.00 22.23 ? 67   ARG A CZ    1 
ATOM   527  N NH1   . ARG A 1 67  ? -9.966  12.449  7.897   1.00 21.72 ? 67   ARG A NH1   1 
ATOM   528  N NH2   . ARG A 1 67  ? -8.107  12.888  9.211   1.00 22.02 ? 67   ARG A NH2   1 
ATOM   529  N N     . GLN A 1 68  ? -16.121 8.460   8.974   1.00 31.00 ? 68   GLN A N     1 
ATOM   530  C CA    . GLN A 1 68  ? -17.557 8.243   8.983   1.00 34.31 ? 68   GLN A CA    1 
ATOM   531  C C     . GLN A 1 68  ? -17.836 7.135   10.029  1.00 35.47 ? 68   GLN A C     1 
ATOM   532  O O     . GLN A 1 68  ? -17.485 5.967   9.813   1.00 35.46 ? 68   GLN A O     1 
ATOM   533  C CB    . GLN A 1 68  ? -18.096 7.857   7.593   1.00 33.70 ? 68   GLN A CB    1 
ATOM   534  C CG    . GLN A 1 68  ? -17.765 8.830   6.449   1.00 35.79 ? 68   GLN A CG    1 
ATOM   535  C CD    . GLN A 1 68  ? -18.162 8.276   5.096   1.00 36.30 ? 68   GLN A CD    1 
ATOM   536  O OE1   . GLN A 1 68  ? -19.306 7.795   4.919   1.00 39.35 ? 68   GLN A OE1   1 
ATOM   537  N NE2   . GLN A 1 68  ? -17.205 8.273   4.133   1.00 33.96 ? 68   GLN A NE2   1 
ATOM   538  N N     . ALA A 1 69  ? -18.413 7.517   11.177  1.00 37.53 ? 69   ALA A N     1 
ATOM   539  C CA    . ALA A 1 69  ? -18.670 6.550   12.268  1.00 38.57 ? 69   ALA A CA    1 
ATOM   540  C C     . ALA A 1 69  ? -19.642 5.427   11.871  1.00 39.53 ? 69   ALA A C     1 
ATOM   541  O O     . ALA A 1 69  ? -19.613 4.341   12.471  1.00 40.53 ? 69   ALA A O     1 
ATOM   542  C CB    . ALA A 1 69  ? -19.139 7.252   13.538  1.00 39.43 ? 69   ALA A CB    1 
ATOM   543  N N     . ASP A 1 70  ? -20.441 5.701   10.835  1.00 39.73 ? 70   ASP A N     1 
ATOM   544  C CA    . ASP A 1 70  ? -21.436 4.817   10.239  1.00 40.67 ? 70   ASP A CA    1 
ATOM   545  C C     . ASP A 1 70  ? -21.021 4.091   8.936   1.00 39.95 ? 70   ASP A C     1 
ATOM   546  O O     . ASP A 1 70  ? -21.817 3.347   8.370   1.00 40.39 ? 70   ASP A O     1 
ATOM   547  C CB    . ASP A 1 70  ? -22.610 5.708   9.851   1.00 42.35 ? 70   ASP A CB    1 
ATOM   548  C CG    . ASP A 1 70  ? -22.165 6.866   8.938   1.00 45.00 ? 70   ASP A CG    1 
ATOM   549  O OD1   . ASP A 1 70  ? -21.733 7.926   9.464   1.00 49.06 ? 70   ASP A OD1   1 
ATOM   550  O OD2   . ASP A 1 70  ? -22.214 6.703   7.698   1.00 49.46 ? 70   ASP A OD2   1 
ATOM   551  N N     . PHE A 1 71  ? -19.814 4.328   8.427   1.00 38.80 ? 71   PHE A N     1 
ATOM   552  C CA    . PHE A 1 71  ? -19.409 3.779   7.118   1.00 37.42 ? 71   PHE A CA    1 
ATOM   553  C C     . PHE A 1 71  ? -19.484 2.236   6.967   1.00 38.10 ? 71   PHE A C     1 
ATOM   554  O O     . PHE A 1 71  ? -19.156 1.487   7.877   1.00 38.57 ? 71   PHE A O     1 
ATOM   555  C CB    . PHE A 1 71  ? -18.014 4.286   6.699   1.00 35.61 ? 71   PHE A CB    1 
ATOM   556  C CG    . PHE A 1 71  ? -17.586 3.789   5.349   1.00 33.56 ? 71   PHE A CG    1 
ATOM   557  C CD1   . PHE A 1 71  ? -18.079 4.380   4.197   1.00 32.79 ? 71   PHE A CD1   1 
ATOM   558  C CD2   . PHE A 1 71  ? -16.701 2.710   5.227   1.00 31.67 ? 71   PHE A CD2   1 
ATOM   559  C CE1   . PHE A 1 71  ? -17.683 3.912   2.933   1.00 33.70 ? 71   PHE A CE1   1 
ATOM   560  C CE2   . PHE A 1 71  ? -16.317 2.221   3.977   1.00 27.98 ? 71   PHE A CE2   1 
ATOM   561  C CZ    . PHE A 1 71  ? -16.814 2.811   2.831   1.00 32.11 ? 71   PHE A CZ    1 
ATOM   562  N N     . MET A 1 72  ? -19.810 1.837   5.743   1.00 39.54 ? 72   MET A N     1 
ATOM   563  C CA    . MET A 1 72  ? -20.314 0.529   5.335   1.00 40.82 ? 72   MET A CA    1 
ATOM   564  C C     . MET A 1 72  ? -19.330 -0.247  4.447   1.00 39.70 ? 72   MET A C     1 
ATOM   565  O O     . MET A 1 72  ? -19.067 0.146   3.298   1.00 41.32 ? 72   MET A O     1 
ATOM   566  C CB    . MET A 1 72  ? -21.564 0.812   4.498   1.00 43.00 ? 72   MET A CB    1 
ATOM   567  C CG    . MET A 1 72  ? -22.030 2.290   4.573   1.00 44.97 ? 72   MET A CG    1 
ATOM   568  S SD    . MET A 1 72  ? -21.553 3.314   3.153   1.00 55.49 ? 72   MET A SD    1 
ATOM   569  C CE    . MET A 1 72  ? -21.803 4.998   3.792   1.00 50.19 ? 72   MET A CE    1 
ATOM   570  N N     . ALA A 1 73  ? -18.771 -1.341  4.949   1.00 37.50 ? 73   ALA A N     1 
ATOM   571  C CA    . ALA A 1 73  ? -17.820 -2.094  4.147   1.00 34.76 ? 73   ALA A CA    1 
ATOM   572  C C     . ALA A 1 73  ? -18.007 -3.589  4.442   1.00 33.32 ? 73   ALA A C     1 
ATOM   573  O O     . ALA A 1 73  ? -17.464 -4.118  5.423   1.00 31.31 ? 73   ALA A O     1 
ATOM   574  C CB    . ALA A 1 73  ? -16.396 -1.638  4.486   1.00 34.26 ? 73   ALA A CB    1 
ATOM   575  N N     . SER A 1 74  ? -18.782 -4.260  3.605   1.00 31.41 ? 74   SER A N     1 
ATOM   576  C CA    . SER A 1 74  ? -19.038 -5.676  3.804   1.00 30.13 ? 74   SER A CA    1 
ATOM   577  C C     . SER A 1 74  ? -17.749 -6.525  3.827   1.00 27.94 ? 74   SER A C     1 
ATOM   578  O O     . SER A 1 74  ? -16.929 -6.451  2.917   1.00 25.69 ? 74   SER A O     1 
ATOM   579  C CB    . SER A 1 74  ? -20.039 -6.208  2.776   1.00 31.11 ? 74   SER A CB    1 
ATOM   580  O OG    . SER A 1 74  ? -20.169 -7.616  2.944   1.00 33.50 ? 74   SER A OG    1 
ATOM   581  N N     . GLY A 1 75  ? -17.560 -7.272  4.921   1.00 25.85 ? 75   GLY A N     1 
ATOM   582  C CA    . GLY A 1 75  ? -16.407 -8.143  5.108   1.00 24.42 ? 75   GLY A CA    1 
ATOM   583  C C     . GLY A 1 75  ? -15.176 -7.480  5.636   1.00 24.82 ? 75   GLY A C     1 
ATOM   584  O O     . GLY A 1 75  ? -14.123 -8.114  5.745   1.00 27.65 ? 75   GLY A O     1 
ATOM   585  N N     . ALA A 1 76  ? -15.298 -6.194  5.960   1.00 23.03 ? 76   ALA A N     1 
ATOM   586  C CA    . ALA A 1 76  ? -14.219 -5.436  6.522   1.00 22.86 ? 76   ALA A CA    1 
ATOM   587  C C     . ALA A 1 76  ? -14.552 -4.825  7.898   1.00 20.62 ? 76   ALA A C     1 
ATOM   588  O O     . ALA A 1 76  ? -15.715 -4.575  8.242   1.00 21.52 ? 76   ALA A O     1 
ATOM   589  C CB    . ALA A 1 76  ? -13.797 -4.319  5.530   1.00 22.68 ? 76   ALA A CB    1 
ATOM   590  N N     . GLU A 1 77  ? -13.520 -4.619  8.680   1.00 19.44 ? 77   GLU A N     1 
ATOM   591  C CA    . GLU A 1 77  ? -13.671 -3.938  9.948   1.00 21.23 ? 77   GLU A CA    1 
ATOM   592  C C     . GLU A 1 77  ? -13.425 -2.415  9.777   1.00 20.63 ? 77   GLU A C     1 
ATOM   593  O O     . GLU A 1 77  ? -12.277 -2.012  9.573   1.00 20.72 ? 77   GLU A O     1 
ATOM   594  C CB    . GLU A 1 77  ? -12.684 -4.485  10.959  1.00 21.41 ? 77   GLU A CB    1 
ATOM   595  C CG    . GLU A 1 77  ? -12.857 -3.800  12.292  1.00 24.32 ? 77   GLU A CG    1 
ATOM   596  C CD    . GLU A 1 77  ? -11.785 -4.138  13.236  1.00 26.69 ? 77   GLU A CD    1 
ATOM   597  O OE1   . GLU A 1 77  ? -10.598 -3.944  12.880  1.00 26.99 ? 77   GLU A OE1   1 
ATOM   598  O OE2   . GLU A 1 77  ? -12.117 -4.611  14.350  1.00 27.39 ? 77   GLU A OE2   1 
ATOM   599  N N     . VAL A 1 78  ? -14.482 -1.604  9.913   1.00 19.97 ? 78   VAL A N     1 
ATOM   600  C CA    . VAL A 1 78  ? -14.358 -0.129  9.829   1.00 19.36 ? 78   VAL A CA    1 
ATOM   601  C C     . VAL A 1 78  ? -13.976 0.437   11.188  1.00 20.03 ? 78   VAL A C     1 
ATOM   602  O O     . VAL A 1 78  ? -14.618 0.135   12.244  1.00 17.69 ? 78   VAL A O     1 
ATOM   603  C CB    . VAL A 1 78  ? -15.609 0.541   9.264   1.00 19.63 ? 78   VAL A CB    1 
ATOM   604  C CG1   . VAL A 1 78  ? -15.441 2.119   9.182   1.00 17.56 ? 78   VAL A CG1   1 
ATOM   605  C CG2   . VAL A 1 78  ? -15.973 -0.088  7.880   1.00 19.64 ? 78   VAL A CG2   1 
ATOM   606  N N     . VAL A 1 79  ? -12.859 1.161   11.212  1.00 18.07 ? 79   VAL A N     1 
ATOM   607  C CA    . VAL A 1 79  ? -12.370 1.762   12.442  1.00 19.06 ? 79   VAL A CA    1 
ATOM   608  C C     . VAL A 1 79  ? -12.211 3.293   12.246  1.00 20.40 ? 79   VAL A C     1 
ATOM   609  O O     . VAL A 1 79  ? -12.031 3.783   11.115  1.00 18.93 ? 79   VAL A O     1 
ATOM   610  C CB    . VAL A 1 79  ? -11.076 1.094   13.034  1.00 20.02 ? 79   VAL A CB    1 
ATOM   611  C CG1   . VAL A 1 79  ? -11.307 -0.418  13.347  1.00 19.96 ? 79   VAL A CG1   1 
ATOM   612  C CG2   . VAL A 1 79  ? -9.824  1.257   12.097  1.00 18.74 ? 79   VAL A CG2   1 
ATOM   613  N N     . GLY A 1 80  ? -12.227 4.028   13.352  1.00 21.54 ? 80   GLY A N     1 
ATOM   614  C CA    . GLY A 1 80  ? -12.200 5.478   13.265  1.00 21.15 ? 80   GLY A CA    1 
ATOM   615  C C     . GLY A 1 80  ? -10.878 6.115   13.572  1.00 22.15 ? 80   GLY A C     1 
ATOM   616  O O     . GLY A 1 80  ? -10.749 7.340   13.481  1.00 22.30 ? 80   GLY A O     1 
ATOM   617  N N     . SER A 1 81  ? -9.892  5.299   13.890  1.00 22.72 ? 81   SER A N     1 
ATOM   618  C CA    . SER A 1 81  ? -8.574  5.783   14.289  1.00 24.51 ? 81   SER A CA    1 
ATOM   619  C C     . SER A 1 81  ? -7.508  4.741   13.952  1.00 25.11 ? 81   SER A C     1 
ATOM   620  O O     . SER A 1 81  ? -7.824  3.539   13.919  1.00 24.13 ? 81   SER A O     1 
ATOM   621  C CB    . SER A 1 81  ? -8.570  6.078   15.789  1.00 25.13 ? 81   SER A CB    1 
ATOM   622  O OG    . SER A 1 81  ? -8.435  4.897   16.562  1.00 24.46 ? 81   SER A OG    1 
ATOM   623  N N     . LEU A 1 82  ? -6.255  5.185   13.749  1.00 24.18 ? 82   LEU A N     1 
ATOM   624  C CA    . LEU A 1 82  ? -5.151  4.276   13.464  1.00 24.41 ? 82   LEU A CA    1 
ATOM   625  C C     . LEU A 1 82  ? -4.838  3.387   14.644  1.00 24.56 ? 82   LEU A C     1 
ATOM   626  O O     . LEU A 1 82  ? -4.594  2.209   14.468  1.00 24.07 ? 82   LEU A O     1 
ATOM   627  C CB    . LEU A 1 82  ? -3.887  5.031   12.979  1.00 24.79 ? 82   LEU A CB    1 
ATOM   628  C CG    . LEU A 1 82  ? -2.780  4.450   12.058  1.00 26.68 ? 82   LEU A CG    1 
ATOM   629  C CD1   . LEU A 1 82  ? -1.296  4.713   12.597  1.00 29.48 ? 82   LEU A CD1   1 
ATOM   630  C CD2   . LEU A 1 82  ? -2.956  3.042   11.464  1.00 28.33 ? 82   LEU A CD2   1 
ATOM   631  N N     . GLU A 1 83  ? -4.854  3.936   15.856  1.00 26.38 ? 83   GLU A N     1 
ATOM   632  C CA    . GLU A 1 83  ? -4.718  3.082   17.045  1.00 29.52 ? 83   GLU A CA    1 
ATOM   633  C C     . GLU A 1 83  ? -5.678  1.891   17.051  1.00 27.22 ? 83   GLU A C     1 
ATOM   634  O O     . GLU A 1 83  ? -5.275  0.821   17.395  1.00 27.67 ? 83   GLU A O     1 
ATOM   635  C CB    . GLU A 1 83  ? -4.852  3.861   18.372  1.00 30.71 ? 83   GLU A CB    1 
ATOM   636  C CG    . GLU A 1 83  ? -5.949  4.915   18.381  1.00 38.35 ? 83   GLU A CG    1 
ATOM   637  C CD    . GLU A 1 83  ? -6.978  4.751   19.513  1.00 46.46 ? 83   GLU A CD    1 
ATOM   638  O OE1   . GLU A 1 83  ? -6.964  3.681   20.193  1.00 49.65 ? 83   GLU A OE1   1 
ATOM   639  O OE2   . GLU A 1 83  ? -7.795  5.697   19.709  1.00 48.55 ? 83   GLU A OE2   1 
ATOM   640  N N     . GLU A 1 84  ? -6.940  2.075   16.688  1.00 28.51 ? 84   GLU A N     1 
ATOM   641  C CA    . GLU A 1 84  ? -7.875  0.929   16.669  1.00 29.29 ? 84   GLU A CA    1 
ATOM   642  C C     . GLU A 1 84  ? -7.517  -0.079  15.559  1.00 29.66 ? 84   GLU A C     1 
ATOM   643  O O     . GLU A 1 84  ? -7.609  -1.304  15.734  1.00 29.49 ? 84   GLU A O     1 
ATOM   644  C CB    . GLU A 1 84  ? -9.295  1.391   16.494  1.00 30.65 ? 84   GLU A CB    1 
ATOM   645  C CG    . GLU A 1 84  ? -9.810  2.171   17.679  1.00 33.90 ? 84   GLU A CG    1 
ATOM   646  C CD    . GLU A 1 84  ? -11.006 2.961   17.296  1.00 39.91 ? 84   GLU A CD    1 
ATOM   647  O OE1   . GLU A 1 84  ? -12.113 2.399   17.403  1.00 44.26 ? 84   GLU A OE1   1 
ATOM   648  O OE2   . GLU A 1 84  ? -10.856 4.127   16.874  1.00 39.94 ? 84   GLU A OE2   1 
ATOM   649  N N     . ALA A 1 85  ? -7.087  0.459   14.427  1.00 27.38 ? 85   ALA A N     1 
ATOM   650  C CA    . ALA A 1 85  ? -6.560  -0.355  13.319  1.00 27.55 ? 85   ALA A CA    1 
ATOM   651  C C     . ALA A 1 85  ? -5.357  -1.223  13.651  1.00 27.39 ? 85   ALA A C     1 
ATOM   652  O O     . ALA A 1 85  ? -5.189  -2.298  13.078  1.00 28.15 ? 85   ALA A O     1 
ATOM   653  C CB    . ALA A 1 85  ? -6.245  0.548   12.112  1.00 26.46 ? 85   ALA A CB    1 
ATOM   654  N N     . LEU A 1 86  ? -4.493  -0.778  14.560  1.00 28.38 ? 86   LEU A N     1 
ATOM   655  C CA    . LEU A 1 86  ? -3.177  -1.387  14.686  1.00 30.02 ? 86   LEU A CA    1 
ATOM   656  C C     . LEU A 1 86  ? -3.026  -2.519  15.698  1.00 32.38 ? 86   LEU A C     1 
ATOM   657  O O     . LEU A 1 86  ? -1.903  -2.909  16.029  1.00 34.50 ? 86   LEU A O     1 
ATOM   658  C CB    . LEU A 1 86  ? -2.112  -0.310  14.924  1.00 29.96 ? 86   LEU A CB    1 
ATOM   659  C CG    . LEU A 1 86  ? -1.791  0.511   13.673  1.00 30.10 ? 86   LEU A CG    1 
ATOM   660  C CD1   . LEU A 1 86  ? -0.593  1.408   13.895  1.00 32.04 ? 86   LEU A CD1   1 
ATOM   661  C CD2   . LEU A 1 86  ? -1.556  -0.385  12.457  1.00 31.48 ? 86   LEU A CD2   1 
ATOM   662  N N     . THR A 1 87  ? -4.140  -3.077  16.164  1.00 33.51 ? 87   THR A N     1 
ATOM   663  C CA    . THR A 1 87  ? -4.102  -4.015  17.310  1.00 34.41 ? 87   THR A CA    1 
ATOM   664  C C     . THR A 1 87  ? -3.432  -5.384  17.085  1.00 34.42 ? 87   THR A C     1 
ATOM   665  O O     . THR A 1 87  ? -3.011  -6.039  18.053  1.00 34.21 ? 87   THR A O     1 
ATOM   666  C CB    . THR A 1 87  ? -5.501  -4.200  17.931  1.00 34.32 ? 87   THR A CB    1 
ATOM   667  O OG1   . THR A 1 87  ? -6.418  -4.614  16.927  1.00 36.41 ? 87   THR A OG1   1 
ATOM   668  C CG2   . THR A 1 87  ? -6.021  -2.874  18.516  1.00 37.06 ? 87   THR A CG2   1 
ATOM   669  N N     . SER A 1 88  ? -3.334  -5.840  15.834  1.00 34.14 ? 88   SER A N     1 
ATOM   670  C CA    . SER A 1 88  ? -2.740  -7.150  15.567  1.00 34.16 ? 88   SER A CA    1 
ATOM   671  C C     . SER A 1 88  ? -1.209  -7.056  15.697  1.00 34.90 ? 88   SER A C     1 
ATOM   672  O O     . SER A 1 88  ? -0.631  -5.995  15.475  1.00 35.99 ? 88   SER A O     1 
ATOM   673  C CB    . SER A 1 88  ? -3.156  -7.690  14.166  1.00 33.79 ? 88   SER A CB    1 
ATOM   674  O OG    . SER A 1 88  ? -4.594  -7.676  13.971  1.00 33.41 ? 88   SER A OG    1 
ATOM   675  N N     . PRO A 1 89  ? -0.543  -8.155  16.061  1.00 35.44 ? 89   PRO A N     1 
ATOM   676  C CA    . PRO A 1 89  ? 0.927   -8.241  16.138  1.00 34.71 ? 89   PRO A CA    1 
ATOM   677  C C     . PRO A 1 89  ? 1.710   -7.878  14.864  1.00 34.30 ? 89   PRO A C     1 
ATOM   678  O O     . PRO A 1 89  ? 2.773   -7.204  14.966  1.00 35.25 ? 89   PRO A O     1 
ATOM   679  C CB    . PRO A 1 89  ? 1.172   -9.721  16.458  1.00 35.41 ? 89   PRO A CB    1 
ATOM   680  C CG    . PRO A 1 89  ? -0.054  -10.152 17.191  1.00 36.53 ? 89   PRO A CG    1 
ATOM   681  C CD    . PRO A 1 89  ? -1.180  -9.416  16.494  1.00 35.46 ? 89   PRO A CD    1 
ATOM   682  N N     . GLU A 1 90  ? 1.267   -8.401  13.715  1.00 31.30 ? 90   GLU A N     1 
ATOM   683  C CA    . GLU A 1 90  ? 1.834   -8.081  12.405  1.00 29.04 ? 90   GLU A CA    1 
ATOM   684  C C     . GLU A 1 90  ? 0.702   -7.447  11.555  1.00 26.52 ? 90   GLU A C     1 
ATOM   685  O O     . GLU A 1 90  ? -0.386  -8.015  11.426  1.00 26.57 ? 90   GLU A O     1 
ATOM   686  C CB    . GLU A 1 90  ? 2.403   -9.321  11.698  1.00 28.69 ? 90   GLU A CB    1 
ATOM   687  C CG    . GLU A 1 90  ? 2.826   -9.025  10.266  1.00 32.25 ? 90   GLU A CG    1 
ATOM   688  C CD    . GLU A 1 90  ? 3.800   -10.028 9.669   1.00 34.57 ? 90   GLU A CD    1 
ATOM   689  O OE1   . GLU A 1 90  ? 4.278   -10.912 10.425  1.00 38.00 ? 90   GLU A OE1   1 
ATOM   690  O OE2   . GLU A 1 90  ? 4.095   -9.938  8.444   1.00 33.22 ? 90   GLU A OE2   1 
ATOM   691  N N     . THR A 1 91  ? 0.929   -6.236  11.055  1.00 22.24 ? 91   THR A N     1 
ATOM   692  C CA    . THR A 1 91  ? -0.095  -5.550  10.292  1.00 20.20 ? 91   THR A CA    1 
ATOM   693  C C     . THR A 1 91  ? 0.604   -4.987  9.064   1.00 18.27 ? 91   THR A C     1 
ATOM   694  O O     . THR A 1 91  ? 1.676   -4.379  9.172   1.00 18.45 ? 91   THR A O     1 
ATOM   695  C CB    . THR A 1 91  ? -0.726  -4.348  11.089  1.00 20.85 ? 91   THR A CB    1 
ATOM   696  O OG1   . THR A 1 91  ? -1.379  -4.808  12.290  1.00 21.91 ? 91   THR A OG1   1 
ATOM   697  C CG2   . THR A 1 91  ? -1.775  -3.572  10.218  1.00 18.05 ? 91   THR A CG2   1 
ATOM   698  N N     . TRP A 1 92  ? -0.042  -5.149  7.928   1.00 16.38 ? 92   TRP A N     1 
ATOM   699  C CA    . TRP A 1 92  ? 0.396   -4.511  6.665   1.00 15.86 ? 92   TRP A CA    1 
ATOM   700  C C     . TRP A 1 92  ? -0.554  -3.417  6.240   1.00 13.94 ? 92   TRP A C     1 
ATOM   701  O O     . TRP A 1 92  ? -1.737  -3.640  6.017   1.00 13.78 ? 92   TRP A O     1 
ATOM   702  C CB    . TRP A 1 92  ? 0.563   -5.562  5.542   1.00 15.15 ? 92   TRP A CB    1 
ATOM   703  C CG    . TRP A 1 92  ? 1.770   -6.317  5.856   1.00 14.34 ? 92   TRP A CG    1 
ATOM   704  C CD1   . TRP A 1 92  ? 1.827   -7.456  6.585   1.00 17.18 ? 92   TRP A CD1   1 
ATOM   705  C CD2   . TRP A 1 92  ? 3.140   -5.967  5.519   1.00 15.64 ? 92   TRP A CD2   1 
ATOM   706  N NE1   . TRP A 1 92  ? 3.129   -7.848  6.723   1.00 16.33 ? 92   TRP A NE1   1 
ATOM   707  C CE2   . TRP A 1 92  ? 3.966   -6.957  6.101   1.00 16.40 ? 92   TRP A CE2   1 
ATOM   708  C CE3   . TRP A 1 92  ? 3.745   -4.896  4.815   1.00 14.82 ? 92   TRP A CE3   1 
ATOM   709  C CZ2   . TRP A 1 92  ? 5.365   -6.959  5.958   1.00 13.50 ? 92   TRP A CZ2   1 
ATOM   710  C CZ3   . TRP A 1 92  ? 5.104   -4.886  4.658   1.00 13.36 ? 92   TRP A CZ3   1 
ATOM   711  C CH2   . TRP A 1 92  ? 5.927   -5.902  5.246   1.00 16.94 ? 92   TRP A CH2   1 
ATOM   712  N N     . VAL A 1 93  ? 0.012   -2.213  6.121   1.00 13.33 ? 93   VAL A N     1 
ATOM   713  C CA    . VAL A 1 93  ? -0.763  -1.077  5.647   1.00 12.70 ? 93   VAL A CA    1 
ATOM   714  C C     . VAL A 1 93  ? -0.625  -1.050  4.115   1.00 12.42 ? 93   VAL A C     1 
ATOM   715  O O     . VAL A 1 93  ? 0.482   -1.046  3.577   1.00 13.07 ? 93   VAL A O     1 
ATOM   716  C CB    . VAL A 1 93  ? -0.243  0.246   6.277   1.00 12.69 ? 93   VAL A CB    1 
ATOM   717  C CG1   . VAL A 1 93  ? -0.876  1.473   5.611   1.00 11.37 ? 93   VAL A CG1   1 
ATOM   718  C CG2   . VAL A 1 93  ? -0.457  0.248   7.823   1.00 15.92 ? 93   VAL A CG2   1 
ATOM   719  N N     . ILE A 1 94  ? -1.747  -1.044  3.423   1.00 12.66 ? 94   ILE A N     1 
ATOM   720  C CA    . ILE A 1 94  ? -1.736  -1.227  1.943   1.00 13.63 ? 94   ILE A CA    1 
ATOM   721  C C     . ILE A 1 94  ? -2.229  0.033   1.170   1.00 12.92 ? 94   ILE A C     1 
ATOM   722  O O     . ILE A 1 94  ? -2.635  -0.052  -0.009  1.00 12.96 ? 94   ILE A O     1 
ATOM   723  C CB    . ILE A 1 94  ? -2.573  -2.454  1.530   1.00 13.83 ? 94   ILE A CB    1 
ATOM   724  C CG1   . ILE A 1 94  ? -4.081  -2.285  1.855   1.00 14.62 ? 94   ILE A CG1   1 
ATOM   725  C CG2   . ILE A 1 94  ? -1.987  -3.727  2.206   1.00 14.36 ? 94   ILE A CG2   1 
ATOM   726  C CD1   . ILE A 1 94  ? -5.033  -3.061  0.929   1.00 16.12 ? 94   ILE A CD1   1 
ATOM   727  N N     . GLY A 1 95  ? -2.274  1.147   1.901   1.00 13.13 ? 95   GLY A N     1 
ATOM   728  C CA    . GLY A 1 95  ? -2.539  2.487   1.351   1.00 12.85 ? 95   GLY A CA    1 
ATOM   729  C C     . GLY A 1 95  ? -3.739  3.195   1.922   1.00 14.02 ? 95   GLY A C     1 
ATOM   730  O O     . GLY A 1 95  ? -4.438  2.646   2.771   1.00 14.03 ? 95   GLY A O     1 
ATOM   731  N N     . GLY A 1 96  ? -4.050  4.404   1.418   1.00 13.45 ? 96   GLY A N     1 
ATOM   732  C CA    . GLY A 1 96  ? -3.404  4.993   0.233   1.00 11.66 ? 96   GLY A CA    1 
ATOM   733  C C     . GLY A 1 96  ? -2.449  6.086   0.727   1.00 11.88 ? 96   GLY A C     1 
ATOM   734  O O     . GLY A 1 96  ? -1.805  5.921   1.763   1.00 11.23 ? 96   GLY A O     1 
ATOM   735  N N     . GLY A 1 97  ? -2.351  7.194   -0.005  1.00 11.86 ? 97   GLY A N     1 
ATOM   736  C CA    . GLY A 1 97  ? -1.394  8.266   0.348   1.00 11.98 ? 97   GLY A CA    1 
ATOM   737  C C     . GLY A 1 97  ? -1.529  8.809   1.778   1.00 12.35 ? 97   GLY A C     1 
ATOM   738  O O     . GLY A 1 97  ? -0.502  8.928   2.557   1.00 14.05 ? 97   GLY A O     1 
ATOM   739  N N     . GLN A 1 98  ? -2.777  9.040   2.178   1.00 13.41 ? 98   GLN A N     1 
ATOM   740  C CA    . GLN A 1 98  ? -3.069  9.522   3.549   1.00 13.46 ? 98   GLN A CA    1 
ATOM   741  C C     . GLN A 1 98  ? -2.680  8.537   4.616   1.00 14.72 ? 98   GLN A C     1 
ATOM   742  O O     . GLN A 1 98  ? -1.976  8.898   5.583   1.00 14.03 ? 98   GLN A O     1 
ATOM   743  C CB    . GLN A 1 98  ? -4.516  9.920   3.729   1.00 15.83 ? 98   GLN A CB    1 
ATOM   744  C CG    . GLN A 1 98  ? -4.965  11.055  2.782   1.00 13.93 ? 98   GLN A CG    1 
ATOM   745  C CD    . GLN A 1 98  ? -6.424  11.367  2.893   1.00 17.44 ? 98   GLN A CD    1 
ATOM   746  O OE1   . GLN A 1 98  ? -7.072  11.782  1.924   1.00 19.57 ? 98   GLN A OE1   1 
ATOM   747  N NE2   . GLN A 1 98  ? -6.952  11.196  4.069   1.00 11.98 ? 98   GLN A NE2   1 
ATOM   748  N N     . VAL A 1 99  ? -3.042  7.276   4.388   1.00 14.32 ? 99   VAL A N     1 
ATOM   749  C CA    . VAL A 1 99  ? -2.848  6.288   5.415   1.00 13.70 ? 99   VAL A CA    1 
ATOM   750  C C     . VAL A 1 99  ? -1.380  5.857   5.540   1.00 13.27 ? 99   VAL A C     1 
ATOM   751  O O     . VAL A 1 99  ? -0.931  5.596   6.668   1.00 12.41 ? 99   VAL A O     1 
ATOM   752  C CB    . VAL A 1 99  ? -3.850  5.147   5.294   1.00 13.04 ? 99   VAL A CB    1 
ATOM   753  C CG1   . VAL A 1 99  ? -3.585  4.045   6.297   1.00 12.82 ? 99   VAL A CG1   1 
ATOM   754  C CG2   . VAL A 1 99  ? -5.299  5.702   5.627   1.00 14.65 ? 99   VAL A CG2   1 
ATOM   755  N N     . TYR A 1 100 ? -0.640  5.775   4.414   1.00 11.58 ? 100  TYR A N     1 
ATOM   756  C CA    . TYR A 1 100 ? 0.806   5.588   4.468   1.00 12.40 ? 100  TYR A CA    1 
ATOM   757  C C     . TYR A 1 100 ? 1.476   6.691   5.310   1.00 12.51 ? 100  TYR A C     1 
ATOM   758  O O     . TYR A 1 100 ? 2.354   6.402   6.114   1.00 12.32 ? 100  TYR A O     1 
ATOM   759  C CB    . TYR A 1 100 ? 1.475   5.552   3.097   1.00 11.71 ? 100  TYR A CB    1 
ATOM   760  C CG    . TYR A 1 100 ? 1.144   4.375   2.207   1.00 12.46 ? 100  TYR A CG    1 
ATOM   761  C CD1   . TYR A 1 100 ? 1.182   3.053   2.693   1.00 13.11 ? 100  TYR A CD1   1 
ATOM   762  C CD2   . TYR A 1 100 ? 0.770   4.590   0.846   1.00 15.48 ? 100  TYR A CD2   1 
ATOM   763  C CE1   . TYR A 1 100 ? 0.907   1.947   1.833   1.00 12.83 ? 100  TYR A CE1   1 
ATOM   764  C CE2   . TYR A 1 100 ? 0.460   3.523   0.007   1.00 11.92 ? 100  TYR A CE2   1 
ATOM   765  C CZ    . TYR A 1 100 ? 0.528   2.205   0.502   1.00 15.50 ? 100  TYR A CZ    1 
ATOM   766  O OH    . TYR A 1 100 ? 0.258   1.134   -0.324  1.00 12.41 ? 100  TYR A OH    1 
ATOM   767  N N     . ALA A 1 101 ? 1.096   7.931   5.079   1.00 12.59 ? 101  ALA A N     1 
ATOM   768  C CA    . ALA A 1 101 ? 1.730   9.051   5.836   1.00 14.63 ? 101  ALA A CA    1 
ATOM   769  C C     . ALA A 1 101 ? 1.404   8.944   7.367   1.00 15.28 ? 101  ALA A C     1 
ATOM   770  O O     . ALA A 1 101 ? 2.300   9.138   8.233   1.00 16.02 ? 101  ALA A O     1 
ATOM   771  C CB    . ALA A 1 101 ? 1.259   10.385  5.251   1.00 15.66 ? 101  ALA A CB    1 
ATOM   772  N N     . LEU A 1 102 ? 0.154   8.581   7.656   1.00 17.46 ? 102  LEU A N     1 
ATOM   773  C CA    . LEU A 1 102 ? -0.330  8.368   9.041   1.00 19.00 ? 102  LEU A CA    1 
ATOM   774  C C     . LEU A 1 102 ? 0.430   7.237   9.735   1.00 18.33 ? 102  LEU A C     1 
ATOM   775  O O     . LEU A 1 102 ? 0.820   7.329   10.904  1.00 17.30 ? 102  LEU A O     1 
ATOM   776  C CB    . LEU A 1 102 ? -1.864  8.054   8.998   1.00 19.15 ? 102  LEU A CB    1 
ATOM   777  C CG    . LEU A 1 102 ? -2.805  8.210   10.191  1.00 20.96 ? 102  LEU A CG    1 
ATOM   778  C CD1   . LEU A 1 102 ? -2.751  9.703   10.703  1.00 22.99 ? 102  LEU A CD1   1 
ATOM   779  C CD2   . LEU A 1 102 ? -4.206  7.826   9.684   1.00 21.79 ? 102  LEU A CD2   1 
ATOM   780  N N     . ALA A 1 103 ? 0.646   6.132   9.022   1.00 16.13 ? 103  ALA A N     1 
ATOM   781  C CA    . ALA A 1 103 ? 1.259   4.947   9.632   1.00 15.86 ? 103  ALA A CA    1 
ATOM   782  C C     . ALA A 1 103 ? 2.788   4.881   9.614   1.00 15.73 ? 103  ALA A C     1 
ATOM   783  O O     . ALA A 1 103 ? 3.363   4.034   10.295  1.00 15.27 ? 103  ALA A O     1 
ATOM   784  C CB    . ALA A 1 103 ? 0.695   3.671   8.956   1.00 13.37 ? 103  ALA A CB    1 
ATOM   785  N N     . LEU A 1 104 ? 3.432   5.694   8.766   1.00 16.06 ? 104  LEU A N     1 
ATOM   786  C CA    . LEU A 1 104 ? 4.902   5.623   8.569   1.00 15.93 ? 104  LEU A CA    1 
ATOM   787  C C     . LEU A 1 104 ? 5.714   5.606   9.946   1.00 14.53 ? 104  LEU A C     1 
ATOM   788  O O     . LEU A 1 104 ? 6.595   4.741   10.116  1.00 13.68 ? 104  LEU A O     1 
ATOM   789  C CB    . LEU A 1 104 ? 5.357   6.804   7.605   1.00 15.29 ? 104  LEU A CB    1 
ATOM   790  C CG    . LEU A 1 104 ? 6.867   6.999   7.378   1.00 18.02 ? 104  LEU A CG    1 
ATOM   791  C CD1   . LEU A 1 104 ? 7.544   5.780   6.738   1.00 17.79 ? 104  LEU A CD1   1 
ATOM   792  C CD2   . LEU A 1 104 ? 7.261   8.311   6.677   1.00 18.91 ? 104  LEU A CD2   1 
ATOM   793  N N     . PRO A 1 105 ? 5.420   6.561   10.892  1.00 14.55 ? 105  PRO A N     1 
ATOM   794  C CA    . PRO A 1 105 ? 6.153   6.576   12.193  1.00 15.53 ? 105  PRO A CA    1 
ATOM   795  C C     . PRO A 1 105 ? 6.011   5.249   12.959  1.00 14.23 ? 105  PRO A C     1 
ATOM   796  O O     . PRO A 1 105 ? 6.852   4.947   13.753  1.00 16.10 ? 105  PRO A O     1 
ATOM   797  C CB    . PRO A 1 105 ? 5.483   7.724   12.995  1.00 15.29 ? 105  PRO A CB    1 
ATOM   798  C CG    . PRO A 1 105 ? 4.687   8.515   12.001  1.00 17.13 ? 105  PRO A CG    1 
ATOM   799  C CD    . PRO A 1 105 ? 4.468   7.687   10.775  1.00 13.75 ? 105  PRO A CD    1 
ATOM   800  N N     . TYR A 1 106 ? 4.962   4.460   12.671  1.00 15.64 ? 106  TYR A N     1 
ATOM   801  C CA    . TYR A 1 106 ? 4.690   3.174   13.386  1.00 16.61 ? 106  TYR A CA    1 
ATOM   802  C C     . TYR A 1 106 ? 5.396   1.985   12.735  1.00 16.58 ? 106  TYR A C     1 
ATOM   803  O O     . TYR A 1 106 ? 5.560   0.925   13.348  1.00 17.82 ? 106  TYR A O     1 
ATOM   804  C CB    . TYR A 1 106 ? 3.142   2.925   13.456  1.00 16.88 ? 106  TYR A CB    1 
ATOM   805  C CG    . TYR A 1 106 ? 2.424   4.004   14.238  1.00 15.20 ? 106  TYR A CG    1 
ATOM   806  C CD1   . TYR A 1 106 ? 2.092   5.253   13.633  1.00 12.90 ? 106  TYR A CD1   1 
ATOM   807  C CD2   . TYR A 1 106 ? 2.104   3.808   15.604  1.00 18.02 ? 106  TYR A CD2   1 
ATOM   808  C CE1   . TYR A 1 106 ? 1.475   6.282   14.384  1.00 16.97 ? 106  TYR A CE1   1 
ATOM   809  C CE2   . TYR A 1 106 ? 1.482   4.848   16.365  1.00 20.55 ? 106  TYR A CE2   1 
ATOM   810  C CZ    . TYR A 1 106 ? 1.185   6.052   15.767  1.00 17.45 ? 106  TYR A CZ    1 
ATOM   811  O OH    . TYR A 1 106 ? 0.582   7.053   16.503  1.00 20.46 ? 106  TYR A OH    1 
ATOM   812  N N     . ALA A 1 107 ? 5.874   2.197   11.506  1.00 17.36 ? 107  ALA A N     1 
ATOM   813  C CA    . ALA A 1 107 ? 6.355   1.143   10.644  1.00 17.29 ? 107  ALA A CA    1 
ATOM   814  C C     . ALA A 1 107 ? 7.828   0.842   10.847  1.00 17.73 ? 107  ALA A C     1 
ATOM   815  O O     . ALA A 1 107 ? 8.679   1.766   10.960  1.00 17.63 ? 107  ALA A O     1 
ATOM   816  C CB    . ALA A 1 107 ? 6.084   1.527   9.154   1.00 17.01 ? 107  ALA A CB    1 
ATOM   817  N N     . THR A 1 108 ? 8.151   -0.449  10.817  1.00 16.78 ? 108  THR A N     1 
ATOM   818  C CA    . THR A 1 108 ? 9.530   -0.873  10.785  1.00 17.56 ? 108  THR A CA    1 
ATOM   819  C C     . THR A 1 108 ? 9.947   -1.666  9.521   1.00 18.03 ? 108  THR A C     1 
ATOM   820  O O     . THR A 1 108 ? 11.119  -2.099  9.427   1.00 17.01 ? 108  THR A O     1 
ATOM   821  C CB    . THR A 1 108 ? 9.826   -1.704  12.027  1.00 18.78 ? 108  THR A CB    1 
ATOM   822  O OG1   . THR A 1 108 ? 8.775   -2.650  12.175  1.00 18.86 ? 108  THR A OG1   1 
ATOM   823  C CG2   . THR A 1 108 ? 9.869   -0.775  13.317  1.00 18.50 ? 108  THR A CG2   1 
ATOM   824  N N     . ARG A 1 109 ? 9.005   -1.866  8.592   1.00 16.54 ? 109  ARG A N     1 
ATOM   825  C CA    . ARG A 1 109 ? 9.303   -2.483  7.274   1.00 17.62 ? 109  ARG A CA    1 
ATOM   826  C C     . ARG A 1 109 ? 8.547   -1.743  6.179   1.00 15.32 ? 109  ARG A C     1 
ATOM   827  O O     . ARG A 1 109 ? 7.419   -1.280  6.394   1.00 14.00 ? 109  ARG A O     1 
ATOM   828  C CB    . ARG A 1 109 ? 8.902   -3.975  7.246   1.00 17.85 ? 109  ARG A CB    1 
ATOM   829  C CG    . ARG A 1 109 ? 9.878   -4.852  8.031   1.00 21.70 ? 109  ARG A CG    1 
ATOM   830  C CD    . ARG A 1 109 ? 9.583   -6.355  7.814   1.00 22.44 ? 109  ARG A CD    1 
ATOM   831  N NE    . ARG A 1 109 ? 9.559   -6.744  6.405   1.00 25.58 ? 109  ARG A NE    1 
ATOM   832  C CZ    . ARG A 1 109 ? 9.024   -7.893  5.961   1.00 24.93 ? 109  ARG A CZ    1 
ATOM   833  N NH1   . ARG A 1 109 ? 8.438   -8.706  6.811   1.00 25.80 ? 109  ARG A NH1   1 
ATOM   834  N NH2   . ARG A 1 109 ? 9.023   -8.181  4.669   1.00 24.92 ? 109  ARG A NH2   1 
ATOM   835  N N     . CYS A 1 110 ? 9.164   -1.632  5.012   1.00 13.55 ? 110  CYS A N     1 
ATOM   836  C CA    . CYS A 1 110 ? 8.406   -1.235  3.814   1.00 13.78 ? 110  CYS A CA    1 
ATOM   837  C C     . CYS A 1 110 ? 8.857   -2.170  2.695   1.00 14.28 ? 110  CYS A C     1 
ATOM   838  O O     . CYS A 1 110 ? 10.039  -2.432  2.544   1.00 16.65 ? 110  CYS A O     1 
ATOM   839  C CB    . CYS A 1 110 ? 8.723   0.177   3.362   1.00 13.20 ? 110  CYS A CB    1 
ATOM   840  S SG    . CYS A 1 110 ? 8.252   1.520   4.547   1.00 16.20 ? 110  CYS A SG    1 
ATOM   841  N N     . GLU A 1 111 ? 7.901   -2.583  1.897   1.00 15.38 ? 111  GLU A N     1 
ATOM   842  C CA    . GLU A 1 111 ? 8.147   -3.420  0.706   1.00 15.89 ? 111  GLU A CA    1 
ATOM   843  C C     . GLU A 1 111 ? 7.639   -2.546  -0.442  1.00 14.68 ? 111  GLU A C     1 
ATOM   844  O O     . GLU A 1 111 ? 6.473   -2.234  -0.525  1.00 13.88 ? 111  GLU A O     1 
ATOM   845  C CB    . GLU A 1 111 ? 7.313   -4.707  0.851   1.00 16.59 ? 111  GLU A CB    1 
ATOM   846  C CG    . GLU A 1 111 ? 7.835   -5.572  2.013   1.00 19.19 ? 111  GLU A CG    1 
ATOM   847  C CD    . GLU A 1 111 ? 9.217   -6.144  1.677   1.00 23.35 ? 111  GLU A CD    1 
ATOM   848  O OE1   . GLU A 1 111 ? 9.414   -6.377  0.513   1.00 24.41 ? 111  GLU A OE1   1 
ATOM   849  O OE2   . GLU A 1 111 ? 10.076  -6.360  2.541   1.00 27.18 ? 111  GLU A OE2   1 
ATOM   850  N N     . VAL A 1 112 ? 8.550   -2.080  -1.261  1.00 14.52 ? 112  VAL A N     1 
ATOM   851  C CA    . VAL A 1 112 ? 8.249   -1.077  -2.256  1.00 14.26 ? 112  VAL A CA    1 
ATOM   852  C C     . VAL A 1 112 ? 8.501   -1.620  -3.646  1.00 15.46 ? 112  VAL A C     1 
ATOM   853  O O     . VAL A 1 112 ? 9.605   -2.128  -3.925  1.00 17.78 ? 112  VAL A O     1 
ATOM   854  C CB    . VAL A 1 112 ? 9.167   0.163   -2.064  1.00 14.93 ? 112  VAL A CB    1 
ATOM   855  C CG1   . VAL A 1 112 ? 8.828   1.244   -3.116  1.00 15.34 ? 112  VAL A CG1   1 
ATOM   856  C CG2   . VAL A 1 112 ? 9.065   0.693   -0.568  1.00 15.09 ? 112  VAL A CG2   1 
ATOM   857  N N     . THR A 1 113 ? 7.521   -1.481  -4.513  1.00 15.23 ? 113  THR A N     1 
ATOM   858  C CA    . THR A 1 113 ? 7.794   -1.786  -5.922  1.00 15.61 ? 113  THR A CA    1 
ATOM   859  C C     . THR A 1 113 ? 7.967   -0.467  -6.668  1.00 15.86 ? 113  THR A C     1 
ATOM   860  O O     . THR A 1 113 ? 7.099   0.376   -6.645  1.00 15.12 ? 113  THR A O     1 
ATOM   861  C CB    . THR A 1 113 ? 6.677   -2.644  -6.518  1.00 14.21 ? 113  THR A CB    1 
ATOM   862  O OG1   . THR A 1 113 ? 6.609   -3.876  -5.777  1.00 16.53 ? 113  THR A OG1   1 
ATOM   863  C CG2   . THR A 1 113 ? 7.021   -2.964  -8.011  1.00 14.59 ? 113  THR A CG2   1 
ATOM   864  N N     . GLU A 1 114 ? 9.106   -0.289  -7.314  1.00 14.37 ? 114  GLU A N     1 
ATOM   865  C CA    . GLU A 1 114 ? 9.317   0.899   -8.137  1.00 14.63 ? 114  GLU A CA    1 
ATOM   866  C C     . GLU A 1 114 ? 8.968   0.554   -9.604  1.00 15.57 ? 114  GLU A C     1 
ATOM   867  O O     . GLU A 1 114 ? 9.438   -0.467  -10.134 1.00 16.52 ? 114  GLU A O     1 
ATOM   868  C CB    . GLU A 1 114 ? 10.807  1.361   -8.064  1.00 14.41 ? 114  GLU A CB    1 
ATOM   869  C CG    . GLU A 1 114 ? 11.074  2.554   -9.051  1.00 16.65 ? 114  GLU A CG    1 
ATOM   870  C CD    . GLU A 1 114 ? 12.508  3.061   -9.017  1.00 18.16 ? 114  GLU A CD    1 
ATOM   871  O OE1   . GLU A 1 114 ? 13.413  2.409   -8.457  1.00 20.16 ? 114  GLU A OE1   1 
ATOM   872  O OE2   . GLU A 1 114 ? 12.697  4.158   -9.596  1.00 21.53 ? 114  GLU A OE2   1 
ATOM   873  N N     . VAL A 1 115 ? 8.149   1.403   -10.224 1.00 15.00 ? 115  VAL A N     1 
ATOM   874  C CA    . VAL A 1 115 ? 7.684   1.248   -11.601 1.00 14.73 ? 115  VAL A CA    1 
ATOM   875  C C     . VAL A 1 115 ? 8.436   2.304   -12.427 1.00 16.50 ? 115  VAL A C     1 
ATOM   876  O O     . VAL A 1 115 ? 8.329   3.511   -12.192 1.00 13.56 ? 115  VAL A O     1 
ATOM   877  C CB    . VAL A 1 115 ? 6.173   1.319   -11.736 1.00 15.43 ? 115  VAL A CB    1 
ATOM   878  C CG1   . VAL A 1 115 ? 5.715   1.051   -13.209 1.00 14.83 ? 115  VAL A CG1   1 
ATOM   879  C CG2   . VAL A 1 115 ? 5.484   0.285   -10.741 1.00 15.96 ? 115  VAL A CG2   1 
ATOM   880  N N     . ASP A 1 116 ? 9.245   1.811   -13.360 1.00 17.68 ? 116  ASP A N     1 
ATOM   881  C CA    . ASP A 1 116 ? 10.012  2.692   -14.273 1.00 17.65 ? 116  ASP A CA    1 
ATOM   882  C C     . ASP A 1 116 ? 9.098   3.293   -15.411 1.00 19.21 ? 116  ASP A C     1 
ATOM   883  O O     . ASP A 1 116 ? 9.220   2.974   -16.617 1.00 17.27 ? 116  ASP A O     1 
ATOM   884  C CB    . ASP A 1 116 ? 11.265  1.946   -14.727 1.00 17.66 ? 116  ASP A CB    1 
ATOM   885  C CG    . ASP A 1 116 ? 12.192  2.781   -15.639 1.00 17.53 ? 116  ASP A CG    1 
ATOM   886  O OD1   . ASP A 1 116 ? 12.071  4.013   -15.710 1.00 17.20 ? 116  ASP A OD1   1 
ATOM   887  O OD2   . ASP A 1 116 ? 13.051  2.178   -16.275 1.00 18.55 ? 116  ASP A OD2   1 
ATOM   888  N N     . ILE A 1 117 ? 8.164   4.155   -14.988 1.00 18.45 ? 117  ILE A N     1 
ATOM   889  C CA    . ILE A 1 117 ? 7.219   4.869   -15.875 1.00 19.75 ? 117  ILE A CA    1 
ATOM   890  C C     . ILE A 1 117 ? 7.436   6.393   -15.671 1.00 19.84 ? 117  ILE A C     1 
ATOM   891  O O     . ILE A 1 117 ? 7.670   6.843   -14.549 1.00 17.56 ? 117  ILE A O     1 
ATOM   892  C CB    . ILE A 1 117 ? 5.725   4.449   -15.603 1.00 19.73 ? 117  ILE A CB    1 
ATOM   893  C CG1   . ILE A 1 117 ? 4.762   5.183   -16.547 1.00 22.08 ? 117  ILE A CG1   1 
ATOM   894  C CG2   . ILE A 1 117 ? 5.308   4.657   -14.085 1.00 17.84 ? 117  ILE A CG2   1 
ATOM   895  C CD1   . ILE A 1 117 ? 3.296   4.720   -16.410 1.00 23.58 ? 117  ILE A CD1   1 
ATOM   896  N N     . GLY A 1 118 ? 7.422   7.166   -16.768 1.00 20.78 ? 118  GLY A N     1 
ATOM   897  C CA    . GLY A 1 118 ? 7.572   8.618   -16.676 1.00 21.42 ? 118  GLY A CA    1 
ATOM   898  C C     . GLY A 1 118 ? 6.200   9.181   -16.349 1.00 21.57 ? 118  GLY A C     1 
ATOM   899  O O     . GLY A 1 118 ? 5.279   9.124   -17.157 1.00 23.15 ? 118  GLY A O     1 
ATOM   900  N N     . LEU A 1 119 ? 6.054   9.689   -15.139 1.00 21.56 ? 119  LEU A N     1 
ATOM   901  C CA    . LEU A 1 119 ? 4.766   10.062  -14.624 1.00 22.53 ? 119  LEU A CA    1 
ATOM   902  C C     . LEU A 1 119 ? 5.013   11.195  -13.615 1.00 22.69 ? 119  LEU A C     1 
ATOM   903  O O     . LEU A 1 119 ? 4.992   10.962  -12.388 1.00 23.20 ? 119  LEU A O     1 
ATOM   904  C CB    . LEU A 1 119 ? 4.134   8.814   -13.985 1.00 22.66 ? 119  LEU A CB    1 
ATOM   905  C CG    . LEU A 1 119 ? 2.634   8.827   -13.803 1.00 25.21 ? 119  LEU A CG    1 
ATOM   906  C CD1   . LEU A 1 119 ? 1.949   8.840   -15.171 1.00 24.48 ? 119  LEU A CD1   1 
ATOM   907  C CD2   . LEU A 1 119 ? 2.197   7.585   -13.016 1.00 24.49 ? 119  LEU A CD2   1 
ATOM   908  N N     . PRO A 1 120 ? 5.340   12.412  -14.133 1.00 22.32 ? 120  PRO A N     1 
ATOM   909  C CA    . PRO A 1 120 ? 5.561   13.581  -13.296 1.00 22.18 ? 120  PRO A CA    1 
ATOM   910  C C     . PRO A 1 120 ? 4.365   13.773  -12.342 1.00 20.05 ? 120  PRO A C     1 
ATOM   911  O O     . PRO A 1 120 ? 3.218   13.628  -12.740 1.00 20.20 ? 120  PRO A O     1 
ATOM   912  C CB    . PRO A 1 120 ? 5.615   14.740  -14.318 1.00 22.47 ? 120  PRO A CB    1 
ATOM   913  C CG    . PRO A 1 120 ? 6.150   14.124  -15.515 1.00 24.29 ? 120  PRO A CG    1 
ATOM   914  C CD    . PRO A 1 120 ? 5.483   12.759  -15.572 1.00 23.13 ? 120  PRO A CD    1 
ATOM   915  N N     . ARG A 1 121 ? 4.672   14.050  -11.089 1.00 20.59 ? 121  ARG A N     1 
ATOM   916  C CA    . ARG A 1 121 ? 3.670   14.445  -10.097 1.00 20.79 ? 121  ARG A CA    1 
ATOM   917  C C     . ARG A 1 121 ? 2.746   15.564  -10.620 1.00 20.99 ? 121  ARG A C     1 
ATOM   918  O O     . ARG A 1 121 ? 3.192   16.511  -11.286 1.00 20.64 ? 121  ARG A O     1 
ATOM   919  C CB    . ARG A 1 121 ? 4.386   14.824  -8.789  1.00 19.39 ? 121  ARG A CB    1 
ATOM   920  C CG    . ARG A 1 121 ? 3.496   15.419  -7.723  1.00 24.53 ? 121  ARG A CG    1 
ATOM   921  C CD    . ARG A 1 121 ? 4.262   15.658  -6.376  1.00 24.46 ? 121  ARG A CD    1 
ATOM   922  N NE    . ARG A 1 121 ? 4.994   16.918  -6.321  1.00 28.30 ? 121  ARG A NE    1 
ATOM   923  C CZ    . ARG A 1 121 ? 4.432   18.102  -6.080  1.00 31.36 ? 121  ARG A CZ    1 
ATOM   924  N NH1   . ARG A 1 121 ? 3.103   18.194  -5.928  1.00 30.05 ? 121  ARG A NH1   1 
ATOM   925  N NH2   . ARG A 1 121 ? 5.200   19.210  -6.040  1.00 31.67 ? 121  ARG A NH2   1 
ATOM   926  N N     . GLU A 1 122 ? 1.447   15.412  -10.379 1.00 19.04 ? 122  GLU A N     1 
ATOM   927  C CA    . GLU A 1 122 ? 0.493   16.414  -10.695 1.00 19.66 ? 122  GLU A CA    1 
ATOM   928  C C     . GLU A 1 122 ? -0.260  16.757  -9.406  1.00 19.83 ? 122  GLU A C     1 
ATOM   929  O O     . GLU A 1 122 ? -0.269  15.967  -8.465  1.00 17.76 ? 122  GLU A O     1 
ATOM   930  C CB    . GLU A 1 122 ? -0.480  15.936  -11.785 1.00 19.82 ? 122  GLU A CB    1 
ATOM   931  C CG    . GLU A 1 122 ? 0.222   15.792  -13.135 1.00 22.06 ? 122  GLU A CG    1 
ATOM   932  C CD    . GLU A 1 122 ? -0.618  15.162  -14.211 1.00 25.63 ? 122  GLU A CD    1 
ATOM   933  O OE1   . GLU A 1 122 ? -1.792  14.801  -13.979 1.00 24.96 ? 122  GLU A OE1   1 
ATOM   934  O OE2   . GLU A 1 122 ? -0.056  15.023  -15.302 1.00 28.43 ? 122  GLU A OE2   1 
ATOM   935  N N     . ALA A 1 123 ? -0.884  17.935  -9.373  1.00 18.83 ? 123  ALA A N     1 
ATOM   936  C CA    . ALA A 1 123 ? -1.547  18.378  -8.162  1.00 19.41 ? 123  ALA A CA    1 
ATOM   937  C C     . ALA A 1 123 ? -2.710  17.461  -7.817  1.00 18.92 ? 123  ALA A C     1 
ATOM   938  O O     . ALA A 1 123 ? -3.495  17.075  -8.691  1.00 19.80 ? 123  ALA A O     1 
ATOM   939  C CB    . ALA A 1 123 ? -2.004  19.879  -8.299  1.00 17.38 ? 123  ALA A CB    1 
ATOM   940  N N     . GLY A 1 124 ? -2.800  17.093  -6.548  1.00 17.82 ? 124  GLY A N     1 
ATOM   941  C CA    . GLY A 1 124 ? -3.892  16.251  -6.089  1.00 17.53 ? 124  GLY A CA    1 
ATOM   942  C C     . GLY A 1 124 ? -3.606  14.740  -6.196  1.00 16.66 ? 124  GLY A C     1 
ATOM   943  O O     . GLY A 1 124 ? -4.441  13.931  -5.812  1.00 17.27 ? 124  GLY A O     1 
ATOM   944  N N     . ASP A 1 125 ? -2.464  14.364  -6.748  1.00 15.29 ? 125  ASP A N     1 
ATOM   945  C CA    . ASP A 1 125 ? -2.072  12.919  -6.845  1.00 16.12 ? 125  ASP A CA    1 
ATOM   946  C C     . ASP A 1 125 ? -1.986  12.296  -5.443  1.00 15.67 ? 125  ASP A C     1 
ATOM   947  O O     . ASP A 1 125 ? -1.717  12.998  -4.436  1.00 15.75 ? 125  ASP A O     1 
ATOM   948  C CB    . ASP A 1 125 ? -0.669  12.788  -7.452  1.00 15.83 ? 125  ASP A CB    1 
ATOM   949  C CG    . ASP A 1 125 ? -0.631  12.920  -9.005  1.00 15.31 ? 125  ASP A CG    1 
ATOM   950  O OD1   . ASP A 1 125 ? -1.669  12.923  -9.665  1.00 16.75 ? 125  ASP A OD1   1 
ATOM   951  O OD2   . ASP A 1 125 ? 0.512   12.957  -9.536  1.00 15.64 ? 125  ASP A OD2   1 
ATOM   952  N N     . ALA A 1 126 ? -2.133  10.983  -5.354  1.00 15.54 ? 126  ALA A N     1 
ATOM   953  C CA    . ALA A 1 126 ? -1.675  10.277  -4.120  1.00 14.19 ? 126  ALA A CA    1 
ATOM   954  C C     . ALA A 1 126 ? -0.176  9.959   -4.288  1.00 14.60 ? 126  ALA A C     1 
ATOM   955  O O     . ALA A 1 126 ? 0.245   9.478   -5.381  1.00 13.79 ? 126  ALA A O     1 
ATOM   956  C CB    . ALA A 1 126 ? -2.511  8.971   -3.937  1.00 14.53 ? 126  ALA A CB    1 
ATOM   957  N N     . LEU A 1 127 ? 0.627   10.205  -3.234  1.00 12.95 ? 127  LEU A N     1 
ATOM   958  C CA    . LEU A 1 127 ? 2.075   10.074  -3.264  1.00 14.52 ? 127  LEU A CA    1 
ATOM   959  C C     . LEU A 1 127 ? 2.557   9.095   -2.217  1.00 14.18 ? 127  LEU A C     1 
ATOM   960  O O     . LEU A 1 127 ? 1.945   8.973   -1.131  1.00 12.89 ? 127  LEU A O     1 
ATOM   961  C CB    . LEU A 1 127 ? 2.781   11.419  -3.026  1.00 14.94 ? 127  LEU A CB    1 
ATOM   962  C CG    . LEU A 1 127 ? 2.464   12.365  -4.186  1.00 21.52 ? 127  LEU A CG    1 
ATOM   963  C CD1   . LEU A 1 127 ? 2.542   13.736  -3.694  1.00 26.95 ? 127  LEU A CD1   1 
ATOM   964  C CD2   . LEU A 1 127 ? 3.395   12.113  -5.398  1.00 22.60 ? 127  LEU A CD2   1 
ATOM   965  N N     . ALA A 1 128 ? 3.683   8.448   -2.527  1.00 12.56 ? 128  ALA A N     1 
ATOM   966  C CA    . ALA A 1 128 ? 4.274   7.499   -1.599  1.00 14.35 ? 128  ALA A CA    1 
ATOM   967  C C     . ALA A 1 128 ? 4.988   8.345   -0.533  1.00 14.43 ? 128  ALA A C     1 
ATOM   968  O O     . ALA A 1 128 ? 5.457   9.494   -0.819  1.00 13.35 ? 128  ALA A O     1 
ATOM   969  C CB    . ALA A 1 128 ? 5.290   6.636   -2.307  1.00 14.25 ? 128  ALA A CB    1 
ATOM   970  N N     . PRO A 1 129 ? 5.108   7.770   0.667   1.00 16.51 ? 129  PRO A N     1 
ATOM   971  C CA    . PRO A 1 129 ? 5.897   8.401   1.731   1.00 18.59 ? 129  PRO A CA    1 
ATOM   972  C C     . PRO A 1 129 ? 7.390   8.321   1.325   1.00 18.09 ? 129  PRO A C     1 
ATOM   973  O O     . PRO A 1 129 ? 7.773   7.462   0.528   1.00 17.80 ? 129  PRO A O     1 
ATOM   974  C CB    . PRO A 1 129 ? 5.579   7.509   2.955   1.00 17.71 ? 129  PRO A CB    1 
ATOM   975  C CG    . PRO A 1 129 ? 5.316   6.197   2.416   1.00 20.18 ? 129  PRO A CG    1 
ATOM   976  C CD    . PRO A 1 129 ? 4.577   6.447   1.094   1.00 16.60 ? 129  PRO A CD    1 
ATOM   977  N N     . VAL A 1 130 ? 8.171   9.314   1.757   1.00 20.75 ? 130  VAL A N     1 
ATOM   978  C CA    . VAL A 1 130 ? 9.587   9.384   1.487   1.00 22.19 ? 130  VAL A CA    1 
ATOM   979  C C     . VAL A 1 130 ? 10.318  8.664   2.620   1.00 21.59 ? 130  VAL A C     1 
ATOM   980  O O     . VAL A 1 130 ? 10.034  8.910   3.800   1.00 21.94 ? 130  VAL A O     1 
ATOM   981  C CB    . VAL A 1 130 ? 10.042  10.867  1.436   1.00 23.94 ? 130  VAL A CB    1 
ATOM   982  C CG1   . VAL A 1 130 ? 11.556  10.991  1.538   1.00 27.25 ? 130  VAL A CG1   1 
ATOM   983  C CG2   . VAL A 1 130 ? 9.480   11.550  0.148   1.00 26.26 ? 130  VAL A CG2   1 
ATOM   984  N N     . LEU A 1 131 ? 11.236  7.759   2.280   1.00 18.87 ? 131  LEU A N     1 
ATOM   985  C CA    . LEU A 1 131 ? 11.988  7.048   3.337   1.00 19.64 ? 131  LEU A CA    1 
ATOM   986  C C     . LEU A 1 131 ? 13.325  7.757   3.600   1.00 20.78 ? 131  LEU A C     1 
ATOM   987  O O     . LEU A 1 131 ? 14.147  7.960   2.696   1.00 19.63 ? 131  LEU A O     1 
ATOM   988  C CB    . LEU A 1 131 ? 12.203  5.584   2.991   1.00 19.73 ? 131  LEU A CB    1 
ATOM   989  C CG    . LEU A 1 131 ? 10.888  4.828   2.721   1.00 18.53 ? 131  LEU A CG    1 
ATOM   990  C CD1   . LEU A 1 131 ? 11.179  3.302   2.470   1.00 20.24 ? 131  LEU A CD1   1 
ATOM   991  C CD2   . LEU A 1 131 ? 9.905   4.992   3.873   1.00 15.63 ? 131  LEU A CD2   1 
ATOM   992  N N     . ASP A 1 132 ? 13.525  8.160   4.844   1.00 21.61 ? 132  ASP A N     1 
ATOM   993  C CA    . ASP A 1 132 ? 14.731  8.935   5.204   1.00 23.50 ? 132  ASP A CA    1 
ATOM   994  C C     . ASP A 1 132 ? 15.859  7.998   5.641   1.00 24.62 ? 132  ASP A C     1 
ATOM   995  O O     . ASP A 1 132 ? 15.782  6.755   5.463   1.00 23.59 ? 132  ASP A O     1 
ATOM   996  C CB    . ASP A 1 132 ? 14.370  9.968   6.304   1.00 22.75 ? 132  ASP A CB    1 
ATOM   997  C CG    . ASP A 1 132 ? 13.990  9.288   7.654   1.00 22.05 ? 132  ASP A CG    1 
ATOM   998  O OD1   . ASP A 1 132 ? 14.245  8.054   7.801   1.00 21.48 ? 132  ASP A OD1   1 
ATOM   999  O OD2   . ASP A 1 132 ? 13.492  10.003  8.560   1.00 23.97 ? 132  ASP A OD2   1 
ATOM   1000 N N     . GLU A 1 133 ? 16.908  8.568   6.247   1.00 26.06 ? 133  GLU A N     1 
ATOM   1001 C CA    . GLU A 1 133 ? 18.102  7.779   6.582   1.00 27.88 ? 133  GLU A CA    1 
ATOM   1002 C C     . GLU A 1 133 ? 17.930  6.844   7.771   1.00 27.22 ? 133  GLU A C     1 
ATOM   1003 O O     . GLU A 1 133 ? 18.857  6.076   8.094   1.00 28.34 ? 133  GLU A O     1 
ATOM   1004 C CB    . GLU A 1 133 ? 19.282  8.717   6.905   1.00 29.16 ? 133  GLU A CB    1 
ATOM   1005 C CG    . GLU A 1 133 ? 19.019  9.511   8.221   1.00 32.62 ? 133  GLU A CG    1 
ATOM   1006 C CD    . GLU A 1 133 ? 20.054  10.524  8.447   1.00 40.67 ? 133  GLU A CD    1 
ATOM   1007 O OE1   . GLU A 1 133 ? 21.178  10.142  8.883   1.00 41.41 ? 133  GLU A OE1   1 
ATOM   1008 O OE2   . GLU A 1 133 ? 19.739  11.696  8.154   1.00 45.19 ? 133  GLU A OE2   1 
ATOM   1009 N N     . THR A 1 134 ? 16.775  6.865   8.437   1.00 27.24 ? 134  THR A N     1 
ATOM   1010 C CA    . THR A 1 134 ? 16.536  5.862   9.496   1.00 24.80 ? 134  THR A CA    1 
ATOM   1011 C C     . THR A 1 134 ? 16.356  4.455   8.882   1.00 25.81 ? 134  THR A C     1 
ATOM   1012 O O     . THR A 1 134 ? 16.510  3.452   9.593   1.00 23.55 ? 134  THR A O     1 
ATOM   1013 C CB    . THR A 1 134 ? 15.327  6.180   10.425  1.00 25.58 ? 134  THR A CB    1 
ATOM   1014 O OG1   . THR A 1 134 ? 14.106  6.165   9.663   1.00 21.71 ? 134  THR A OG1   1 
ATOM   1015 C CG2   . THR A 1 134 ? 15.528  7.565   11.161  1.00 22.19 ? 134  THR A CG2   1 
ATOM   1016 N N     . TRP A 1 135 ? 16.037  4.404   7.574   1.00 23.90 ? 135  TRP A N     1 
ATOM   1017 C CA    . TRP A 1 135 ? 15.727  3.154   6.887   1.00 23.52 ? 135  TRP A CA    1 
ATOM   1018 C C     . TRP A 1 135 ? 16.967  2.601   6.268   1.00 25.32 ? 135  TRP A C     1 
ATOM   1019 O O     . TRP A 1 135 ? 17.822  3.382   5.806   1.00 26.66 ? 135  TRP A O     1 
ATOM   1020 C CB    . TRP A 1 135 ? 14.662  3.353   5.773   1.00 21.33 ? 135  TRP A CB    1 
ATOM   1021 C CG    . TRP A 1 135 ? 13.330  3.720   6.337   1.00 20.60 ? 135  TRP A CG    1 
ATOM   1022 C CD1   . TRP A 1 135 ? 12.853  4.990   6.563   1.00 19.86 ? 135  TRP A CD1   1 
ATOM   1023 C CD2   . TRP A 1 135 ? 12.335  2.827   6.811   1.00 19.52 ? 135  TRP A CD2   1 
ATOM   1024 N NE1   . TRP A 1 135 ? 11.616  4.931   7.140   1.00 18.69 ? 135  TRP A NE1   1 
ATOM   1025 C CE2   . TRP A 1 135 ? 11.269  3.610   7.296   1.00 19.34 ? 135  TRP A CE2   1 
ATOM   1026 C CE3   . TRP A 1 135 ? 12.231  1.421   6.855   1.00 19.62 ? 135  TRP A CE3   1 
ATOM   1027 C CZ2   . TRP A 1 135 ? 10.097  3.044   7.807   1.00 17.35 ? 135  TRP A CZ2   1 
ATOM   1028 C CZ3   . TRP A 1 135 ? 11.075  0.855   7.370   1.00 17.10 ? 135  TRP A CZ3   1 
ATOM   1029 C CH2   . TRP A 1 135 ? 10.025  1.665   7.844   1.00 18.49 ? 135  TRP A CH2   1 
ATOM   1030 N N     . ARG A 1 136 ? 17.083  1.279   6.280   1.00 25.91 ? 136  ARG A N     1 
ATOM   1031 C CA    . ARG A 1 136 ? 18.039  0.599   5.413   1.00 28.76 ? 136  ARG A CA    1 
ATOM   1032 C C     . ARG A 1 136 ? 17.332  -0.347  4.460   1.00 28.37 ? 136  ARG A C     1 
ATOM   1033 O O     . ARG A 1 136 ? 16.349  -1.012  4.815   1.00 27.54 ? 136  ARG A O     1 
ATOM   1034 C CB    . ARG A 1 136 ? 19.167  -0.113  6.165   1.00 28.76 ? 136  ARG A CB    1 
ATOM   1035 C CG    . ARG A 1 136 ? 18.850  -0.810  7.493   1.00 32.63 ? 136  ARG A CG    1 
ATOM   1036 C CD    . ARG A 1 136 ? 20.202  -1.216  8.157   1.00 35.23 ? 136  ARG A CD    1 
ATOM   1037 N NE    . ARG A 1 136 ? 20.996  -2.005  7.186   1.00 47.08 ? 136  ARG A NE    1 
ATOM   1038 C CZ    . ARG A 1 136 ? 22.307  -1.868  6.955   1.00 49.86 ? 136  ARG A CZ    1 
ATOM   1039 N NH1   . ARG A 1 136 ? 23.034  -0.953  7.611   1.00 49.93 ? 136  ARG A NH1   1 
ATOM   1040 N NH2   . ARG A 1 136 ? 22.888  -2.646  6.039   1.00 50.02 ? 136  ARG A NH2   1 
ATOM   1041 N N     . GLY A 1 137 ? 17.870  -0.416  3.255   1.00 27.94 ? 137  GLY A N     1 
ATOM   1042 C CA    . GLY A 1 137 ? 17.190  -1.075  2.161   1.00 28.45 ? 137  GLY A CA    1 
ATOM   1043 C C     . GLY A 1 137 ? 18.099  -1.951  1.326   1.00 27.87 ? 137  GLY A C     1 
ATOM   1044 O O     . GLY A 1 137 ? 19.301  -1.744  1.300   1.00 27.04 ? 137  GLY A O     1 
ATOM   1045 N N     . GLU A 1 138 ? 17.494  -2.937  0.671   1.00 28.09 ? 138  GLU A N     1 
ATOM   1046 C CA    . GLU A 1 138 ? 18.123  -3.765  -0.339  1.00 28.44 ? 138  GLU A CA    1 
ATOM   1047 C C     . GLU A 1 138 ? 17.325  -3.498  -1.613  1.00 27.74 ? 138  GLU A C     1 
ATOM   1048 O O     . GLU A 1 138 ? 16.098  -3.474  -1.568  1.00 26.53 ? 138  GLU A O     1 
ATOM   1049 C CB    . GLU A 1 138 ? 17.962  -5.239  0.025   1.00 30.09 ? 138  GLU A CB    1 
ATOM   1050 C CG    . GLU A 1 138 ? 18.729  -5.704  1.265   1.00 37.61 ? 138  GLU A CG    1 
ATOM   1051 C CD    . GLU A 1 138 ? 17.907  -5.640  2.566   1.00 45.33 ? 138  GLU A CD    1 
ATOM   1052 O OE1   . GLU A 1 138 ? 16.778  -6.203  2.621   1.00 48.45 ? 138  GLU A OE1   1 
ATOM   1053 O OE2   . GLU A 1 138 ? 18.407  -5.030  3.549   1.00 50.40 ? 138  GLU A OE2   1 
ATOM   1054 N N     . THR A 1 139 ? 18.009  -3.333  -2.736  1.00 26.81 ? 139  THR A N     1 
ATOM   1055 C CA    . THR A 1 139 ? 17.375  -3.079  -4.009  1.00 26.82 ? 139  THR A CA    1 
ATOM   1056 C C     . THR A 1 139 ? 17.466  -4.353  -4.861  1.00 26.87 ? 139  THR A C     1 
ATOM   1057 O O     . THR A 1 139 ? 18.543  -4.951  -4.961  1.00 24.73 ? 139  THR A O     1 
ATOM   1058 C CB    . THR A 1 139 ? 18.050  -1.865  -4.698  1.00 28.16 ? 139  THR A CB    1 
ATOM   1059 O OG1   . THR A 1 139 ? 18.133  -0.780  -3.764  1.00 29.20 ? 139  THR A OG1   1 
ATOM   1060 C CG2   . THR A 1 139 ? 17.259  -1.388  -5.895  1.00 26.52 ? 139  THR A CG2   1 
ATOM   1061 N N     . GLY A 1 140 ? 16.347  -4.748  -5.469  1.00 25.41 ? 140  GLY A N     1 
ATOM   1062 C CA    . GLY A 1 140 ? 16.313  -5.939  -6.316  1.00 24.66 ? 140  GLY A CA    1 
ATOM   1063 C C     . GLY A 1 140 ? 16.627  -5.535  -7.747  1.00 23.91 ? 140  GLY A C     1 
ATOM   1064 O O     . GLY A 1 140 ? 16.702  -4.346  -8.068  1.00 22.73 ? 140  GLY A O     1 
ATOM   1065 N N     . GLU A 1 141 ? 16.788  -6.528  -8.624  1.00 24.82 ? 141  GLU A N     1 
ATOM   1066 C CA    . GLU A 1 141 ? 17.145  -6.296  -10.031 1.00 25.05 ? 141  GLU A CA    1 
ATOM   1067 C C     . GLU A 1 141 ? 15.923  -5.914  -10.812 1.00 24.65 ? 141  GLU A C     1 
ATOM   1068 O O     . GLU A 1 141 ? 14.831  -6.363  -10.499 1.00 25.67 ? 141  GLU A O     1 
ATOM   1069 C CB    . GLU A 1 141 ? 17.801  -7.605  -10.605 1.00 26.16 ? 141  GLU A CB    1 
ATOM   1070 C CG    . GLU A 1 141 ? 19.130  -8.012  -9.889  1.00 28.14 ? 141  GLU A CG    1 
ATOM   1071 C CD    . GLU A 1 141 ? 20.186  -6.901  -9.901  1.00 33.41 ? 141  GLU A CD    1 
ATOM   1072 O OE1   . GLU A 1 141 ? 20.378  -6.291  -10.971 1.00 32.83 ? 141  GLU A OE1   1 
ATOM   1073 O OE2   . GLU A 1 141 ? 20.788  -6.599  -8.833  1.00 34.89 ? 141  GLU A OE2   1 
ATOM   1074 N N     . TRP A 1 142 ? 16.059  -5.053  -11.805 1.00 24.37 ? 142  TRP A N     1 
ATOM   1075 C CA    . TRP A 1 142 ? 14.938  -4.744  -12.679 1.00 24.48 ? 142  TRP A CA    1 
ATOM   1076 C C     . TRP A 1 142 ? 14.413  -5.996  -13.430 1.00 26.49 ? 142  TRP A C     1 
ATOM   1077 O O     . TRP A 1 142 ? 15.222  -6.873  -13.810 1.00 25.47 ? 142  TRP A O     1 
ATOM   1078 C CB    . TRP A 1 142 ? 15.387  -3.724  -13.716 1.00 24.58 ? 142  TRP A CB    1 
ATOM   1079 C CG    . TRP A 1 142 ? 15.724  -2.361  -13.229 1.00 22.32 ? 142  TRP A CG    1 
ATOM   1080 C CD1   . TRP A 1 142 ? 16.965  -1.813  -13.143 1.00 21.07 ? 142  TRP A CD1   1 
ATOM   1081 C CD2   . TRP A 1 142 ? 14.796  -1.356  -12.792 1.00 21.45 ? 142  TRP A CD2   1 
ATOM   1082 N NE1   . TRP A 1 142 ? 16.875  -0.514  -12.686 1.00 24.24 ? 142  TRP A NE1   1 
ATOM   1083 C CE2   . TRP A 1 142 ? 15.552  -0.202  -12.476 1.00 21.27 ? 142  TRP A CE2   1 
ATOM   1084 C CE3   . TRP A 1 142 ? 13.394  -1.306  -12.675 1.00 19.22 ? 142  TRP A CE3   1 
ATOM   1085 C CZ2   . TRP A 1 142 ? 14.955  0.989   -12.027 1.00 22.27 ? 142  TRP A CZ2   1 
ATOM   1086 C CZ3   . TRP A 1 142 ? 12.802  -0.118  -12.218 1.00 22.19 ? 142  TRP A CZ3   1 
ATOM   1087 C CH2   . TRP A 1 142 ? 13.598  1.012   -11.895 1.00 19.91 ? 142  TRP A CH2   1 
ATOM   1088 N N     . ARG A 1 143 ? 13.086  -6.064  -13.629 1.00 27.04 ? 143  ARG A N     1 
ATOM   1089 C CA    . ARG A 1 143 ? 12.412  -7.104  -14.422 1.00 29.38 ? 143  ARG A CA    1 
ATOM   1090 C C     . ARG A 1 143 ? 11.552  -6.322  -15.426 1.00 27.74 ? 143  ARG A C     1 
ATOM   1091 O O     . ARG A 1 143 ? 11.206  -5.179  -15.138 1.00 25.89 ? 143  ARG A O     1 
ATOM   1092 C CB    . ARG A 1 143 ? 11.554  -8.031  -13.486 1.00 30.61 ? 143  ARG A CB    1 
ATOM   1093 C CG    . ARG A 1 143 ? 12.286  -8.491  -12.101 1.00 34.91 ? 143  ARG A CG    1 
ATOM   1094 C CD    . ARG A 1 143 ? 11.387  -9.164  -10.941 1.00 34.31 ? 143  ARG A CD    1 
ATOM   1095 N NE    . ARG A 1 143 ? 12.107  -9.464  -9.661  1.00 37.19 ? 143  ARG A NE    1 
ATOM   1096 C CZ    . ARG A 1 143 ? 11.566  -9.998  -8.542  1.00 39.46 ? 143  ARG A CZ    1 
ATOM   1097 N NH1   . ARG A 1 143 ? 10.262  -10.296 -8.479  1.00 42.14 ? 143  ARG A NH1   1 
ATOM   1098 N NH2   . ARG A 1 143 ? 12.310  -10.223 -7.448  1.00 39.18 ? 143  ARG A NH2   1 
ATOM   1099 N N     . PHE A 1 144 ? 11.229  -6.884  -16.606 1.00 24.68 ? 144  PHE A N     1 
ATOM   1100 C CA    . PHE A 1 144 ? 10.248  -6.286  -17.523 1.00 25.46 ? 144  PHE A CA    1 
ATOM   1101 C C     . PHE A 1 144 ? 8.915   -6.984  -17.282 1.00 25.35 ? 144  PHE A C     1 
ATOM   1102 O O     . PHE A 1 144 ? 8.854   -8.214  -17.167 1.00 25.72 ? 144  PHE A O     1 
ATOM   1103 C CB    . PHE A 1 144 ? 10.602  -6.428  -19.045 1.00 25.81 ? 144  PHE A CB    1 
ATOM   1104 C CG    . PHE A 1 144 ? 11.459  -5.290  -19.601 1.00 24.70 ? 144  PHE A CG    1 
ATOM   1105 C CD1   . PHE A 1 144 ? 10.881  -4.092  -20.066 1.00 23.18 ? 144  PHE A CD1   1 
ATOM   1106 C CD2   . PHE A 1 144 ? 12.849  -5.439  -19.677 1.00 25.23 ? 144  PHE A CD2   1 
ATOM   1107 C CE1   . PHE A 1 144 ? 11.690  -3.061  -20.588 1.00 20.00 ? 144  PHE A CE1   1 
ATOM   1108 C CE2   . PHE A 1 144 ? 13.664  -4.404  -20.189 1.00 28.05 ? 144  PHE A CE2   1 
ATOM   1109 C CZ    . PHE A 1 144 ? 13.080  -3.227  -20.646 1.00 25.33 ? 144  PHE A CZ    1 
ATOM   1110 N N     . SER A 1 145 ? 7.887   -6.178  -17.197 1.00 24.65 ? 145  SER A N     1 
ATOM   1111 C CA    . SER A 1 145 ? 6.518   -6.609  -17.090 1.00 26.78 ? 145  SER A CA    1 
ATOM   1112 C C     . SER A 1 145 ? 6.011   -6.957  -18.486 1.00 27.45 ? 145  SER A C     1 
ATOM   1113 O O     . SER A 1 145 ? 6.519   -6.438  -19.493 1.00 25.84 ? 145  SER A O     1 
ATOM   1114 C CB    . SER A 1 145 ? 5.707   -5.410  -16.596 1.00 26.30 ? 145  SER A CB    1 
ATOM   1115 O OG    . SER A 1 145 ? 4.386   -5.787  -16.357 1.00 29.49 ? 145  SER A OG    1 
ATOM   1116 N N     . ARG A 1 146 ? 4.987   -7.792  -18.546 1.00 28.44 ? 146  ARG A N     1 
ATOM   1117 C CA    . ARG A 1 146 ? 4.301   -8.035  -19.800 1.00 30.18 ? 146  ARG A CA    1 
ATOM   1118 C C     . ARG A 1 146 ? 3.782   -6.728  -20.415 1.00 30.41 ? 146  ARG A C     1 
ATOM   1119 O O     . ARG A 1 146 ? 3.692   -6.638  -21.620 1.00 30.58 ? 146  ARG A O     1 
ATOM   1120 C CB    . ARG A 1 146 ? 3.152   -9.037  -19.605 1.00 30.70 ? 146  ARG A CB    1 
ATOM   1121 C CG    . ARG A 1 146 ? 2.875   -9.851  -20.850 1.00 33.88 ? 146  ARG A CG    1 
ATOM   1122 C CD    . ARG A 1 146 ? 1.408   -10.161 -20.942 1.00 42.66 ? 146  ARG A CD    1 
ATOM   1123 N NE    . ARG A 1 146 ? 1.118   -11.131 -21.996 1.00 45.51 ? 146  ARG A NE    1 
ATOM   1124 C CZ    . ARG A 1 146 ? 0.430   -10.851 -23.088 1.00 46.94 ? 146  ARG A CZ    1 
ATOM   1125 N NH1   . ARG A 1 146 ? -0.017  -9.618  -23.291 1.00 47.96 ? 146  ARG A NH1   1 
ATOM   1126 N NH2   . ARG A 1 146 ? 0.200   -11.806 -23.985 1.00 50.01 ? 146  ARG A NH2   1 
ATOM   1127 N N     . SER A 1 147 ? 3.465   -5.707  -19.593 1.00 30.50 ? 147  SER A N     1 
ATOM   1128 C CA    . SER A 1 147 ? 3.071   -4.391  -20.113 1.00 30.24 ? 147  SER A CA    1 
ATOM   1129 C C     . SER A 1 147 ? 4.215   -3.636  -20.835 1.00 29.46 ? 147  SER A C     1 
ATOM   1130 O O     . SER A 1 147 ? 3.955   -2.645  -21.522 1.00 29.22 ? 147  SER A O     1 
ATOM   1131 C CB    . SER A 1 147 ? 2.481   -3.479  -19.016 1.00 31.93 ? 147  SER A CB    1 
ATOM   1132 O OG    . SER A 1 147 ? 3.413   -3.177  -17.969 1.00 33.28 ? 147  SER A OG    1 
ATOM   1133 N N     . GLY A 1 148 ? 5.455   -4.099  -20.672 1.00 26.17 ? 148  GLY A N     1 
ATOM   1134 C CA    . GLY A 1 148 ? 6.592   -3.321  -21.166 1.00 24.32 ? 148  GLY A CA    1 
ATOM   1135 C C     . GLY A 1 148 ? 7.264   -2.426  -20.112 1.00 23.01 ? 148  GLY A C     1 
ATOM   1136 O O     . GLY A 1 148 ? 8.275   -1.813  -20.398 1.00 22.29 ? 148  GLY A O     1 
ATOM   1137 N N     . LEU A 1 149 ? 6.728   -2.365  -18.892 1.00 20.51 ? 149  LEU A N     1 
ATOM   1138 C CA    . LEU A 1 149 ? 7.346   -1.469  -17.850 1.00 20.36 ? 149  LEU A CA    1 
ATOM   1139 C C     . LEU A 1 149 ? 8.423   -2.236  -17.114 1.00 19.95 ? 149  LEU A C     1 
ATOM   1140 O O     . LEU A 1 149 ? 8.177   -3.385  -16.716 1.00 21.12 ? 149  LEU A O     1 
ATOM   1141 C CB    . LEU A 1 149 ? 6.294   -0.974  -16.838 1.00 20.23 ? 149  LEU A CB    1 
ATOM   1142 C CG    . LEU A 1 149 ? 5.232   -0.064  -17.451 1.00 23.69 ? 149  LEU A CG    1 
ATOM   1143 C CD1   . LEU A 1 149 ? 4.090   0.185   -16.406 1.00 27.74 ? 149  LEU A CD1   1 
ATOM   1144 C CD2   . LEU A 1 149 ? 5.778   1.295   -17.989 1.00 23.64 ? 149  LEU A CD2   1 
ATOM   1145 N N     . ARG A 1 150 ? 9.599   -1.639  -16.881 1.00 17.80 ? 150  ARG A N     1 
ATOM   1146 C CA    . ARG A 1 150 ? 10.531  -2.273  -15.956 1.00 18.13 ? 150  ARG A CA    1 
ATOM   1147 C C     . ARG A 1 150 ? 10.045  -1.958  -14.531 1.00 17.40 ? 150  ARG A C     1 
ATOM   1148 O O     . ARG A 1 150 ? 9.426   -0.905  -14.282 1.00 16.14 ? 150  ARG A O     1 
ATOM   1149 C CB    . ARG A 1 150 ? 11.980  -1.790  -16.068 1.00 19.89 ? 150  ARG A CB    1 
ATOM   1150 C CG    . ARG A 1 150 ? 12.577  -1.796  -17.481 1.00 24.53 ? 150  ARG A CG    1 
ATOM   1151 C CD    . ARG A 1 150 ? 14.090  -1.604  -17.291 1.00 25.75 ? 150  ARG A CD    1 
ATOM   1152 N NE    . ARG A 1 150 ? 14.414  -0.301  -16.686 1.00 26.35 ? 150  ARG A NE    1 
ATOM   1153 C CZ    . ARG A 1 150 ? 15.608  0.031   -16.212 1.00 26.78 ? 150  ARG A CZ    1 
ATOM   1154 N NH1   . ARG A 1 150 ? 16.597  -0.849  -16.245 1.00 30.48 ? 150  ARG A NH1   1 
ATOM   1155 N NH2   . ARG A 1 150 ? 15.825  1.230   -15.701 1.00 24.06 ? 150  ARG A NH2   1 
ATOM   1156 N N     . TYR A 1 151 ? 10.312  -2.880  -13.630 1.00 17.30 ? 151  TYR A N     1 
ATOM   1157 C CA    . TYR A 1 151 ? 9.971   -2.685  -12.219 1.00 17.55 ? 151  TYR A CA    1 
ATOM   1158 C C     . TYR A 1 151 ? 11.006  -3.424  -11.378 1.00 18.75 ? 151  TYR A C     1 
ATOM   1159 O O     . TYR A 1 151 ? 11.717  -4.347  -11.880 1.00 19.46 ? 151  TYR A O     1 
ATOM   1160 C CB    . TYR A 1 151 ? 8.514   -3.168  -11.951 1.00 17.69 ? 151  TYR A CB    1 
ATOM   1161 C CG    . TYR A 1 151 ? 8.346   -4.662  -12.098 1.00 20.48 ? 151  TYR A CG    1 
ATOM   1162 C CD1   . TYR A 1 151 ? 8.237   -5.264  -13.395 1.00 20.32 ? 151  TYR A CD1   1 
ATOM   1163 C CD2   . TYR A 1 151 ? 8.351   -5.500  -10.981 1.00 20.97 ? 151  TYR A CD2   1 
ATOM   1164 C CE1   . TYR A 1 151 ? 8.098   -6.636  -13.535 1.00 21.45 ? 151  TYR A CE1   1 
ATOM   1165 C CE2   . TYR A 1 151 ? 8.217   -6.899  -11.132 1.00 22.21 ? 151  TYR A CE2   1 
ATOM   1166 C CZ    . TYR A 1 151 ? 8.092   -7.440  -12.406 1.00 22.43 ? 151  TYR A CZ    1 
ATOM   1167 O OH    . TYR A 1 151 ? 7.993   -8.812  -12.544 1.00 20.74 ? 151  TYR A OH    1 
ATOM   1168 N N     . ARG A 1 152 ? 11.145  -3.028  -10.112 1.00 16.66 ? 152  ARG A N     1 
ATOM   1169 C CA    . ARG A 1 152 ? 12.062  -3.643  -9.183  1.00 17.47 ? 152  ARG A CA    1 
ATOM   1170 C C     . ARG A 1 152 ? 11.518  -3.482  -7.751  1.00 17.35 ? 152  ARG A C     1 
ATOM   1171 O O     . ARG A 1 152 ? 10.723  -2.554  -7.471  1.00 16.47 ? 152  ARG A O     1 
ATOM   1172 C CB    . ARG A 1 152 ? 13.526  -3.119  -9.282  1.00 17.32 ? 152  ARG A CB    1 
ATOM   1173 C CG    . ARG A 1 152 ? 13.698  -1.657  -8.919  1.00 19.70 ? 152  ARG A CG    1 
ATOM   1174 C CD    . ARG A 1 152 ? 15.153  -1.253  -8.942  1.00 17.73 ? 152  ARG A CD    1 
ATOM   1175 N NE    . ARG A 1 152 ? 15.271  0.216   -8.962  1.00 22.00 ? 152  ARG A NE    1 
ATOM   1176 C CZ    . ARG A 1 152 ? 16.411  0.878   -9.153  1.00 24.51 ? 152  ARG A CZ    1 
ATOM   1177 N NH1   . ARG A 1 152 ? 17.564  0.226   -9.313  1.00 23.95 ? 152  ARG A NH1   1 
ATOM   1178 N NH2   . ARG A 1 152 ? 16.398  2.213   -9.198  1.00 25.08 ? 152  ARG A NH2   1 
ATOM   1179 N N     . LEU A 1 153 ? 11.931  -4.412  -6.903  1.00 17.62 ? 153  LEU A N     1 
ATOM   1180 C CA    . LEU A 1 153 ? 11.512  -4.476  -5.499  1.00 18.48 ? 153  LEU A CA    1 
ATOM   1181 C C     . LEU A 1 153 ? 12.601  -3.981  -4.539  1.00 19.15 ? 153  LEU A C     1 
ATOM   1182 O O     . LEU A 1 153 ? 13.773  -4.386  -4.615  1.00 19.96 ? 153  LEU A O     1 
ATOM   1183 C CB    . LEU A 1 153 ? 11.133  -5.900  -5.095  1.00 20.55 ? 153  LEU A CB    1 
ATOM   1184 C CG    . LEU A 1 153 ? 10.083  -6.643  -5.940  1.00 23.01 ? 153  LEU A CG    1 
ATOM   1185 C CD1   . LEU A 1 153 ? 9.708   -7.985  -5.240  1.00 27.94 ? 153  LEU A CD1   1 
ATOM   1186 C CD2   . LEU A 1 153 ? 8.855   -5.823  -6.185  1.00 30.30 ? 153  LEU A CD2   1 
ATOM   1187 N N     . TYR A 1 154 ? 12.199  -3.109  -3.627  1.00 18.20 ? 154  TYR A N     1 
ATOM   1188 C CA    . TYR A 1 154 ? 13.014  -2.777  -2.439  1.00 19.63 ? 154  TYR A CA    1 
ATOM   1189 C C     . TYR A 1 154 ? 12.375  -3.321  -1.185  1.00 20.35 ? 154  TYR A C     1 
ATOM   1190 O O     . TYR A 1 154 ? 11.143  -3.326  -1.052  1.00 19.08 ? 154  TYR A O     1 
ATOM   1191 C CB    . TYR A 1 154 ? 13.087  -1.279  -2.240  1.00 20.24 ? 154  TYR A CB    1 
ATOM   1192 C CG    . TYR A 1 154 ? 13.651  -0.449  -3.368  1.00 19.74 ? 154  TYR A CG    1 
ATOM   1193 C CD1   . TYR A 1 154 ? 12.931  -0.256  -4.568  1.00 19.35 ? 154  TYR A CD1   1 
ATOM   1194 C CD2   . TYR A 1 154 ? 14.843  0.249   -3.179  1.00 21.46 ? 154  TYR A CD2   1 
ATOM   1195 C CE1   . TYR A 1 154 ? 13.443  0.566   -5.564  1.00 20.33 ? 154  TYR A CE1   1 
ATOM   1196 C CE2   . TYR A 1 154 ? 15.365  1.073   -4.164  1.00 20.16 ? 154  TYR A CE2   1 
ATOM   1197 C CZ    . TYR A 1 154 ? 14.666  1.233   -5.336  1.00 20.72 ? 154  TYR A CZ    1 
ATOM   1198 O OH    . TYR A 1 154 ? 15.196  2.077   -6.289  1.00 22.41 ? 154  TYR A OH    1 
ATOM   1199 N N     . SER A 1 155 ? 13.218  -3.827  -0.282  1.00 20.22 ? 155  SER A N     1 
ATOM   1200 C CA    . SER A 1 155 ? 12.817  -4.216  1.061   1.00 20.77 ? 155  SER A CA    1 
ATOM   1201 C C     . SER A 1 155 ? 13.600  -3.293  1.992   1.00 21.35 ? 155  SER A C     1 
ATOM   1202 O O     . SER A 1 155 ? 14.844  -3.194  1.920   1.00 22.00 ? 155  SER A O     1 
ATOM   1203 C CB    . SER A 1 155 ? 13.188  -5.677  1.334   1.00 20.82 ? 155  SER A CB    1 
ATOM   1204 O OG    . SER A 1 155 ? 12.491  -6.510  0.428   1.00 23.20 ? 155  SER A OG    1 
ATOM   1205 N N     . TYR A 1 156 ? 12.862  -2.543  2.793   1.00 21.13 ? 156  TYR A N     1 
ATOM   1206 C CA    . TYR A 1 156 ? 13.499  -1.609  3.728   1.00 20.94 ? 156  TYR A CA    1 
ATOM   1207 C C     . TYR A 1 156 ? 13.098  -2.029  5.121   1.00 22.02 ? 156  TYR A C     1 
ATOM   1208 O O     . TYR A 1 156 ? 11.996  -2.622  5.357   1.00 19.51 ? 156  TYR A O     1 
ATOM   1209 C CB    . TYR A 1 156 ? 12.981  -0.200  3.500   1.00 21.52 ? 156  TYR A CB    1 
ATOM   1210 C CG    . TYR A 1 156 ? 13.400  0.528   2.260   1.00 21.91 ? 156  TYR A CG    1 
ATOM   1211 C CD1   . TYR A 1 156 ? 14.595  1.270   2.235   1.00 21.95 ? 156  TYR A CD1   1 
ATOM   1212 C CD2   . TYR A 1 156 ? 12.549  0.589   1.135   1.00 22.20 ? 156  TYR A CD2   1 
ATOM   1213 C CE1   . TYR A 1 156 ? 14.979  1.992   1.114   1.00 26.03 ? 156  TYR A CE1   1 
ATOM   1214 C CE2   . TYR A 1 156 ? 12.950  1.309   -0.011  1.00 20.61 ? 156  TYR A CE2   1 
ATOM   1215 C CZ    . TYR A 1 156 ? 14.142  1.999   -0.010  1.00 23.77 ? 156  TYR A CZ    1 
ATOM   1216 O OH    . TYR A 1 156 ? 14.503  2.739   -1.113  1.00 22.80 ? 156  TYR A OH    1 
ATOM   1217 N N     . HIS A 1 157 ? 13.980  -1.715  6.069   1.00 22.45 ? 157  HIS A N     1 
ATOM   1218 C CA    . HIS A 1 157 ? 13.721  -2.044  7.443   1.00 24.25 ? 157  HIS A CA    1 
ATOM   1219 C C     . HIS A 1 157 ? 14.381  -0.994  8.346   1.00 24.09 ? 157  HIS A C     1 
ATOM   1220 O O     . HIS A 1 157 ? 15.315  -0.302  7.933   1.00 24.07 ? 157  HIS A O     1 
ATOM   1221 C CB    . HIS A 1 157 ? 14.227  -3.461  7.760   1.00 25.45 ? 157  HIS A CB    1 
ATOM   1222 C CG    . HIS A 1 157 ? 15.685  -3.669  7.494   1.00 33.48 ? 157  HIS A CG    1 
ATOM   1223 N ND1   . HIS A 1 157 ? 16.169  -4.108  6.274   1.00 38.91 ? 157  HIS A ND1   1 
ATOM   1224 C CD2   . HIS A 1 157 ? 16.766  -3.529  8.298   1.00 38.42 ? 157  HIS A CD2   1 
ATOM   1225 C CE1   . HIS A 1 157 ? 17.485  -4.207  6.337   1.00 40.46 ? 157  HIS A CE1   1 
ATOM   1226 N NE2   . HIS A 1 157 ? 17.872  -3.860  7.553   1.00 40.64 ? 157  HIS A NE2   1 
ATOM   1227 N N     . ARG A 1 158 ? 13.852  -0.863  9.550   1.00 24.38 ? 158  ARG A N     1 
ATOM   1228 C CA    . ARG A 1 158 ? 14.520  -0.100  10.603  1.00 25.76 ? 158  ARG A CA    1 
ATOM   1229 C C     . ARG A 1 158 ? 14.094  -0.758  11.910  1.00 28.13 ? 158  ARG A C     1 
ATOM   1230 O O     . ARG A 1 158 ? 13.000  -1.320  11.985  1.00 28.56 ? 158  ARG A O     1 
ATOM   1231 C CB    . ARG A 1 158 ? 14.191  1.403   10.494  1.00 25.55 ? 158  ARG A CB    1 
ATOM   1232 C CG    . ARG A 1 158 ? 12.719  1.805   10.682  1.00 24.58 ? 158  ARG A CG    1 
ATOM   1233 C CD    . ARG A 1 158 ? 12.545  3.308   10.659  1.00 22.66 ? 158  ARG A CD    1 
ATOM   1234 N NE    . ARG A 1 158 ? 11.122  3.637   10.843  1.00 20.46 ? 158  ARG A NE    1 
ATOM   1235 C CZ    . ARG A 1 158 ? 10.622  4.874   10.811  1.00 15.11 ? 158  ARG A CZ    1 
ATOM   1236 N NH1   . ARG A 1 158 ? 11.438  5.931   10.625  1.00 14.46 ? 158  ARG A NH1   1 
ATOM   1237 N NH2   . ARG A 1 158 ? 9.319   5.061   10.987  1.00 17.21 ? 158  ARG A NH2   1 
ATOM   1238 N N     . SER A 1 159 ? 14.961  -0.762  12.925  1.00 29.73 ? 159  SER A N     1 
ATOM   1239 C CA    . SER A 1 159 ? 14.666  -1.532  14.155  1.00 32.96 ? 159  SER A CA    1 
ATOM   1240 C C     . SER A 1 159 ? 14.013  -0.666  15.224  1.00 33.08 ? 159  SER A C     1 
ATOM   1241 O O     . SER A 1 159 ? 13.382  -1.184  16.147  1.00 34.13 ? 159  SER A O     1 
ATOM   1242 C CB    . SER A 1 159 ? 15.934  -2.193  14.714  1.00 33.83 ? 159  SER A CB    1 
ATOM   1243 O OG    . SER A 1 159 ? 16.761  -2.672  13.651  1.00 38.05 ? 159  SER A OG    1 
ATOM   1244 O OXT   . SER A 1 159 ? 14.084  0.573   15.186  1.00 33.13 ? 159  SER A OXT   1 
HETATM 1245 C CAT   . 1DG B 2 .   ? -0.505  -1.392  -2.567  1.00 21.41 ? 200  1DG A CAT   1 
HETATM 1246 C CAR   . 1DG B 2 .   ? 0.448   -2.369  -2.833  1.00 24.97 ? 200  1DG A CAR   1 
HETATM 1247 N NAZ   . 1DG B 2 .   ? 0.626   -2.946  -4.096  1.00 27.35 ? 200  1DG A NAZ   1 
HETATM 1248 C CAS   . 1DG B 2 .   ? -0.210  -2.528  -5.138  1.00 30.79 ? 200  1DG A CAS   1 
HETATM 1249 C CAU   . 1DG B 2 .   ? -1.181  -1.572  -4.858  1.00 26.62 ? 200  1DG A CAU   1 
HETATM 1250 C CBN   . 1DG B 2 .   ? -1.339  -0.990  -3.604  1.00 25.14 ? 200  1DG A CBN   1 
HETATM 1251 C CBK   . 1DG B 2 .   ? -2.313  -0.002  -3.523  1.00 23.95 ? 200  1DG A CBK   1 
HETATM 1252 O OAD   . 1DG B 2 .   ? -3.368  -0.250  -4.104  1.00 22.36 ? 200  1DG A OAD   1 
HETATM 1253 C CBT   . 1DG B 2 .   ? -1.967  1.252   -3.032  1.00 16.11 ? 200  1DG A CBT   1 
HETATM 1254 C CBL   . 1DG B 2 .   ? -1.492  2.012   -4.095  1.00 15.07 ? 200  1DG A CBL   1 
HETATM 1255 C CAQ   . 1DG B 2 .   ? -2.270  3.044   -4.607  1.00 15.06 ? 200  1DG A CAQ   1 
HETATM 1256 C CBJ   . 1DG B 2 .   ? -0.252  1.756   -4.669  1.00 17.25 ? 200  1DG A CBJ   1 
HETATM 1257 O OAC   . 1DG B 2 .   ? 0.512   0.948   -4.144  1.00 16.01 ? 200  1DG A OAC   1 
HETATM 1258 N NAA   . 1DG B 2 .   ? 0.127   2.340   -5.803  1.00 13.37 ? 200  1DG A NAA   1 
HETATM 1259 C CAO   . 1DG B 2 .   ? -3.089  1.802   -2.421  1.00 14.98 ? 200  1DG A CAO   1 
HETATM 1260 C CAP   . 1DG B 2 .   ? -3.809  2.859   -2.962  1.00 13.91 ? 200  1DG A CAP   1 
HETATM 1261 N NBZ   . 1DG B 2 .   ? -3.469  3.380   -4.139  1.00 15.23 ? 200  1DG A NBZ   1 
HETATM 1262 C "C1'" . 1DG B 2 .   ? -4.059  4.657   -4.566  1.00 14.65 ? 200  1DG A "C1'" 1 
HETATM 1263 O "O4'" . 1DG B 2 .   ? -4.013  5.752   -3.640  1.00 15.52 ? 200  1DG A "O4'" 1 
HETATM 1264 C "C2'" . 1DG B 2 .   ? -5.532  4.522   -4.914  1.00 13.31 ? 200  1DG A "C2'" 1 
HETATM 1265 O "O2'" . 1DG B 2 .   ? -5.708  3.885   -6.187  1.00 17.33 ? 200  1DG A "O2'" 1 
HETATM 1266 C "C3'" . 1DG B 2 .   ? -6.006  5.965   -4.984  1.00 16.46 ? 200  1DG A "C3'" 1 
HETATM 1267 O "O3'" . 1DG B 2 .   ? -5.634  6.520   -6.254  1.00 14.74 ? 200  1DG A "O3'" 1 
HETATM 1268 C "C4'" . 1DG B 2 .   ? -5.188  6.550   -3.844  1.00 13.50 ? 200  1DG A "C4'" 1 
HETATM 1269 C "C5'" . 1DG B 2 .   ? -6.019  6.591   -2.571  1.00 15.27 ? 200  1DG A "C5'" 1 
HETATM 1270 O "O5'" . 1DG B 2 .   ? -5.204  7.246   -1.595  1.00 13.28 ? 200  1DG A "O5'" 1 
HETATM 1271 P PCC   . 1DG B 2 .   ? -5.702  8.522   -0.749  1.00 15.41 ? 200  1DG A PCC   1 
HETATM 1272 O OAM   . 1DG B 2 .   ? -6.648  9.482   -1.628  1.00 15.36 ? 200  1DG A OAM   1 
HETATM 1273 O OAF   . 1DG B 2 .   ? -4.630  9.182   0.029   1.00 14.16 ? 200  1DG A OAF   1 
HETATM 1274 O OBI   . 1DG B 2 .   ? -6.838  7.924   0.224   1.00 16.78 ? 200  1DG A OBI   1 
HETATM 1275 P PCD   . 1DG B 2 .   ? -6.668  6.773   1.337   1.00 15.51 ? 200  1DG A PCD   1 
HETATM 1276 O OAN   . 1DG B 2 .   ? -6.858  5.307   0.701   1.00 17.36 ? 200  1DG A OAN   1 
HETATM 1277 O OAG   . 1DG B 2 .   ? -5.491  6.900   2.225   1.00 8.87  ? 200  1DG A OAG   1 
HETATM 1278 O OBE   . 1DG B 2 .   ? -7.983  6.978   2.242   1.00 16.43 ? 200  1DG A OBE   1 
HETATM 1279 C CAY   . 1DG B 2 .   ? -8.178  8.254   2.858   1.00 16.99 ? 200  1DG A CAY   1 
HETATM 1280 C CBV   . 1DG B 2 .   ? -9.464  8.137   3.659   1.00 15.02 ? 200  1DG A CBV   1 
HETATM 1281 O OBG   . 1DG B 2 .   ? -9.085  7.390   4.825   1.00 17.90 ? 200  1DG A OBG   1 
HETATM 1282 C CBS   . 1DG B 2 .   ? -9.949  9.468   4.210   1.00 16.80 ? 200  1DG A CBS   1 
HETATM 1283 O OAJ   . 1DG B 2 .   ? -10.811 10.017  3.202   1.00 17.58 ? 200  1DG A OAJ   1 
HETATM 1284 C CBW   . 1DG B 2 .   ? -10.703 8.976   5.435   1.00 19.94 ? 200  1DG A CBW   1 
HETATM 1285 O OBH   . 1DG B 2 .   ? -11.913 8.277   5.107   1.00 20.64 ? 200  1DG A OBH   1 
HETATM 1286 P PCB   . 1DG B 2 .   ? -13.357 8.989   5.168   1.00 23.00 ? 200  1DG A PCB   1 
HETATM 1287 O OAK   . 1DG B 2 .   ? -14.391 7.834   4.733   1.00 21.33 ? 200  1DG A OAK   1 
HETATM 1288 O OAL   . 1DG B 2 .   ? -13.359 10.043  3.951   1.00 20.20 ? 200  1DG A OAL   1 
HETATM 1289 O OAE   . 1DG B 2 .   ? -13.568 9.682   6.458   1.00 22.24 ? 200  1DG A OAE   1 
HETATM 1290 C CBY   . 1DG B 2 .   ? -9.678  7.995   5.983   1.00 19.42 ? 200  1DG A CBY   1 
HETATM 1291 N N9    . 1DG B 2 .   ? -8.702  8.646   6.884   1.00 22.56 ? 200  1DG A N9    1 
HETATM 1292 C C8    . 1DG B 2 .   ? -7.617  9.349   6.571   1.00 20.72 ? 200  1DG A C8    1 
HETATM 1293 N N7    . 1DG B 2 .   ? -7.085  9.727   7.730   1.00 21.78 ? 200  1DG A N7    1 
HETATM 1294 C C5    . 1DG B 2 .   ? -7.826  9.276   8.738   1.00 22.42 ? 200  1DG A C5    1 
HETATM 1295 C C4    . 1DG B 2 .   ? -8.828  8.582   8.206   1.00 21.95 ? 200  1DG A C4    1 
HETATM 1296 N N3    . 1DG B 2 .   ? -9.759  7.979   8.959   1.00 24.38 ? 200  1DG A N3    1 
HETATM 1297 C C2    . 1DG B 2 .   ? -9.672  8.053   10.354  1.00 20.94 ? 200  1DG A C2    1 
HETATM 1298 N N1    . 1DG B 2 .   ? -8.602  8.790   10.877  1.00 24.77 ? 200  1DG A N1    1 
HETATM 1299 C C6    . 1DG B 2 .   ? -7.723  9.386   10.060  1.00 25.09 ? 200  1DG A C6    1 
HETATM 1300 N N6    . 1DG B 2 .   ? -6.700  10.053  10.586  1.00 22.80 ? 200  1DG A N6    1 
HETATM 1301 C C1    . GOL C 3 .   ? -8.123  11.203  -5.029  1.00 35.68 ? 201  GOL A C1    1 
HETATM 1302 O O1    . GOL C 3 .   ? -8.314  11.611  -6.362  1.00 40.69 ? 201  GOL A O1    1 
HETATM 1303 C C2    . GOL C 3 .   ? -6.732  10.570  -4.879  1.00 32.59 ? 201  GOL A C2    1 
HETATM 1304 O O2    . GOL C 3 .   ? -6.971  9.376   -4.153  1.00 29.42 ? 201  GOL A O2    1 
HETATM 1305 C C3    . GOL C 3 .   ? -5.919  10.385  -6.194  1.00 29.26 ? 201  GOL A C3    1 
HETATM 1306 O O3    . GOL C 3 .   ? -6.137  9.119   -6.813  1.00 20.38 ? 201  GOL A O3    1 
HETATM 1307 C C1    . GOL D 3 .   ? -5.423  14.064  -2.558  1.00 23.67 ? 202  GOL A C1    1 
HETATM 1308 O O1    . GOL D 3 .   ? -5.700  15.338  -2.006  1.00 25.76 ? 202  GOL A O1    1 
HETATM 1309 C C2    . GOL D 3 .   ? -4.621  13.306  -1.505  1.00 22.63 ? 202  GOL A C2    1 
HETATM 1310 O O2    . GOL D 3 .   ? -5.484  13.095  -0.393  1.00 21.33 ? 202  GOL A O2    1 
HETATM 1311 C C3    . GOL D 3 .   ? -4.201  11.914  -2.041  1.00 21.71 ? 202  GOL A C3    1 
HETATM 1312 O O3    . GOL D 3 .   ? -3.385  11.301  -1.039  1.00 15.45 ? 202  GOL A O3    1 
HETATM 1313 C C1    . GOL E 3 .   ? 11.527  3.640   -4.498  1.00 43.13 ? 203  GOL A C1    1 
HETATM 1314 O O1    . GOL E 3 .   ? 11.932  3.514   -3.130  1.00 43.90 ? 203  GOL A O1    1 
HETATM 1315 C C2    . GOL E 3 .   ? 12.447  4.605   -5.243  1.00 42.69 ? 203  GOL A C2    1 
HETATM 1316 O O2    . GOL E 3 .   ? 13.015  5.428   -4.241  1.00 44.29 ? 203  GOL A O2    1 
HETATM 1317 C C3    . GOL E 3 .   ? 11.701  5.418   -6.334  1.00 43.80 ? 203  GOL A C3    1 
HETATM 1318 O O3    . GOL E 3 .   ? 12.186  6.753   -6.602  1.00 40.04 ? 203  GOL A O3    1 
HETATM 1319 C C1    . GOL F 3 .   ? -4.400  -3.181  -4.317  1.00 55.44 ? 204  GOL A C1    1 
HETATM 1320 O O1    . GOL F 3 .   ? -4.453  -2.621  -3.026  1.00 57.62 ? 204  GOL A O1    1 
HETATM 1321 C C2    . GOL F 3 .   ? -3.926  -4.615  -4.166  1.00 56.59 ? 204  GOL A C2    1 
HETATM 1322 O O2    . GOL F 3 .   ? -3.094  -4.986  -5.250  1.00 56.39 ? 204  GOL A O2    1 
HETATM 1323 C C3    . GOL F 3 .   ? -5.105  -5.579  -4.030  1.00 57.25 ? 204  GOL A C3    1 
HETATM 1324 O O3    . GOL F 3 .   ? -6.140  -5.258  -4.935  1.00 58.57 ? 204  GOL A O3    1 
HETATM 1325 S S     . SO4 G 4 .   ? -14.001 10.996  -1.705  1.00 56.05 ? 300  SO4 A S     1 
HETATM 1326 O O1    . SO4 G 4 .   ? -13.904 12.054  -2.706  1.00 58.30 ? 300  SO4 A O1    1 
HETATM 1327 O O2    . SO4 G 4 .   ? -15.414 10.581  -1.638  1.00 55.63 ? 300  SO4 A O2    1 
HETATM 1328 O O3    . SO4 G 4 .   ? -13.140 9.902   -2.151  1.00 56.06 ? 300  SO4 A O3    1 
HETATM 1329 O O4    . SO4 G 4 .   ? -13.506 11.510  -0.425  1.00 55.87 ? 300  SO4 A O4    1 
HETATM 1330 S S     . SO4 H 4 .   ? 19.823  3.074   -9.914  1.00 62.52 ? 301  SO4 A S     1 
HETATM 1331 O O1    . SO4 H 4 .   ? 20.964  3.859   -9.453  1.00 63.22 ? 301  SO4 A O1    1 
HETATM 1332 O O2    . SO4 H 4 .   ? 18.593  3.705   -9.437  1.00 61.54 ? 301  SO4 A O2    1 
HETATM 1333 O O3    . SO4 H 4 .   ? 19.803  2.988   -11.384 1.00 62.33 ? 301  SO4 A O3    1 
HETATM 1334 O O4    . SO4 H 4 .   ? 19.937  1.724   -9.361  1.00 62.95 ? 301  SO4 A O4    1 
HETATM 1335 O O     . HOH I 5 .   ? 9.156   8.867   -3.729  1.00 33.09 ? 2001 HOH A O     1 
HETATM 1336 O O     . HOH I 5 .   ? 13.148  5.141   -13.306 1.00 18.45 ? 2002 HOH A O     1 
HETATM 1337 O O     . HOH I 5 .   ? 1.460   -11.717 -13.893 1.00 42.88 ? 2003 HOH A O     1 
HETATM 1338 O O     . HOH I 5 .   ? 2.037   12.540  -15.112 1.00 24.63 ? 2004 HOH A O     1 
HETATM 1339 O O     . HOH I 5 .   ? -2.127  10.125  -15.951 1.00 43.24 ? 2005 HOH A O     1 
HETATM 1340 O O     . HOH I 5 .   ? -5.022  6.620   -12.586 1.00 21.70 ? 2006 HOH A O     1 
HETATM 1341 O O     . HOH I 5 .   ? -5.956  12.715  -9.059  1.00 33.27 ? 2007 HOH A O     1 
HETATM 1342 O O     . HOH I 5 .   ? -11.782 4.865   -6.770  1.00 34.54 ? 2008 HOH A O     1 
HETATM 1343 O O     . HOH I 5 .   ? -0.210  23.864  -12.083 1.00 36.91 ? 2009 HOH A O     1 
HETATM 1344 O O     . HOH I 5 .   ? -6.643  1.327   -10.249 1.00 33.08 ? 2010 HOH A O     1 
HETATM 1345 O O     . HOH I 5 .   ? 1.114   -1.772  -9.250  1.00 27.59 ? 2011 HOH A O     1 
HETATM 1346 O O     . HOH I 5 .   ? 0.777   0.621   -17.680 1.00 34.36 ? 2012 HOH A O     1 
HETATM 1347 O O     . HOH I 5 .   ? -14.291 -12.838 0.882   1.00 36.55 ? 2013 HOH A O     1 
HETATM 1348 O O     . HOH I 5 .   ? -12.677 -12.932 3.169   1.00 19.12 ? 2014 HOH A O     1 
HETATM 1349 O O     . HOH I 5 .   ? -3.412  -6.020  -15.507 1.00 47.69 ? 2015 HOH A O     1 
HETATM 1350 O O     . HOH I 5 .   ? -2.067  -4.142  -12.257 1.00 37.28 ? 2016 HOH A O     1 
HETATM 1351 O O     . HOH I 5 .   ? 1.409   -11.738 -10.027 1.00 29.82 ? 2017 HOH A O     1 
HETATM 1352 O O     . HOH I 5 .   ? 1.590   -10.638 -16.925 1.00 35.28 ? 2018 HOH A O     1 
HETATM 1353 O O     . HOH I 5 .   ? 2.147   -15.167 -3.937  1.00 37.47 ? 2019 HOH A O     1 
HETATM 1354 O O     . HOH I 5 .   ? -1.227  -13.264 -9.776  1.00 42.50 ? 2020 HOH A O     1 
HETATM 1355 O O     . HOH I 5 .   ? 2.087   -14.289 3.947   1.00 32.20 ? 2021 HOH A O     1 
HETATM 1356 O O     . HOH I 5 .   ? 4.808   -11.042 5.584   1.00 37.56 ? 2022 HOH A O     1 
HETATM 1357 O O     . HOH I 5 .   ? 3.452   11.133  2.488   1.00 28.01 ? 2023 HOH A O     1 
HETATM 1358 O O     . HOH I 5 .   ? -0.468  12.455  8.264   1.00 29.02 ? 2024 HOH A O     1 
HETATM 1359 O O     . HOH I 5 .   ? -3.967  -13.184 11.333  1.00 26.53 ? 2025 HOH A O     1 
HETATM 1360 O O     . HOH I 5 .   ? 4.711   10.757  4.698   1.00 28.96 ? 2026 HOH A O     1 
HETATM 1361 O O     . HOH I 5 .   ? -0.252  -12.497 11.610  1.00 38.93 ? 2027 HOH A O     1 
HETATM 1362 O O     . HOH I 5 .   ? 3.877   -13.793 6.495   1.00 41.74 ? 2028 HOH A O     1 
HETATM 1363 O O     . HOH I 5 .   ? -5.693  -11.132 11.392  1.00 23.91 ? 2029 HOH A O     1 
HETATM 1364 O O     . HOH I 5 .   ? -8.393  14.880  -0.754  1.00 29.53 ? 2030 HOH A O     1 
HETATM 1365 O O     . HOH I 5 .   ? -10.756 5.673   -4.407  1.00 35.05 ? 2031 HOH A O     1 
HETATM 1366 O O     . HOH I 5 .   ? -1.604  18.636  -13.667 1.00 47.56 ? 2032 HOH A O     1 
HETATM 1367 O O     . HOH I 5 .   ? -1.469  22.270  -10.756 1.00 28.35 ? 2033 HOH A O     1 
HETATM 1368 O O     . HOH I 5 .   ? -5.478  19.545  -12.134 1.00 33.59 ? 2034 HOH A O     1 
HETATM 1369 O O     . HOH I 5 .   ? 7.192   13.216  -2.857  1.00 38.15 ? 2035 HOH A O     1 
HETATM 1370 O O     . HOH I 5 .   ? -18.074 -0.559  0.523   1.00 35.60 ? 2036 HOH A O     1 
HETATM 1371 O O     . HOH I 5 .   ? 8.750   11.507  7.931   1.00 30.28 ? 2037 HOH A O     1 
HETATM 1372 O O     . HOH I 5 .   ? -17.459 5.337   -0.460  1.00 44.46 ? 2038 HOH A O     1 
HETATM 1373 O O     . HOH I 5 .   ? -5.802  1.211   -5.432  1.00 18.41 ? 2039 HOH A O     1 
HETATM 1374 O O     . HOH I 5 .   ? -18.118 -7.258  -2.942  1.00 37.65 ? 2040 HOH A O     1 
HETATM 1375 O O     . HOH I 5 .   ? -16.012 -6.403  -9.471  1.00 27.50 ? 2041 HOH A O     1 
HETATM 1376 O O     . HOH I 5 .   ? -12.605 -12.448 -3.554  1.00 32.14 ? 2042 HOH A O     1 
HETATM 1377 O O     . HOH I 5 .   ? -18.818 -3.451  -0.636  1.00 42.49 ? 2043 HOH A O     1 
HETATM 1378 O O     . HOH I 5 .   ? -15.986 -10.257 -2.701  1.00 36.74 ? 2044 HOH A O     1 
HETATM 1379 O O     . HOH I 5 .   ? -13.661 -11.316 -1.368  1.00 23.53 ? 2045 HOH A O     1 
HETATM 1380 O O     . HOH I 5 .   ? -4.127  -9.724  -3.149  1.00 27.22 ? 2046 HOH A O     1 
HETATM 1381 O O     . HOH I 5 .   ? -11.403 -10.929 4.206   1.00 23.38 ? 2047 HOH A O     1 
HETATM 1382 O O     . HOH I 5 .   ? -9.437  -6.246  16.926  1.00 28.12 ? 2048 HOH A O     1 
HETATM 1383 O O     . HOH I 5 .   ? -9.516  12.885  12.749  1.00 58.28 ? 2049 HOH A O     1 
HETATM 1384 O O     . HOH I 5 .   ? -17.700 7.454   1.572   1.00 41.00 ? 2050 HOH A O     1 
HETATM 1385 O O     . HOH I 5 .   ? -15.451 5.211   11.482  1.00 29.18 ? 2051 HOH A O     1 
HETATM 1386 O O     . HOH I 5 .   ? -19.325 10.249  11.671  1.00 43.49 ? 2052 HOH A O     1 
HETATM 1387 O O     . HOH I 5 .   ? -16.450 3.295   12.804  1.00 30.41 ? 2053 HOH A O     1 
HETATM 1388 O O     . HOH I 5 .   ? -17.466 -6.074  0.343   1.00 24.51 ? 2054 HOH A O     1 
HETATM 1389 O O     . HOH I 5 .   ? -11.838 -9.138  6.492   1.00 20.36 ? 2055 HOH A O     1 
HETATM 1390 O O     . HOH I 5 .   ? -18.029 -3.270  8.283   1.00 27.42 ? 2056 HOH A O     1 
HETATM 1391 O O     . HOH I 5 .   ? -8.650  -3.881  14.444  1.00 27.11 ? 2057 HOH A O     1 
HETATM 1392 O O     . HOH I 5 .   ? -12.715 9.092   13.125  1.00 35.52 ? 2058 HOH A O     1 
HETATM 1393 O O     . HOH I 5 .   ? -6.020  7.946   13.782  1.00 32.28 ? 2059 HOH A O     1 
HETATM 1394 O O     . HOH I 5 .   ? -5.121  6.721   16.547  1.00 38.10 ? 2060 HOH A O     1 
HETATM 1395 O O     . HOH I 5 .   ? -13.762 2.715   15.560  1.00 39.90 ? 2061 HOH A O     1 
HETATM 1396 O O     . HOH I 5 .   ? -3.946  -4.497  13.377  1.00 25.83 ? 2062 HOH A O     1 
HETATM 1397 O O     . HOH I 5 .   ? 0.995   -4.504  14.204  1.00 29.61 ? 2063 HOH A O     1 
HETATM 1398 O O     . HOH I 5 .   ? -1.776  -10.153 11.270  1.00 27.83 ? 2064 HOH A O     1 
HETATM 1399 O O     . HOH I 5 .   ? 2.027   9.013   1.622   1.00 16.10 ? 2065 HOH A O     1 
HETATM 1400 O O     . HOH I 5 .   ? -2.345  11.422  6.693   1.00 18.71 ? 2066 HOH A O     1 
HETATM 1401 O O     . HOH I 5 .   ? -8.588  12.762  5.319   1.00 22.24 ? 2067 HOH A O     1 
HETATM 1402 O O     . HOH I 5 .   ? 1.901   10.586  10.660  1.00 28.69 ? 2068 HOH A O     1 
HETATM 1403 O O     . HOH I 5 .   ? 4.416   10.561  7.558   1.00 24.15 ? 2069 HOH A O     1 
HETATM 1404 O O     . HOH I 5 .   ? 0.559   9.950   12.418  1.00 34.48 ? 2070 HOH A O     1 
HETATM 1405 O O     . HOH I 5 .   ? -1.019  5.934   18.600  1.00 31.83 ? 2071 HOH A O     1 
HETATM 1406 O O     . HOH I 5 .   ? 6.631   -1.543  13.511  1.00 17.79 ? 2072 HOH A O     1 
HETATM 1407 O O     . HOH I 5 .   ? 4.536   0.395   15.739  1.00 25.46 ? 2073 HOH A O     1 
HETATM 1408 O O     . HOH I 5 .   ? -2.477  8.625   16.349  1.00 25.65 ? 2074 HOH A O     1 
HETATM 1409 O O     . HOH I 5 .   ? 8.473   -8.985  9.866   1.00 38.08 ? 2075 HOH A O     1 
HETATM 1410 O O     . HOH I 5 .   ? 10.995  -5.040  4.611   1.00 19.83 ? 2076 HOH A O     1 
HETATM 1411 O O     . HOH I 5 .   ? 9.113   -5.363  -2.167  1.00 33.02 ? 2077 HOH A O     1 
HETATM 1412 O O     . HOH I 5 .   ? 5.558   -3.735  -3.217  1.00 17.43 ? 2078 HOH A O     1 
HETATM 1413 O O     . HOH I 5 .   ? 9.920   1.070   -18.233 1.00 17.83 ? 2079 HOH A O     1 
HETATM 1414 O O     . HOH I 5 .   ? 12.575  1.495   -18.883 1.00 24.58 ? 2080 HOH A O     1 
HETATM 1415 O O     . HOH I 5 .   ? 8.137   8.635   -12.699 1.00 18.13 ? 2081 HOH A O     1 
HETATM 1416 O O     . HOH I 5 .   ? 7.101   6.345   -19.327 1.00 26.93 ? 2082 HOH A O     1 
HETATM 1417 O O     . HOH I 5 .   ? 2.115   19.305  -8.719  1.00 31.38 ? 2083 HOH A O     1 
HETATM 1418 O O     . HOH I 5 .   ? 7.747   15.904  -6.704  1.00 35.57 ? 2084 HOH A O     1 
HETATM 1419 O O     . HOH I 5 .   ? 3.278   17.699  -13.449 1.00 30.10 ? 2085 HOH A O     1 
HETATM 1420 O O     . HOH I 5 .   ? 7.630   14.619  -10.553 1.00 31.18 ? 2086 HOH A O     1 
HETATM 1421 O O     . HOH I 5 .   ? 4.333   21.749  -6.014  1.00 28.30 ? 2087 HOH A O     1 
HETATM 1422 O O     . HOH I 5 .   ? 0.935   16.233  -6.010  1.00 20.53 ? 2088 HOH A O     1 
HETATM 1423 O O     . HOH I 5 .   ? -3.943  15.041  -12.310 1.00 25.50 ? 2089 HOH A O     1 
HETATM 1424 O O     . HOH I 5 .   ? -3.905  17.873  -11.158 1.00 30.72 ? 2090 HOH A O     1 
HETATM 1425 O O     . HOH I 5 .   ? -0.496  19.862  -11.419 1.00 27.40 ? 2091 HOH A O     1 
HETATM 1426 O O     . HOH I 5 .   ? -3.849  14.379  -9.613  1.00 19.38 ? 2092 HOH A O     1 
HETATM 1427 O O     . HOH I 5 .   ? 5.372   11.974  0.377   1.00 27.72 ? 2093 HOH A O     1 
HETATM 1428 O O     . HOH I 5 .   ? 6.633   10.424  -2.967  1.00 19.80 ? 2094 HOH A O     1 
HETATM 1429 O O     . HOH I 5 .   ? 9.276   6.778   -1.715  1.00 21.98 ? 2095 HOH A O     1 
HETATM 1430 O O     . HOH I 5 .   ? 6.980   11.271  3.577   1.00 21.95 ? 2096 HOH A O     1 
HETATM 1431 O O     . HOH I 5 .   ? 9.011   11.337  5.210   1.00 29.76 ? 2097 HOH A O     1 
HETATM 1432 O O     . HOH I 5 .   ? 10.915  8.026   6.454   1.00 24.86 ? 2098 HOH A O     1 
HETATM 1433 O O     . HOH I 5 .   ? 11.507  7.018   -0.491  1.00 28.98 ? 2099 HOH A O     1 
HETATM 1434 O O     . HOH I 5 .   ? 14.676  11.626  2.656   1.00 47.45 ? 2100 HOH A O     1 
HETATM 1435 O O     . HOH I 5 .   ? 9.965   9.120   8.661   1.00 26.74 ? 2101 HOH A O     1 
HETATM 1436 O O     . HOH I 5 .   ? 12.868  12.505  8.065   1.00 22.75 ? 2102 HOH A O     1 
HETATM 1437 O O     . HOH I 5 .   ? 11.924  8.939   10.572  1.00 20.41 ? 2103 HOH A O     1 
HETATM 1438 O O     . HOH I 5 .   ? 17.185  11.328  6.344   1.00 31.77 ? 2104 HOH A O     1 
HETATM 1439 O O     . HOH I 5 .   ? 20.133  1.400   2.651   1.00 43.89 ? 2105 HOH A O     1 
HETATM 1440 O O     . HOH I 5 .   ? 18.107  0.223   -1.140  1.00 34.26 ? 2106 HOH A O     1 
HETATM 1441 O O     . HOH I 5 .   ? 18.312  -2.704  -9.617  1.00 19.44 ? 2107 HOH A O     1 
HETATM 1442 O O     . HOH I 5 .   ? 13.306  -6.707  -8.107  1.00 18.34 ? 2108 HOH A O     1 
HETATM 1443 O O     . HOH I 5 .   ? 16.562  -9.155  -7.459  1.00 30.53 ? 2109 HOH A O     1 
HETATM 1444 O O     . HOH I 5 .   ? 18.888  -4.166  -12.088 1.00 33.20 ? 2110 HOH A O     1 
HETATM 1445 O O     . HOH I 5 .   ? 15.772  -9.799  -13.620 1.00 29.18 ? 2111 HOH A O     1 
HETATM 1446 O O     . HOH I 5 .   ? 18.218  -6.931  -14.452 1.00 34.44 ? 2112 HOH A O     1 
HETATM 1447 O O     . HOH I 5 .   ? 14.021  -8.673  -6.209  1.00 32.38 ? 2113 HOH A O     1 
HETATM 1448 O O     . HOH I 5 .   ? 11.059  -11.280 -4.494  1.00 35.04 ? 2114 HOH A O     1 
HETATM 1449 O O     . HOH I 5 .   ? 8.326   -10.399 -10.349 1.00 41.12 ? 2115 HOH A O     1 
HETATM 1450 O O     . HOH I 5 .   ? 6.981   -7.039  -22.151 1.00 28.25 ? 2116 HOH A O     1 
HETATM 1451 O O     . HOH I 5 .   ? 2.014   -6.179  -17.281 1.00 37.96 ? 2117 HOH A O     1 
HETATM 1452 O O     . HOH I 5 .   ? -0.294  -7.207  -25.293 1.00 41.41 ? 2118 HOH A O     1 
HETATM 1453 O O     . HOH I 5 .   ? 18.577  1.438   -15.282 1.00 32.45 ? 2119 HOH A O     1 
HETATM 1454 O O     . HOH I 5 .   ? 16.578  -3.749  -17.678 1.00 38.05 ? 2120 HOH A O     1 
HETATM 1455 O O     . HOH I 5 .   ? 8.149   -9.991  -14.788 1.00 38.21 ? 2121 HOH A O     1 
HETATM 1456 O O     . HOH I 5 .   ? 14.268  -7.473  -3.902  1.00 40.47 ? 2122 HOH A O     1 
HETATM 1457 O O     . HOH I 5 .   ? 16.920  2.973   -1.436  1.00 37.87 ? 2123 HOH A O     1 
HETATM 1458 O O     . HOH I 5 .   ? 13.440  -6.105  5.620   1.00 38.80 ? 2124 HOH A O     1 
HETATM 1459 O O     . HOH I 5 .   ? 8.913   8.037   10.856  1.00 18.95 ? 2125 HOH A O     1 
HETATM 1460 O O     . HOH I 5 .   ? 13.090  2.237   13.938  1.00 28.17 ? 2126 HOH A O     1 
HETATM 1461 O O     . HOH I 5 .   ? 16.450  1.871   14.608  1.00 35.85 ? 2127 HOH A O     1 
HETATM 1462 O O     . HOH I 5 .   ? 10.988  -0.263  16.812  1.00 41.66 ? 2128 HOH A O     1 
HETATM 1463 O O     . HOH I 5 .   ? 17.366  0.373   12.542  1.00 33.50 ? 2129 HOH A O     1 
HETATM 1464 O O     . HOH I 5 .   ? -9.936  12.342  2.144   1.00 21.65 ? 2130 HOH A O     1 
HETATM 1465 O O     . HOH I 5 .   ? 2.975   -4.415  -3.958  1.00 24.54 ? 2131 HOH A O     1 
HETATM 1466 O O     . HOH I 5 .   ? -4.924  11.475  7.711   1.00 25.19 ? 2132 HOH A O     1 
HETATM 1467 O O     . HOH I 5 .   ? -12.439 12.119  6.773   1.00 26.09 ? 2133 HOH A O     1 
HETATM 1468 O O     . HOH I 5 .   ? -8.855  9.484   13.401  1.00 35.01 ? 2134 HOH A O     1 
HETATM 1469 O O     . HOH I 5 .   ? -15.895 11.265  6.797   1.00 41.73 ? 2135 HOH A O     1 
HETATM 1470 O O     . HOH I 5 .   ? -0.756  11.993  -1.171  1.00 23.24 ? 2136 HOH A O     1 
HETATM 1471 O O     . HOH I 5 .   ? 19.106  1.146   -12.699 1.00 30.57 ? 2137 HOH A O     1 
# 
loop_
_pdbx_poly_seq_scheme.asym_id 
_pdbx_poly_seq_scheme.entity_id 
_pdbx_poly_seq_scheme.seq_id 
_pdbx_poly_seq_scheme.mon_id 
_pdbx_poly_seq_scheme.ndb_seq_num 
_pdbx_poly_seq_scheme.pdb_seq_num 
_pdbx_poly_seq_scheme.auth_seq_num 
_pdbx_poly_seq_scheme.pdb_mon_id 
_pdbx_poly_seq_scheme.auth_mon_id 
_pdbx_poly_seq_scheme.pdb_strand_id 
_pdbx_poly_seq_scheme.pdb_ins_code 
_pdbx_poly_seq_scheme.hetero 
A 1 1   MET 1   1   1   MET MET A . n 
A 1 2   VAL 2   2   2   VAL VAL A . n 
A 1 3   GLY 3   3   3   GLY GLY A . n 
A 1 4   LEU 4   4   4   LEU LEU A . n 
A 1 5   ILE 5   5   5   ILE ILE A . n 
A 1 6   TRP 6   6   6   TRP TRP A . n 
A 1 7   ALA 7   7   7   ALA ALA A . n 
A 1 8   GLN 8   8   8   GLN GLN A . n 
A 1 9   ALA 9   9   9   ALA ALA A . n 
A 1 10  THR 10  10  10  THR THR A . n 
A 1 11  SER 11  11  11  SER SER A . n 
A 1 12  GLY 12  12  12  GLY GLY A . n 
A 1 13  VAL 13  13  13  VAL VAL A . n 
A 1 14  ILE 14  14  14  ILE ILE A . n 
A 1 15  GLY 15  15  15  GLY GLY A . n 
A 1 16  ARG 16  16  16  ARG ARG A . n 
A 1 17  GLY 17  17  17  GLY GLY A . n 
A 1 18  GLY 18  18  18  GLY GLY A . n 
A 1 19  ASP 19  19  19  ASP ASP A . n 
A 1 20  ILE 20  20  20  ILE ILE A . n 
A 1 21  PRO 21  21  21  PRO PRO A . n 
A 1 22  TRP 22  22  22  TRP TRP A . n 
A 1 23  ARG 23  23  23  ARG ARG A . n 
A 1 24  LEU 24  24  24  LEU LEU A . n 
A 1 25  PRO 25  25  25  PRO PRO A . n 
A 1 26  GLU 26  26  26  GLU GLU A . n 
A 1 27  ASP 27  27  27  ASP ASP A . n 
A 1 28  GLN 28  28  28  GLN GLN A . n 
A 1 29  ALA 29  29  29  ALA ALA A . n 
A 1 30  HIS 30  30  30  HIS HIS A . n 
A 1 31  PHE 31  31  31  PHE PHE A . n 
A 1 32  ARG 32  32  32  ARG ARG A . n 
A 1 33  GLU 33  33  33  GLU GLU A . n 
A 1 34  ILE 34  34  34  ILE ILE A . n 
A 1 35  THR 35  35  35  THR THR A . n 
A 1 36  MET 36  36  36  MET MET A . n 
A 1 37  GLY 37  37  37  GLY GLY A . n 
A 1 38  HIS 38  38  38  HIS HIS A . n 
A 1 39  THR 39  39  39  THR THR A . n 
A 1 40  ILE 40  40  40  ILE ILE A . n 
A 1 41  VAL 41  41  41  VAL VAL A . n 
A 1 42  MET 42  42  42  MET MET A . n 
A 1 43  GLY 43  43  43  GLY GLY A . n 
A 1 44  ARG 44  44  44  ARG ARG A . n 
A 1 45  ARG 45  45  45  ARG ARG A . n 
A 1 46  VAL 46  46  46  VAL VAL A . n 
A 1 47  TRP 47  47  47  TRP TRP A . n 
A 1 48  ASP 48  48  48  ASP ASP A . n 
A 1 49  SER 49  49  49  SER SER A . n 
A 1 50  LEU 50  50  50  LEU LEU A . n 
A 1 51  PRO 51  51  51  PRO PRO A . n 
A 1 52  ALA 52  52  52  ALA ALA A . n 
A 1 53  LYS 53  53  53  LYS LYS A . n 
A 1 54  VAL 54  54  54  VAL VAL A . n 
A 1 55  ARG 55  55  55  ARG ARG A . n 
A 1 56  PRO 56  56  56  PRO PRO A . n 
A 1 57  LEU 57  57  57  LEU LEU A . n 
A 1 58  PRO 58  58  58  PRO PRO A . n 
A 1 59  GLY 59  59  59  GLY GLY A . n 
A 1 60  ARG 60  60  60  ARG ARG A . n 
A 1 61  ARG 61  61  61  ARG ARG A . n 
A 1 62  ASN 62  62  62  ASN ASN A . n 
A 1 63  VAL 63  63  63  VAL VAL A . n 
A 1 64  VAL 64  64  64  VAL VAL A . n 
A 1 65  LEU 65  65  65  LEU LEU A . n 
A 1 66  SER 66  66  66  SER SER A . n 
A 1 67  ARG 67  67  67  ARG ARG A . n 
A 1 68  GLN 68  68  68  GLN GLN A . n 
A 1 69  ALA 69  69  69  ALA ALA A . n 
A 1 70  ASP 70  70  70  ASP ASP A . n 
A 1 71  PHE 71  71  71  PHE PHE A . n 
A 1 72  MET 72  72  72  MET MET A . n 
A 1 73  ALA 73  73  73  ALA ALA A . n 
A 1 74  SER 74  74  74  SER SER A . n 
A 1 75  GLY 75  75  75  GLY GLY A . n 
A 1 76  ALA 76  76  76  ALA ALA A . n 
A 1 77  GLU 77  77  77  GLU GLU A . n 
A 1 78  VAL 78  78  78  VAL VAL A . n 
A 1 79  VAL 79  79  79  VAL VAL A . n 
A 1 80  GLY 80  80  80  GLY GLY A . n 
A 1 81  SER 81  81  81  SER SER A . n 
A 1 82  LEU 82  82  82  LEU LEU A . n 
A 1 83  GLU 83  83  83  GLU GLU A . n 
A 1 84  GLU 84  84  84  GLU GLU A . n 
A 1 85  ALA 85  85  85  ALA ALA A . n 
A 1 86  LEU 86  86  86  LEU LEU A . n 
A 1 87  THR 87  87  87  THR THR A . n 
A 1 88  SER 88  88  88  SER SER A . n 
A 1 89  PRO 89  89  89  PRO PRO A . n 
A 1 90  GLU 90  90  90  GLU GLU A . n 
A 1 91  THR 91  91  91  THR THR A . n 
A 1 92  TRP 92  92  92  TRP TRP A . n 
A 1 93  VAL 93  93  93  VAL VAL A . n 
A 1 94  ILE 94  94  94  ILE ILE A . n 
A 1 95  GLY 95  95  95  GLY GLY A . n 
A 1 96  GLY 96  96  96  GLY GLY A . n 
A 1 97  GLY 97  97  97  GLY GLY A . n 
A 1 98  GLN 98  98  98  GLN GLN A . n 
A 1 99  VAL 99  99  99  VAL VAL A . n 
A 1 100 TYR 100 100 100 TYR TYR A . n 
A 1 101 ALA 101 101 101 ALA ALA A . n 
A 1 102 LEU 102 102 102 LEU LEU A . n 
A 1 103 ALA 103 103 103 ALA ALA A . n 
A 1 104 LEU 104 104 104 LEU LEU A . n 
A 1 105 PRO 105 105 105 PRO PRO A . n 
A 1 106 TYR 106 106 106 TYR TYR A . n 
A 1 107 ALA 107 107 107 ALA ALA A . n 
A 1 108 THR 108 108 108 THR THR A . n 
A 1 109 ARG 109 109 109 ARG ARG A . n 
A 1 110 CYS 110 110 110 CYS CYS A . n 
A 1 111 GLU 111 111 111 GLU GLU A . n 
A 1 112 VAL 112 112 112 VAL VAL A . n 
A 1 113 THR 113 113 113 THR THR A . n 
A 1 114 GLU 114 114 114 GLU GLU A . n 
A 1 115 VAL 115 115 115 VAL VAL A . n 
A 1 116 ASP 116 116 116 ASP ASP A . n 
A 1 117 ILE 117 117 117 ILE ILE A . n 
A 1 118 GLY 118 118 118 GLY GLY A . n 
A 1 119 LEU 119 119 119 LEU LEU A . n 
A 1 120 PRO 120 120 120 PRO PRO A . n 
A 1 121 ARG 121 121 121 ARG ARG A . n 
A 1 122 GLU 122 122 122 GLU GLU A . n 
A 1 123 ALA 123 123 123 ALA ALA A . n 
A 1 124 GLY 124 124 124 GLY GLY A . n 
A 1 125 ASP 125 125 125 ASP ASP A . n 
A 1 126 ALA 126 126 126 ALA ALA A . n 
A 1 127 LEU 127 127 127 LEU LEU A . n 
A 1 128 ALA 128 128 128 ALA ALA A . n 
A 1 129 PRO 129 129 129 PRO PRO A . n 
A 1 130 VAL 130 130 130 VAL VAL A . n 
A 1 131 LEU 131 131 131 LEU LEU A . n 
A 1 132 ASP 132 132 132 ASP ASP A . n 
A 1 133 GLU 133 133 133 GLU GLU A . n 
A 1 134 THR 134 134 134 THR THR A . n 
A 1 135 TRP 135 135 135 TRP TRP A . n 
A 1 136 ARG 136 136 136 ARG ARG A . n 
A 1 137 GLY 137 137 137 GLY GLY A . n 
A 1 138 GLU 138 138 138 GLU GLU A . n 
A 1 139 THR 139 139 139 THR THR A . n 
A 1 140 GLY 140 140 140 GLY GLY A . n 
A 1 141 GLU 141 141 141 GLU GLU A . n 
A 1 142 TRP 142 142 142 TRP TRP A . n 
A 1 143 ARG 143 143 143 ARG ARG A . n 
A 1 144 PHE 144 144 144 PHE PHE A . n 
A 1 145 SER 145 145 145 SER SER A . n 
A 1 146 ARG 146 146 146 ARG ARG A . n 
A 1 147 SER 147 147 147 SER SER A . n 
A 1 148 GLY 148 148 148 GLY GLY A . n 
A 1 149 LEU 149 149 149 LEU LEU A . n 
A 1 150 ARG 150 150 150 ARG ARG A . n 
A 1 151 TYR 151 151 151 TYR TYR A . n 
A 1 152 ARG 152 152 152 ARG ARG A . n 
A 1 153 LEU 153 153 153 LEU LEU A . n 
A 1 154 TYR 154 154 154 TYR TYR A . n 
A 1 155 SER 155 155 155 SER SER A . n 
A 1 156 TYR 156 156 156 TYR TYR A . n 
A 1 157 HIS 157 157 157 HIS HIS A . n 
A 1 158 ARG 158 158 158 ARG ARG A . n 
A 1 159 SER 159 159 159 SER SER A . n 
# 
loop_
_pdbx_nonpoly_scheme.asym_id 
_pdbx_nonpoly_scheme.entity_id 
_pdbx_nonpoly_scheme.mon_id 
_pdbx_nonpoly_scheme.ndb_seq_num 
_pdbx_nonpoly_scheme.pdb_seq_num 
_pdbx_nonpoly_scheme.auth_seq_num 
_pdbx_nonpoly_scheme.pdb_mon_id 
_pdbx_nonpoly_scheme.auth_mon_id 
_pdbx_nonpoly_scheme.pdb_strand_id 
_pdbx_nonpoly_scheme.pdb_ins_code 
B 2 1DG 1   200  200  1DG 1DG A . 
C 3 GOL 1   201  201  GOL GOL A . 
D 3 GOL 1   202  202  GOL GOL A . 
E 3 GOL 1   203  203  GOL GOL A . 
F 3 GOL 1   204  204  GOL GOL A . 
G 4 SO4 1   300  300  SO4 SO4 A . 
H 4 SO4 1   301  301  SO4 SO4 A . 
I 5 HOH 1   2001 2001 HOH HOH A . 
I 5 HOH 2   2002 2002 HOH HOH A . 
I 5 HOH 3   2003 2003 HOH HOH A . 
I 5 HOH 4   2004 2004 HOH HOH A . 
I 5 HOH 5   2005 2005 HOH HOH A . 
I 5 HOH 6   2006 2006 HOH HOH A . 
I 5 HOH 7   2007 2007 HOH HOH A . 
I 5 HOH 8   2008 2008 HOH HOH A . 
I 5 HOH 9   2009 2009 HOH HOH A . 
I 5 HOH 10  2010 2010 HOH HOH A . 
I 5 HOH 11  2011 2011 HOH HOH A . 
I 5 HOH 12  2012 2012 HOH HOH A . 
I 5 HOH 13  2013 2013 HOH HOH A . 
I 5 HOH 14  2014 2014 HOH HOH A . 
I 5 HOH 15  2015 2015 HOH HOH A . 
I 5 HOH 16  2016 2016 HOH HOH A . 
I 5 HOH 17  2017 2017 HOH HOH A . 
I 5 HOH 18  2018 2018 HOH HOH A . 
I 5 HOH 19  2019 2019 HOH HOH A . 
I 5 HOH 20  2020 2020 HOH HOH A . 
I 5 HOH 21  2021 2021 HOH HOH A . 
I 5 HOH 22  2022 2022 HOH HOH A . 
I 5 HOH 23  2023 2023 HOH HOH A . 
I 5 HOH 24  2024 2024 HOH HOH A . 
I 5 HOH 25  2025 2025 HOH HOH A . 
I 5 HOH 26  2026 2026 HOH HOH A . 
I 5 HOH 27  2027 2027 HOH HOH A . 
I 5 HOH 28  2028 2028 HOH HOH A . 
I 5 HOH 29  2029 2029 HOH HOH A . 
I 5 HOH 30  2030 2030 HOH HOH A . 
I 5 HOH 31  2031 2031 HOH HOH A . 
I 5 HOH 32  2032 2032 HOH HOH A . 
I 5 HOH 33  2033 2033 HOH HOH A . 
I 5 HOH 34  2034 2034 HOH HOH A . 
I 5 HOH 35  2035 2035 HOH HOH A . 
I 5 HOH 36  2036 2036 HOH HOH A . 
I 5 HOH 37  2037 2037 HOH HOH A . 
I 5 HOH 38  2038 2038 HOH HOH A . 
I 5 HOH 39  2039 2039 HOH HOH A . 
I 5 HOH 40  2040 2040 HOH HOH A . 
I 5 HOH 41  2041 2041 HOH HOH A . 
I 5 HOH 42  2042 2042 HOH HOH A . 
I 5 HOH 43  2043 2043 HOH HOH A . 
I 5 HOH 44  2044 2044 HOH HOH A . 
I 5 HOH 45  2045 2045 HOH HOH A . 
I 5 HOH 46  2046 2046 HOH HOH A . 
I 5 HOH 47  2047 2047 HOH HOH A . 
I 5 HOH 48  2048 2048 HOH HOH A . 
I 5 HOH 49  2049 2049 HOH HOH A . 
I 5 HOH 50  2050 2050 HOH HOH A . 
I 5 HOH 51  2051 2051 HOH HOH A . 
I 5 HOH 52  2052 2052 HOH HOH A . 
I 5 HOH 53  2053 2053 HOH HOH A . 
I 5 HOH 54  2054 2054 HOH HOH A . 
I 5 HOH 55  2055 2055 HOH HOH A . 
I 5 HOH 56  2056 2056 HOH HOH A . 
I 5 HOH 57  2057 2057 HOH HOH A . 
I 5 HOH 58  2058 2058 HOH HOH A . 
I 5 HOH 59  2059 2059 HOH HOH A . 
I 5 HOH 60  2060 2060 HOH HOH A . 
I 5 HOH 61  2061 2061 HOH HOH A . 
I 5 HOH 62  2062 2062 HOH HOH A . 
I 5 HOH 63  2063 2063 HOH HOH A . 
I 5 HOH 64  2064 2064 HOH HOH A . 
I 5 HOH 65  2065 2065 HOH HOH A . 
I 5 HOH 66  2066 2066 HOH HOH A . 
I 5 HOH 67  2067 2067 HOH HOH A . 
I 5 HOH 68  2068 2068 HOH HOH A . 
I 5 HOH 69  2069 2069 HOH HOH A . 
I 5 HOH 70  2070 2070 HOH HOH A . 
I 5 HOH 71  2071 2071 HOH HOH A . 
I 5 HOH 72  2072 2072 HOH HOH A . 
I 5 HOH 73  2073 2073 HOH HOH A . 
I 5 HOH 74  2074 2074 HOH HOH A . 
I 5 HOH 75  2075 2075 HOH HOH A . 
I 5 HOH 76  2076 2076 HOH HOH A . 
I 5 HOH 77  2077 2077 HOH HOH A . 
I 5 HOH 78  2078 2078 HOH HOH A . 
I 5 HOH 79  2079 2079 HOH HOH A . 
I 5 HOH 80  2080 2080 HOH HOH A . 
I 5 HOH 81  2081 2081 HOH HOH A . 
I 5 HOH 82  2082 2082 HOH HOH A . 
I 5 HOH 83  2083 2083 HOH HOH A . 
I 5 HOH 84  2084 2084 HOH HOH A . 
I 5 HOH 85  2085 2085 HOH HOH A . 
I 5 HOH 86  2086 2086 HOH HOH A . 
I 5 HOH 87  2087 2087 HOH HOH A . 
I 5 HOH 88  2088 2088 HOH HOH A . 
I 5 HOH 89  2089 2089 HOH HOH A . 
I 5 HOH 90  2090 2090 HOH HOH A . 
I 5 HOH 91  2091 2091 HOH HOH A . 
I 5 HOH 92  2092 2092 HOH HOH A . 
I 5 HOH 93  2093 2093 HOH HOH A . 
I 5 HOH 94  2094 2094 HOH HOH A . 
I 5 HOH 95  2095 2095 HOH HOH A . 
I 5 HOH 96  2096 2096 HOH HOH A . 
I 5 HOH 97  2097 2097 HOH HOH A . 
I 5 HOH 98  2098 2098 HOH HOH A . 
I 5 HOH 99  2099 2099 HOH HOH A . 
I 5 HOH 100 2100 2100 HOH HOH A . 
I 5 HOH 101 2101 2101 HOH HOH A . 
I 5 HOH 102 2102 2102 HOH HOH A . 
I 5 HOH 103 2103 2103 HOH HOH A . 
I 5 HOH 104 2104 2104 HOH HOH A . 
I 5 HOH 105 2105 2105 HOH HOH A . 
I 5 HOH 106 2106 2106 HOH HOH A . 
I 5 HOH 107 2107 2107 HOH HOH A . 
I 5 HOH 108 2108 2108 HOH HOH A . 
I 5 HOH 109 2109 2109 HOH HOH A . 
I 5 HOH 110 2110 2110 HOH HOH A . 
I 5 HOH 111 2111 2111 HOH HOH A . 
I 5 HOH 112 2112 2112 HOH HOH A . 
I 5 HOH 113 2113 2113 HOH HOH A . 
I 5 HOH 114 2114 2114 HOH HOH A . 
I 5 HOH 115 2115 2115 HOH HOH A . 
I 5 HOH 116 2116 2116 HOH HOH A . 
I 5 HOH 117 2117 2117 HOH HOH A . 
I 5 HOH 118 2118 2118 HOH HOH A . 
I 5 HOH 119 2119 2119 HOH HOH A . 
I 5 HOH 120 2120 2120 HOH HOH A . 
I 5 HOH 121 2121 2121 HOH HOH A . 
I 5 HOH 122 2122 2122 HOH HOH A . 
I 5 HOH 123 2123 2123 HOH HOH A . 
I 5 HOH 124 2124 2124 HOH HOH A . 
I 5 HOH 125 2125 2125 HOH HOH A . 
I 5 HOH 126 2126 2126 HOH HOH A . 
I 5 HOH 127 2127 2127 HOH HOH A . 
I 5 HOH 128 2128 2128 HOH HOH A . 
I 5 HOH 129 2129 2129 HOH HOH A . 
I 5 HOH 130 2130 2130 HOH HOH A . 
I 5 HOH 131 2131 2131 HOH HOH A . 
I 5 HOH 132 2132 2132 HOH HOH A . 
I 5 HOH 133 2133 2133 HOH HOH A . 
I 5 HOH 134 2134 2134 HOH HOH A . 
I 5 HOH 135 2135 2135 HOH HOH A . 
I 5 HOH 136 2136 2136 HOH HOH A . 
I 5 HOH 137 2137 2137 HOH HOH A . 
# 
_pdbx_struct_assembly.id                   1 
_pdbx_struct_assembly.details              author_and_software_defined_assembly 
_pdbx_struct_assembly.method_details       PQS 
_pdbx_struct_assembly.oligomeric_details   monomeric 
_pdbx_struct_assembly.oligomeric_count     1 
# 
_pdbx_struct_assembly_gen.assembly_id       1 
_pdbx_struct_assembly_gen.oper_expression   1 
_pdbx_struct_assembly_gen.asym_id_list      A,B,C,D,E,F,G,H,I 
# 
_pdbx_struct_oper_list.id                   1 
_pdbx_struct_oper_list.type                 'identity operation' 
_pdbx_struct_oper_list.name                 1_555 
_pdbx_struct_oper_list.symmetry_operation   x,y,z 
_pdbx_struct_oper_list.matrix[1][1]         1.0000000000 
_pdbx_struct_oper_list.matrix[1][2]         0.0000000000 
_pdbx_struct_oper_list.matrix[1][3]         0.0000000000 
_pdbx_struct_oper_list.vector[1]            0.0000000000 
_pdbx_struct_oper_list.matrix[2][1]         0.0000000000 
_pdbx_struct_oper_list.matrix[2][2]         1.0000000000 
_pdbx_struct_oper_list.matrix[2][3]         0.0000000000 
_pdbx_struct_oper_list.vector[2]            0.0000000000 
_pdbx_struct_oper_list.matrix[3][1]         0.0000000000 
_pdbx_struct_oper_list.matrix[3][2]         0.0000000000 
_pdbx_struct_oper_list.matrix[3][3]         1.0000000000 
_pdbx_struct_oper_list.vector[3]            0.0000000000 
# 
loop_
_pdbx_audit_revision_history.ordinal 
_pdbx_audit_revision_history.data_content_type 
_pdbx_audit_revision_history.major_revision 
_pdbx_audit_revision_history.minor_revision 
_pdbx_audit_revision_history.revision_date 
1 'Structure model' 1 0 2006-04-25 
2 'Structure model' 1 1 2011-05-08 
3 'Structure model' 1 2 2011-07-13 
4 'Structure model' 1 3 2018-06-20 
5 'Structure model' 1 4 2023-12-13 
# 
_pdbx_audit_revision_details.ordinal             1 
_pdbx_audit_revision_details.revision_ordinal    1 
_pdbx_audit_revision_details.data_content_type   'Structure model' 
_pdbx_audit_revision_details.provider            repository 
_pdbx_audit_revision_details.type                'Initial release' 
_pdbx_audit_revision_details.description         ? 
_pdbx_audit_revision_details.details             ? 
# 
loop_
_pdbx_audit_revision_group.ordinal 
_pdbx_audit_revision_group.revision_ordinal 
_pdbx_audit_revision_group.data_content_type 
_pdbx_audit_revision_group.group 
1 2 'Structure model' 'Version format compliance' 
2 3 'Structure model' 'Version format compliance' 
3 4 'Structure model' 'Data collection'           
4 4 'Structure model' 'Database references'       
5 5 'Structure model' 'Data collection'           
6 5 'Structure model' 'Database references'       
7 5 'Structure model' 'Derived calculations'      
8 5 'Structure model' Other                       
9 5 'Structure model' 'Refinement description'    
# 
loop_
_pdbx_audit_revision_category.ordinal 
_pdbx_audit_revision_category.revision_ordinal 
_pdbx_audit_revision_category.data_content_type 
_pdbx_audit_revision_category.category 
1 4 'Structure model' citation                      
2 5 'Structure model' chem_comp_atom                
3 5 'Structure model' chem_comp_bond                
4 5 'Structure model' database_2                    
5 5 'Structure model' pdbx_database_status          
6 5 'Structure model' pdbx_initial_refinement_model 
7 5 'Structure model' struct_site                   
# 
loop_
_pdbx_audit_revision_item.ordinal 
_pdbx_audit_revision_item.revision_ordinal 
_pdbx_audit_revision_item.data_content_type 
_pdbx_audit_revision_item.item 
1 4 'Structure model' '_citation.page_last'                  
2 5 'Structure model' '_database_2.pdbx_DOI'                 
3 5 'Structure model' '_database_2.pdbx_database_accession'  
4 5 'Structure model' '_pdbx_database_status.status_code_sf' 
5 5 'Structure model' '_struct_site.pdbx_auth_asym_id'       
6 5 'Structure model' '_struct_site.pdbx_auth_comp_id'       
7 5 'Structure model' '_struct_site.pdbx_auth_seq_id'        
# 
loop_
_software.name 
_software.classification 
_software.version 
_software.citation_id 
_software.pdbx_ordinal 
_software.date 
_software.type 
_software.location 
_software.language 
REFMAC refinement       5.2.0005 ? 1 ? ? ? ? 
MOSFLM 'data reduction' .        ? 2 ? ? ? ? 
CCP4   'data scaling'   .        ? 3 ? ? ? ? 
AMoRE  phasing          .        ? 4 ? ? ? ? 
# 
_pdbx_database_remark.id     700 
_pdbx_database_remark.text   
;
SHEET
THE SHEET STRUCTURE OF THIS MOLECULE IS BIFURCATED. IN
ORDER TO REPRESENT THIS FEATURE IN THE SHEET RECORDS BELOW,
TWO SHEETS ARE DEFINED.
;
# 
loop_
_pdbx_validate_torsion.id 
_pdbx_validate_torsion.PDB_model_num 
_pdbx_validate_torsion.auth_comp_id 
_pdbx_validate_torsion.auth_asym_id 
_pdbx_validate_torsion.auth_seq_id 
_pdbx_validate_torsion.PDB_ins_code 
_pdbx_validate_torsion.label_alt_id 
_pdbx_validate_torsion.phi 
_pdbx_validate_torsion.psi 
1 1 PRO A 21  ? ? -75.85  37.30 
2 1 LEU A 24  ? ? -152.36 69.06 
3 1 LEU A 119 ? ? -151.86 73.32 
# 
_pdbx_distant_solvent_atoms.id                                1 
_pdbx_distant_solvent_atoms.PDB_model_num                     1 
_pdbx_distant_solvent_atoms.auth_atom_id                      O 
_pdbx_distant_solvent_atoms.label_alt_id                      ? 
_pdbx_distant_solvent_atoms.auth_asym_id                      A 
_pdbx_distant_solvent_atoms.auth_comp_id                      HOH 
_pdbx_distant_solvent_atoms.auth_seq_id                       2009 
_pdbx_distant_solvent_atoms.PDB_ins_code                      ? 
_pdbx_distant_solvent_atoms.neighbor_macromolecule_distance   6.55 
_pdbx_distant_solvent_atoms.neighbor_ligand_distance          . 
# 
loop_
_chem_comp_atom.comp_id 
_chem_comp_atom.atom_id 
_chem_comp_atom.type_symbol 
_chem_comp_atom.pdbx_aromatic_flag 
_chem_comp_atom.pdbx_stereo_config 
_chem_comp_atom.pdbx_ordinal 
1DG CAT    C Y N 1   
1DG CAR    C Y N 2   
1DG NAZ    N Y N 3   
1DG CAS    C Y N 4   
1DG CAU    C Y N 5   
1DG CBN    C Y N 6   
1DG CBK    C N N 7   
1DG OAD    O N N 8   
1DG CBT    C N R 9   
1DG CBL    C N N 10  
1DG CAQ    C N N 11  
1DG CBJ    C N N 12  
1DG OAC    O N N 13  
1DG NAA    N N N 14  
1DG CAO    C N N 15  
1DG CAP    C N N 16  
1DG NBZ    N N N 17  
1DG "C1'"  C N R 18  
1DG "O4'"  O N N 19  
1DG "C2'"  C N R 20  
1DG "O2'"  O N N 21  
1DG "C3'"  C N S 22  
1DG "O3'"  O N N 23  
1DG "C4'"  C N R 24  
1DG "C5'"  C N N 25  
1DG "O5'"  O N N 26  
1DG PCC    P N R 27  
1DG OAM    O N N 28  
1DG OAF    O N N 29  
1DG OBI    O N N 30  
1DG PCD    P N R 31  
1DG OAN    O N N 32  
1DG OAG    O N N 33  
1DG OBE    O N N 34  
1DG CAY    C N N 35  
1DG CBV    C N R 36  
1DG OBG    O N N 37  
1DG CBS    C N R 38  
1DG OAJ    O N N 39  
1DG CBW    C N R 40  
1DG OBH    O N N 41  
1DG PCB    P N N 42  
1DG OAK    O N N 43  
1DG OAL    O N N 44  
1DG OAE    O N N 45  
1DG CBY    C N R 46  
1DG N9     N Y N 47  
1DG C8     C Y N 48  
1DG N7     N Y N 49  
1DG C5     C Y N 50  
1DG C4     C Y N 51  
1DG N3     N Y N 52  
1DG C2     C Y N 53  
1DG N1     N Y N 54  
1DG C6     C Y N 55  
1DG N6     N N N 56  
1DG HAT    H N N 57  
1DG HAR    H N N 58  
1DG HAS    H N N 59  
1DG HAU    H N N 60  
1DG HBT    H N N 61  
1DG HAQ    H N N 62  
1DG HAA1   H N N 63  
1DG HAA2   H N N 64  
1DG HAO    H N N 65  
1DG HAP    H N N 66  
1DG "H1'"  H N N 67  
1DG "H2'"  H N N 68  
1DG HA     H N N 69  
1DG "H3'"  H N N 70  
1DG HB     H N N 71  
1DG "H4'"  H N N 72  
1DG "H5'1" H N N 73  
1DG "H5'2" H N N 74  
1DG HAM    H N N 75  
1DG HAN    H N N 76  
1DG HAY1   H N N 77  
1DG HAY2   H N N 78  
1DG HBV    H N N 79  
1DG HBS    H N N 80  
1DG HAJ    H N N 81  
1DG HBW    H N N 82  
1DG HAK    H N N 83  
1DG HAL    H N N 84  
1DG HBY    H N N 85  
1DG H8     H N N 86  
1DG H2     H N N 87  
1DG H6N1   H N N 88  
1DG H6N2   H N N 89  
ALA N      N N N 90  
ALA CA     C N S 91  
ALA C      C N N 92  
ALA O      O N N 93  
ALA CB     C N N 94  
ALA OXT    O N N 95  
ALA H      H N N 96  
ALA H2     H N N 97  
ALA HA     H N N 98  
ALA HB1    H N N 99  
ALA HB2    H N N 100 
ALA HB3    H N N 101 
ALA HXT    H N N 102 
ARG N      N N N 103 
ARG CA     C N S 104 
ARG C      C N N 105 
ARG O      O N N 106 
ARG CB     C N N 107 
ARG CG     C N N 108 
ARG CD     C N N 109 
ARG NE     N N N 110 
ARG CZ     C N N 111 
ARG NH1    N N N 112 
ARG NH2    N N N 113 
ARG OXT    O N N 114 
ARG H      H N N 115 
ARG H2     H N N 116 
ARG HA     H N N 117 
ARG HB2    H N N 118 
ARG HB3    H N N 119 
ARG HG2    H N N 120 
ARG HG3    H N N 121 
ARG HD2    H N N 122 
ARG HD3    H N N 123 
ARG HE     H N N 124 
ARG HH11   H N N 125 
ARG HH12   H N N 126 
ARG HH21   H N N 127 
ARG HH22   H N N 128 
ARG HXT    H N N 129 
ASN N      N N N 130 
ASN CA     C N S 131 
ASN C      C N N 132 
ASN O      O N N 133 
ASN CB     C N N 134 
ASN CG     C N N 135 
ASN OD1    O N N 136 
ASN ND2    N N N 137 
ASN OXT    O N N 138 
ASN H      H N N 139 
ASN H2     H N N 140 
ASN HA     H N N 141 
ASN HB2    H N N 142 
ASN HB3    H N N 143 
ASN HD21   H N N 144 
ASN HD22   H N N 145 
ASN HXT    H N N 146 
ASP N      N N N 147 
ASP CA     C N S 148 
ASP C      C N N 149 
ASP O      O N N 150 
ASP CB     C N N 151 
ASP CG     C N N 152 
ASP OD1    O N N 153 
ASP OD2    O N N 154 
ASP OXT    O N N 155 
ASP H      H N N 156 
ASP H2     H N N 157 
ASP HA     H N N 158 
ASP HB2    H N N 159 
ASP HB3    H N N 160 
ASP HD2    H N N 161 
ASP HXT    H N N 162 
CYS N      N N N 163 
CYS CA     C N R 164 
CYS C      C N N 165 
CYS O      O N N 166 
CYS CB     C N N 167 
CYS SG     S N N 168 
CYS OXT    O N N 169 
CYS H      H N N 170 
CYS H2     H N N 171 
CYS HA     H N N 172 
CYS HB2    H N N 173 
CYS HB3    H N N 174 
CYS HG     H N N 175 
CYS HXT    H N N 176 
GLN N      N N N 177 
GLN CA     C N S 178 
GLN C      C N N 179 
GLN O      O N N 180 
GLN CB     C N N 181 
GLN CG     C N N 182 
GLN CD     C N N 183 
GLN OE1    O N N 184 
GLN NE2    N N N 185 
GLN OXT    O N N 186 
GLN H      H N N 187 
GLN H2     H N N 188 
GLN HA     H N N 189 
GLN HB2    H N N 190 
GLN HB3    H N N 191 
GLN HG2    H N N 192 
GLN HG3    H N N 193 
GLN HE21   H N N 194 
GLN HE22   H N N 195 
GLN HXT    H N N 196 
GLU N      N N N 197 
GLU CA     C N S 198 
GLU C      C N N 199 
GLU O      O N N 200 
GLU CB     C N N 201 
GLU CG     C N N 202 
GLU CD     C N N 203 
GLU OE1    O N N 204 
GLU OE2    O N N 205 
GLU OXT    O N N 206 
GLU H      H N N 207 
GLU H2     H N N 208 
GLU HA     H N N 209 
GLU HB2    H N N 210 
GLU HB3    H N N 211 
GLU HG2    H N N 212 
GLU HG3    H N N 213 
GLU HE2    H N N 214 
GLU HXT    H N N 215 
GLY N      N N N 216 
GLY CA     C N N 217 
GLY C      C N N 218 
GLY O      O N N 219 
GLY OXT    O N N 220 
GLY H      H N N 221 
GLY H2     H N N 222 
GLY HA2    H N N 223 
GLY HA3    H N N 224 
GLY HXT    H N N 225 
GOL C1     C N N 226 
GOL O1     O N N 227 
GOL C2     C N N 228 
GOL O2     O N N 229 
GOL C3     C N N 230 
GOL O3     O N N 231 
GOL H11    H N N 232 
GOL H12    H N N 233 
GOL HO1    H N N 234 
GOL H2     H N N 235 
GOL HO2    H N N 236 
GOL H31    H N N 237 
GOL H32    H N N 238 
GOL HO3    H N N 239 
HIS N      N N N 240 
HIS CA     C N S 241 
HIS C      C N N 242 
HIS O      O N N 243 
HIS CB     C N N 244 
HIS CG     C Y N 245 
HIS ND1    N Y N 246 
HIS CD2    C Y N 247 
HIS CE1    C Y N 248 
HIS NE2    N Y N 249 
HIS OXT    O N N 250 
HIS H      H N N 251 
HIS H2     H N N 252 
HIS HA     H N N 253 
HIS HB2    H N N 254 
HIS HB3    H N N 255 
HIS HD1    H N N 256 
HIS HD2    H N N 257 
HIS HE1    H N N 258 
HIS HE2    H N N 259 
HIS HXT    H N N 260 
HOH O      O N N 261 
HOH H1     H N N 262 
HOH H2     H N N 263 
ILE N      N N N 264 
ILE CA     C N S 265 
ILE C      C N N 266 
ILE O      O N N 267 
ILE CB     C N S 268 
ILE CG1    C N N 269 
ILE CG2    C N N 270 
ILE CD1    C N N 271 
ILE OXT    O N N 272 
ILE H      H N N 273 
ILE H2     H N N 274 
ILE HA     H N N 275 
ILE HB     H N N 276 
ILE HG12   H N N 277 
ILE HG13   H N N 278 
ILE HG21   H N N 279 
ILE HG22   H N N 280 
ILE HG23   H N N 281 
ILE HD11   H N N 282 
ILE HD12   H N N 283 
ILE HD13   H N N 284 
ILE HXT    H N N 285 
LEU N      N N N 286 
LEU CA     C N S 287 
LEU C      C N N 288 
LEU O      O N N 289 
LEU CB     C N N 290 
LEU CG     C N N 291 
LEU CD1    C N N 292 
LEU CD2    C N N 293 
LEU OXT    O N N 294 
LEU H      H N N 295 
LEU H2     H N N 296 
LEU HA     H N N 297 
LEU HB2    H N N 298 
LEU HB3    H N N 299 
LEU HG     H N N 300 
LEU HD11   H N N 301 
LEU HD12   H N N 302 
LEU HD13   H N N 303 
LEU HD21   H N N 304 
LEU HD22   H N N 305 
LEU HD23   H N N 306 
LEU HXT    H N N 307 
LYS N      N N N 308 
LYS CA     C N S 309 
LYS C      C N N 310 
LYS O      O N N 311 
LYS CB     C N N 312 
LYS CG     C N N 313 
LYS CD     C N N 314 
LYS CE     C N N 315 
LYS NZ     N N N 316 
LYS OXT    O N N 317 
LYS H      H N N 318 
LYS H2     H N N 319 
LYS HA     H N N 320 
LYS HB2    H N N 321 
LYS HB3    H N N 322 
LYS HG2    H N N 323 
LYS HG3    H N N 324 
LYS HD2    H N N 325 
LYS HD3    H N N 326 
LYS HE2    H N N 327 
LYS HE3    H N N 328 
LYS HZ1    H N N 329 
LYS HZ2    H N N 330 
LYS HZ3    H N N 331 
LYS HXT    H N N 332 
MET N      N N N 333 
MET CA     C N S 334 
MET C      C N N 335 
MET O      O N N 336 
MET CB     C N N 337 
MET CG     C N N 338 
MET SD     S N N 339 
MET CE     C N N 340 
MET OXT    O N N 341 
MET H      H N N 342 
MET H2     H N N 343 
MET HA     H N N 344 
MET HB2    H N N 345 
MET HB3    H N N 346 
MET HG2    H N N 347 
MET HG3    H N N 348 
MET HE1    H N N 349 
MET HE2    H N N 350 
MET HE3    H N N 351 
MET HXT    H N N 352 
PHE N      N N N 353 
PHE CA     C N S 354 
PHE C      C N N 355 
PHE O      O N N 356 
PHE CB     C N N 357 
PHE CG     C Y N 358 
PHE CD1    C Y N 359 
PHE CD2    C Y N 360 
PHE CE1    C Y N 361 
PHE CE2    C Y N 362 
PHE CZ     C Y N 363 
PHE OXT    O N N 364 
PHE H      H N N 365 
PHE H2     H N N 366 
PHE HA     H N N 367 
PHE HB2    H N N 368 
PHE HB3    H N N 369 
PHE HD1    H N N 370 
PHE HD2    H N N 371 
PHE HE1    H N N 372 
PHE HE2    H N N 373 
PHE HZ     H N N 374 
PHE HXT    H N N 375 
PRO N      N N N 376 
PRO CA     C N S 377 
PRO C      C N N 378 
PRO O      O N N 379 
PRO CB     C N N 380 
PRO CG     C N N 381 
PRO CD     C N N 382 
PRO OXT    O N N 383 
PRO H      H N N 384 
PRO HA     H N N 385 
PRO HB2    H N N 386 
PRO HB3    H N N 387 
PRO HG2    H N N 388 
PRO HG3    H N N 389 
PRO HD2    H N N 390 
PRO HD3    H N N 391 
PRO HXT    H N N 392 
SER N      N N N 393 
SER CA     C N S 394 
SER C      C N N 395 
SER O      O N N 396 
SER CB     C N N 397 
SER OG     O N N 398 
SER OXT    O N N 399 
SER H      H N N 400 
SER H2     H N N 401 
SER HA     H N N 402 
SER HB2    H N N 403 
SER HB3    H N N 404 
SER HG     H N N 405 
SER HXT    H N N 406 
SO4 S      S N N 407 
SO4 O1     O N N 408 
SO4 O2     O N N 409 
SO4 O3     O N N 410 
SO4 O4     O N N 411 
THR N      N N N 412 
THR CA     C N S 413 
THR C      C N N 414 
THR O      O N N 415 
THR CB     C N R 416 
THR OG1    O N N 417 
THR CG2    C N N 418 
THR OXT    O N N 419 
THR H      H N N 420 
THR H2     H N N 421 
THR HA     H N N 422 
THR HB     H N N 423 
THR HG1    H N N 424 
THR HG21   H N N 425 
THR HG22   H N N 426 
THR HG23   H N N 427 
THR HXT    H N N 428 
TRP N      N N N 429 
TRP CA     C N S 430 
TRP C      C N N 431 
TRP O      O N N 432 
TRP CB     C N N 433 
TRP CG     C Y N 434 
TRP CD1    C Y N 435 
TRP CD2    C Y N 436 
TRP NE1    N Y N 437 
TRP CE2    C Y N 438 
TRP CE3    C Y N 439 
TRP CZ2    C Y N 440 
TRP CZ3    C Y N 441 
TRP CH2    C Y N 442 
TRP OXT    O N N 443 
TRP H      H N N 444 
TRP H2     H N N 445 
TRP HA     H N N 446 
TRP HB2    H N N 447 
TRP HB3    H N N 448 
TRP HD1    H N N 449 
TRP HE1    H N N 450 
TRP HE3    H N N 451 
TRP HZ2    H N N 452 
TRP HZ3    H N N 453 
TRP HH2    H N N 454 
TRP HXT    H N N 455 
TYR N      N N N 456 
TYR CA     C N S 457 
TYR C      C N N 458 
TYR O      O N N 459 
TYR CB     C N N 460 
TYR CG     C Y N 461 
TYR CD1    C Y N 462 
TYR CD2    C Y N 463 
TYR CE1    C Y N 464 
TYR CE2    C Y N 465 
TYR CZ     C Y N 466 
TYR OH     O N N 467 
TYR OXT    O N N 468 
TYR H      H N N 469 
TYR H2     H N N 470 
TYR HA     H N N 471 
TYR HB2    H N N 472 
TYR HB3    H N N 473 
TYR HD1    H N N 474 
TYR HD2    H N N 475 
TYR HE1    H N N 476 
TYR HE2    H N N 477 
TYR HH     H N N 478 
TYR HXT    H N N 479 
VAL N      N N N 480 
VAL CA     C N S 481 
VAL C      C N N 482 
VAL O      O N N 483 
VAL CB     C N N 484 
VAL CG1    C N N 485 
VAL CG2    C N N 486 
VAL OXT    O N N 487 
VAL H      H N N 488 
VAL H2     H N N 489 
VAL HA     H N N 490 
VAL HB     H N N 491 
VAL HG11   H N N 492 
VAL HG12   H N N 493 
VAL HG13   H N N 494 
VAL HG21   H N N 495 
VAL HG22   H N N 496 
VAL HG23   H N N 497 
VAL HXT    H N N 498 
# 
loop_
_chem_comp_bond.comp_id 
_chem_comp_bond.atom_id_1 
_chem_comp_bond.atom_id_2 
_chem_comp_bond.value_order 
_chem_comp_bond.pdbx_aromatic_flag 
_chem_comp_bond.pdbx_stereo_config 
_chem_comp_bond.pdbx_ordinal 
1DG CAT   CAR    doub Y N 1   
1DG CAT   CBN    sing Y N 2   
1DG CAT   HAT    sing N N 3   
1DG CAR   NAZ    sing Y N 4   
1DG CAR   HAR    sing N N 5   
1DG NAZ   CAS    doub Y N 6   
1DG CAS   CAU    sing Y N 7   
1DG CAS   HAS    sing N N 8   
1DG CAU   CBN    doub Y N 9   
1DG CAU   HAU    sing N N 10  
1DG CBN   CBK    sing N N 11  
1DG CBK   OAD    doub N N 12  
1DG CBK   CBT    sing N N 13  
1DG CBT   CBL    sing N N 14  
1DG CBT   CAO    sing N N 15  
1DG CBT   HBT    sing N N 16  
1DG CBL   CAQ    doub N N 17  
1DG CBL   CBJ    sing N N 18  
1DG CAQ   NBZ    sing N N 19  
1DG CAQ   HAQ    sing N N 20  
1DG CBJ   OAC    doub N N 21  
1DG CBJ   NAA    sing N N 22  
1DG NAA   HAA1   sing N N 23  
1DG NAA   HAA2   sing N N 24  
1DG CAO   CAP    doub N N 25  
1DG CAO   HAO    sing N N 26  
1DG CAP   NBZ    sing N N 27  
1DG CAP   HAP    sing N N 28  
1DG NBZ   "C1'"  sing N N 29  
1DG "C1'" "O4'"  sing N N 30  
1DG "C1'" "C2'"  sing N N 31  
1DG "C1'" "H1'"  sing N N 32  
1DG "O4'" "C4'"  sing N N 33  
1DG "C2'" "O2'"  sing N N 34  
1DG "C2'" "C3'"  sing N N 35  
1DG "C2'" "H2'"  sing N N 36  
1DG "O2'" HA     sing N N 37  
1DG "C3'" "O3'"  sing N N 38  
1DG "C3'" "C4'"  sing N N 39  
1DG "C3'" "H3'"  sing N N 40  
1DG "O3'" HB     sing N N 41  
1DG "C4'" "C5'"  sing N N 42  
1DG "C4'" "H4'"  sing N N 43  
1DG "C5'" "O5'"  sing N N 44  
1DG "C5'" "H5'1" sing N N 45  
1DG "C5'" "H5'2" sing N N 46  
1DG "O5'" PCC    sing N N 47  
1DG PCC   OAM    sing N N 48  
1DG PCC   OAF    doub N N 49  
1DG PCC   OBI    sing N N 50  
1DG OAM   HAM    sing N N 51  
1DG OBI   PCD    sing N N 52  
1DG PCD   OAN    sing N N 53  
1DG PCD   OAG    doub N N 54  
1DG PCD   OBE    sing N N 55  
1DG OAN   HAN    sing N N 56  
1DG OBE   CAY    sing N N 57  
1DG CAY   CBV    sing N N 58  
1DG CAY   HAY1   sing N N 59  
1DG CAY   HAY2   sing N N 60  
1DG CBV   OBG    sing N N 61  
1DG CBV   CBS    sing N N 62  
1DG CBV   HBV    sing N N 63  
1DG OBG   CBY    sing N N 64  
1DG CBS   OAJ    sing N N 65  
1DG CBS   CBW    sing N N 66  
1DG CBS   HBS    sing N N 67  
1DG OAJ   HAJ    sing N N 68  
1DG CBW   OBH    sing N N 69  
1DG CBW   CBY    sing N N 70  
1DG CBW   HBW    sing N N 71  
1DG OBH   PCB    sing N N 72  
1DG PCB   OAK    sing N N 73  
1DG PCB   OAL    sing N N 74  
1DG PCB   OAE    doub N N 75  
1DG OAK   HAK    sing N N 76  
1DG OAL   HAL    sing N N 77  
1DG CBY   N9     sing N N 78  
1DG CBY   HBY    sing N N 79  
1DG N9    C8     sing Y N 80  
1DG N9    C4     sing Y N 81  
1DG C8    N7     doub Y N 82  
1DG C8    H8     sing N N 83  
1DG N7    C5     sing Y N 84  
1DG C5    C4     doub Y N 85  
1DG C5    C6     sing Y N 86  
1DG C4    N3     sing Y N 87  
1DG N3    C2     doub Y N 88  
1DG C2    N1     sing Y N 89  
1DG C2    H2     sing N N 90  
1DG N1    C6     doub Y N 91  
1DG C6    N6     sing N N 92  
1DG N6    H6N1   sing N N 93  
1DG N6    H6N2   sing N N 94  
ALA N     CA     sing N N 95  
ALA N     H      sing N N 96  
ALA N     H2     sing N N 97  
ALA CA    C      sing N N 98  
ALA CA    CB     sing N N 99  
ALA CA    HA     sing N N 100 
ALA C     O      doub N N 101 
ALA C     OXT    sing N N 102 
ALA CB    HB1    sing N N 103 
ALA CB    HB2    sing N N 104 
ALA CB    HB3    sing N N 105 
ALA OXT   HXT    sing N N 106 
ARG N     CA     sing N N 107 
ARG N     H      sing N N 108 
ARG N     H2     sing N N 109 
ARG CA    C      sing N N 110 
ARG CA    CB     sing N N 111 
ARG CA    HA     sing N N 112 
ARG C     O      doub N N 113 
ARG C     OXT    sing N N 114 
ARG CB    CG     sing N N 115 
ARG CB    HB2    sing N N 116 
ARG CB    HB3    sing N N 117 
ARG CG    CD     sing N N 118 
ARG CG    HG2    sing N N 119 
ARG CG    HG3    sing N N 120 
ARG CD    NE     sing N N 121 
ARG CD    HD2    sing N N 122 
ARG CD    HD3    sing N N 123 
ARG NE    CZ     sing N N 124 
ARG NE    HE     sing N N 125 
ARG CZ    NH1    sing N N 126 
ARG CZ    NH2    doub N N 127 
ARG NH1   HH11   sing N N 128 
ARG NH1   HH12   sing N N 129 
ARG NH2   HH21   sing N N 130 
ARG NH2   HH22   sing N N 131 
ARG OXT   HXT    sing N N 132 
ASN N     CA     sing N N 133 
ASN N     H      sing N N 134 
ASN N     H2     sing N N 135 
ASN CA    C      sing N N 136 
ASN CA    CB     sing N N 137 
ASN CA    HA     sing N N 138 
ASN C     O      doub N N 139 
ASN C     OXT    sing N N 140 
ASN CB    CG     sing N N 141 
ASN CB    HB2    sing N N 142 
ASN CB    HB3    sing N N 143 
ASN CG    OD1    doub N N 144 
ASN CG    ND2    sing N N 145 
ASN ND2   HD21   sing N N 146 
ASN ND2   HD22   sing N N 147 
ASN OXT   HXT    sing N N 148 
ASP N     CA     sing N N 149 
ASP N     H      sing N N 150 
ASP N     H2     sing N N 151 
ASP CA    C      sing N N 152 
ASP CA    CB     sing N N 153 
ASP CA    HA     sing N N 154 
ASP C     O      doub N N 155 
ASP C     OXT    sing N N 156 
ASP CB    CG     sing N N 157 
ASP CB    HB2    sing N N 158 
ASP CB    HB3    sing N N 159 
ASP CG    OD1    doub N N 160 
ASP CG    OD2    sing N N 161 
ASP OD2   HD2    sing N N 162 
ASP OXT   HXT    sing N N 163 
CYS N     CA     sing N N 164 
CYS N     H      sing N N 165 
CYS N     H2     sing N N 166 
CYS CA    C      sing N N 167 
CYS CA    CB     sing N N 168 
CYS CA    HA     sing N N 169 
CYS C     O      doub N N 170 
CYS C     OXT    sing N N 171 
CYS CB    SG     sing N N 172 
CYS CB    HB2    sing N N 173 
CYS CB    HB3    sing N N 174 
CYS SG    HG     sing N N 175 
CYS OXT   HXT    sing N N 176 
GLN N     CA     sing N N 177 
GLN N     H      sing N N 178 
GLN N     H2     sing N N 179 
GLN CA    C      sing N N 180 
GLN CA    CB     sing N N 181 
GLN CA    HA     sing N N 182 
GLN C     O      doub N N 183 
GLN C     OXT    sing N N 184 
GLN CB    CG     sing N N 185 
GLN CB    HB2    sing N N 186 
GLN CB    HB3    sing N N 187 
GLN CG    CD     sing N N 188 
GLN CG    HG2    sing N N 189 
GLN CG    HG3    sing N N 190 
GLN CD    OE1    doub N N 191 
GLN CD    NE2    sing N N 192 
GLN NE2   HE21   sing N N 193 
GLN NE2   HE22   sing N N 194 
GLN OXT   HXT    sing N N 195 
GLU N     CA     sing N N 196 
GLU N     H      sing N N 197 
GLU N     H2     sing N N 198 
GLU CA    C      sing N N 199 
GLU CA    CB     sing N N 200 
GLU CA    HA     sing N N 201 
GLU C     O      doub N N 202 
GLU C     OXT    sing N N 203 
GLU CB    CG     sing N N 204 
GLU CB    HB2    sing N N 205 
GLU CB    HB3    sing N N 206 
GLU CG    CD     sing N N 207 
GLU CG    HG2    sing N N 208 
GLU CG    HG3    sing N N 209 
GLU CD    OE1    doub N N 210 
GLU CD    OE2    sing N N 211 
GLU OE2   HE2    sing N N 212 
GLU OXT   HXT    sing N N 213 
GLY N     CA     sing N N 214 
GLY N     H      sing N N 215 
GLY N     H2     sing N N 216 
GLY CA    C      sing N N 217 
GLY CA    HA2    sing N N 218 
GLY CA    HA3    sing N N 219 
GLY C     O      doub N N 220 
GLY C     OXT    sing N N 221 
GLY OXT   HXT    sing N N 222 
GOL C1    O1     sing N N 223 
GOL C1    C2     sing N N 224 
GOL C1    H11    sing N N 225 
GOL C1    H12    sing N N 226 
GOL O1    HO1    sing N N 227 
GOL C2    O2     sing N N 228 
GOL C2    C3     sing N N 229 
GOL C2    H2     sing N N 230 
GOL O2    HO2    sing N N 231 
GOL C3    O3     sing N N 232 
GOL C3    H31    sing N N 233 
GOL C3    H32    sing N N 234 
GOL O3    HO3    sing N N 235 
HIS N     CA     sing N N 236 
HIS N     H      sing N N 237 
HIS N     H2     sing N N 238 
HIS CA    C      sing N N 239 
HIS CA    CB     sing N N 240 
HIS CA    HA     sing N N 241 
HIS C     O      doub N N 242 
HIS C     OXT    sing N N 243 
HIS CB    CG     sing N N 244 
HIS CB    HB2    sing N N 245 
HIS CB    HB3    sing N N 246 
HIS CG    ND1    sing Y N 247 
HIS CG    CD2    doub Y N 248 
HIS ND1   CE1    doub Y N 249 
HIS ND1   HD1    sing N N 250 
HIS CD2   NE2    sing Y N 251 
HIS CD2   HD2    sing N N 252 
HIS CE1   NE2    sing Y N 253 
HIS CE1   HE1    sing N N 254 
HIS NE2   HE2    sing N N 255 
HIS OXT   HXT    sing N N 256 
HOH O     H1     sing N N 257 
HOH O     H2     sing N N 258 
ILE N     CA     sing N N 259 
ILE N     H      sing N N 260 
ILE N     H2     sing N N 261 
ILE CA    C      sing N N 262 
ILE CA    CB     sing N N 263 
ILE CA    HA     sing N N 264 
ILE C     O      doub N N 265 
ILE C     OXT    sing N N 266 
ILE CB    CG1    sing N N 267 
ILE CB    CG2    sing N N 268 
ILE CB    HB     sing N N 269 
ILE CG1   CD1    sing N N 270 
ILE CG1   HG12   sing N N 271 
ILE CG1   HG13   sing N N 272 
ILE CG2   HG21   sing N N 273 
ILE CG2   HG22   sing N N 274 
ILE CG2   HG23   sing N N 275 
ILE CD1   HD11   sing N N 276 
ILE CD1   HD12   sing N N 277 
ILE CD1   HD13   sing N N 278 
ILE OXT   HXT    sing N N 279 
LEU N     CA     sing N N 280 
LEU N     H      sing N N 281 
LEU N     H2     sing N N 282 
LEU CA    C      sing N N 283 
LEU CA    CB     sing N N 284 
LEU CA    HA     sing N N 285 
LEU C     O      doub N N 286 
LEU C     OXT    sing N N 287 
LEU CB    CG     sing N N 288 
LEU CB    HB2    sing N N 289 
LEU CB    HB3    sing N N 290 
LEU CG    CD1    sing N N 291 
LEU CG    CD2    sing N N 292 
LEU CG    HG     sing N N 293 
LEU CD1   HD11   sing N N 294 
LEU CD1   HD12   sing N N 295 
LEU CD1   HD13   sing N N 296 
LEU CD2   HD21   sing N N 297 
LEU CD2   HD22   sing N N 298 
LEU CD2   HD23   sing N N 299 
LEU OXT   HXT    sing N N 300 
LYS N     CA     sing N N 301 
LYS N     H      sing N N 302 
LYS N     H2     sing N N 303 
LYS CA    C      sing N N 304 
LYS CA    CB     sing N N 305 
LYS CA    HA     sing N N 306 
LYS C     O      doub N N 307 
LYS C     OXT    sing N N 308 
LYS CB    CG     sing N N 309 
LYS CB    HB2    sing N N 310 
LYS CB    HB3    sing N N 311 
LYS CG    CD     sing N N 312 
LYS CG    HG2    sing N N 313 
LYS CG    HG3    sing N N 314 
LYS CD    CE     sing N N 315 
LYS CD    HD2    sing N N 316 
LYS CD    HD3    sing N N 317 
LYS CE    NZ     sing N N 318 
LYS CE    HE2    sing N N 319 
LYS CE    HE3    sing N N 320 
LYS NZ    HZ1    sing N N 321 
LYS NZ    HZ2    sing N N 322 
LYS NZ    HZ3    sing N N 323 
LYS OXT   HXT    sing N N 324 
MET N     CA     sing N N 325 
MET N     H      sing N N 326 
MET N     H2     sing N N 327 
MET CA    C      sing N N 328 
MET CA    CB     sing N N 329 
MET CA    HA     sing N N 330 
MET C     O      doub N N 331 
MET C     OXT    sing N N 332 
MET CB    CG     sing N N 333 
MET CB    HB2    sing N N 334 
MET CB    HB3    sing N N 335 
MET CG    SD     sing N N 336 
MET CG    HG2    sing N N 337 
MET CG    HG3    sing N N 338 
MET SD    CE     sing N N 339 
MET CE    HE1    sing N N 340 
MET CE    HE2    sing N N 341 
MET CE    HE3    sing N N 342 
MET OXT   HXT    sing N N 343 
PHE N     CA     sing N N 344 
PHE N     H      sing N N 345 
PHE N     H2     sing N N 346 
PHE CA    C      sing N N 347 
PHE CA    CB     sing N N 348 
PHE CA    HA     sing N N 349 
PHE C     O      doub N N 350 
PHE C     OXT    sing N N 351 
PHE CB    CG     sing N N 352 
PHE CB    HB2    sing N N 353 
PHE CB    HB3    sing N N 354 
PHE CG    CD1    doub Y N 355 
PHE CG    CD2    sing Y N 356 
PHE CD1   CE1    sing Y N 357 
PHE CD1   HD1    sing N N 358 
PHE CD2   CE2    doub Y N 359 
PHE CD2   HD2    sing N N 360 
PHE CE1   CZ     doub Y N 361 
PHE CE1   HE1    sing N N 362 
PHE CE2   CZ     sing Y N 363 
PHE CE2   HE2    sing N N 364 
PHE CZ    HZ     sing N N 365 
PHE OXT   HXT    sing N N 366 
PRO N     CA     sing N N 367 
PRO N     CD     sing N N 368 
PRO N     H      sing N N 369 
PRO CA    C      sing N N 370 
PRO CA    CB     sing N N 371 
PRO CA    HA     sing N N 372 
PRO C     O      doub N N 373 
PRO C     OXT    sing N N 374 
PRO CB    CG     sing N N 375 
PRO CB    HB2    sing N N 376 
PRO CB    HB3    sing N N 377 
PRO CG    CD     sing N N 378 
PRO CG    HG2    sing N N 379 
PRO CG    HG3    sing N N 380 
PRO CD    HD2    sing N N 381 
PRO CD    HD3    sing N N 382 
PRO OXT   HXT    sing N N 383 
SER N     CA     sing N N 384 
SER N     H      sing N N 385 
SER N     H2     sing N N 386 
SER CA    C      sing N N 387 
SER CA    CB     sing N N 388 
SER CA    HA     sing N N 389 
SER C     O      doub N N 390 
SER C     OXT    sing N N 391 
SER CB    OG     sing N N 392 
SER CB    HB2    sing N N 393 
SER CB    HB3    sing N N 394 
SER OG    HG     sing N N 395 
SER OXT   HXT    sing N N 396 
SO4 S     O1     doub N N 397 
SO4 S     O2     doub N N 398 
SO4 S     O3     sing N N 399 
SO4 S     O4     sing N N 400 
THR N     CA     sing N N 401 
THR N     H      sing N N 402 
THR N     H2     sing N N 403 
THR CA    C      sing N N 404 
THR CA    CB     sing N N 405 
THR CA    HA     sing N N 406 
THR C     O      doub N N 407 
THR C     OXT    sing N N 408 
THR CB    OG1    sing N N 409 
THR CB    CG2    sing N N 410 
THR CB    HB     sing N N 411 
THR OG1   HG1    sing N N 412 
THR CG2   HG21   sing N N 413 
THR CG2   HG22   sing N N 414 
THR CG2   HG23   sing N N 415 
THR OXT   HXT    sing N N 416 
TRP N     CA     sing N N 417 
TRP N     H      sing N N 418 
TRP N     H2     sing N N 419 
TRP CA    C      sing N N 420 
TRP CA    CB     sing N N 421 
TRP CA    HA     sing N N 422 
TRP C     O      doub N N 423 
TRP C     OXT    sing N N 424 
TRP CB    CG     sing N N 425 
TRP CB    HB2    sing N N 426 
TRP CB    HB3    sing N N 427 
TRP CG    CD1    doub Y N 428 
TRP CG    CD2    sing Y N 429 
TRP CD1   NE1    sing Y N 430 
TRP CD1   HD1    sing N N 431 
TRP CD2   CE2    doub Y N 432 
TRP CD2   CE3    sing Y N 433 
TRP NE1   CE2    sing Y N 434 
TRP NE1   HE1    sing N N 435 
TRP CE2   CZ2    sing Y N 436 
TRP CE3   CZ3    doub Y N 437 
TRP CE3   HE3    sing N N 438 
TRP CZ2   CH2    doub Y N 439 
TRP CZ2   HZ2    sing N N 440 
TRP CZ3   CH2    sing Y N 441 
TRP CZ3   HZ3    sing N N 442 
TRP CH2   HH2    sing N N 443 
TRP OXT   HXT    sing N N 444 
TYR N     CA     sing N N 445 
TYR N     H      sing N N 446 
TYR N     H2     sing N N 447 
TYR CA    C      sing N N 448 
TYR CA    CB     sing N N 449 
TYR CA    HA     sing N N 450 
TYR C     O      doub N N 451 
TYR C     OXT    sing N N 452 
TYR CB    CG     sing N N 453 
TYR CB    HB2    sing N N 454 
TYR CB    HB3    sing N N 455 
TYR CG    CD1    doub Y N 456 
TYR CG    CD2    sing Y N 457 
TYR CD1   CE1    sing Y N 458 
TYR CD1   HD1    sing N N 459 
TYR CD2   CE2    doub Y N 460 
TYR CD2   HD2    sing N N 461 
TYR CE1   CZ     doub Y N 462 
TYR CE1   HE1    sing N N 463 
TYR CE2   CZ     sing Y N 464 
TYR CE2   HE2    sing N N 465 
TYR CZ    OH     sing N N 466 
TYR OH    HH     sing N N 467 
TYR OXT   HXT    sing N N 468 
VAL N     CA     sing N N 469 
VAL N     H      sing N N 470 
VAL N     H2     sing N N 471 
VAL CA    C      sing N N 472 
VAL CA    CB     sing N N 473 
VAL CA    HA     sing N N 474 
VAL C     O      doub N N 475 
VAL C     OXT    sing N N 476 
VAL CB    CG1    sing N N 477 
VAL CB    CG2    sing N N 478 
VAL CB    HB     sing N N 479 
VAL CG1   HG11   sing N N 480 
VAL CG1   HG12   sing N N 481 
VAL CG1   HG13   sing N N 482 
VAL CG2   HG21   sing N N 483 
VAL CG2   HG22   sing N N 484 
VAL CG2   HG23   sing N N 485 
VAL OXT   HXT    sing N N 486 
# 
loop_
_pdbx_entity_nonpoly.entity_id 
_pdbx_entity_nonpoly.name 
_pdbx_entity_nonpoly.comp_id 
2 '(4R)-ISONICOTINIC-ACETYL-NICOTINAMIDE-ADENINE DINUCLEOTIDE' 1DG 
3 GLYCEROL                                                     GOL 
4 'SULFATE ION'                                                SO4 
5 water                                                        HOH 
# 
_pdbx_initial_refinement_model.id               1 
_pdbx_initial_refinement_model.entity_id_list   ? 
_pdbx_initial_refinement_model.type             'experimental model' 
_pdbx_initial_refinement_model.source_name      PDB 
_pdbx_initial_refinement_model.accession_code   1DF7 
_pdbx_initial_refinement_model.details          'PDB ENTRY 1DF7' 
# 
